data_4L4T
#
_entry.id   4L4T
#
_cell.length_a   217.228
_cell.length_b   69.555
_cell.length_c   142.892
_cell.angle_alpha   90.00
_cell.angle_beta   104.42
_cell.angle_gamma   90.00
#
_symmetry.space_group_name_H-M   'C 1 2 1'
#
loop_
_entity.id
_entity.type
_entity.pdbx_description
1 polymer 'Major histocompatibility complex class I-related gene protein'
2 polymer Beta-2-microglobulin
3 polymer 'MAIT T-cell receptor alpha chain'
4 polymer 'MAIT T-cell receptor beta chain'
5 non-polymer 2-amino-4-oxo-3,4-dihydropteridine-6-carbaldehyde
6 water water
#
loop_
_entity_poly.entity_id
_entity_poly.type
_entity_poly.pdbx_seq_one_letter_code
_entity_poly.pdbx_strand_id
1 'polypeptide(L)'
;MRTHSLRYFRLGVSDPIHGVPEFISVGYVDSHPITTYDSVTRQKEPRAPWMAENLAPDHWERYTQLLRGWQQMFKVELKR
LQRHYNHSGSHTYQRMIGCELLEDGSTTGFLQYAYDGQDFLIFNKDTLSWLAVDNVAHTIKQAWEANQHELLYQKNWLEE
ECIAWLKRFLEYGKDTLQRTEPPLVRVNRKETFPGVTALFCKAHGFYPPEIYMTWMKNGEEIVQEIDYGDILPSGDGTYQ
AWASIELDPQSSNLYSCHVEHSGVHMVLQVP
;
A,C
2 'polypeptide(L)'
;IQRTPKIQVYSRHPAENGKSNFLNCYVSGFHPSDIEVDLLKNGERIEKVEHSDLSFSKDWSFYLLYYTEFTPTEKDEYAC
RVNHVTLSQPKIVKWDRDM
;
B,F
3 'polypeptide(L)'
;GQNIDQPTEMTATEGAIVQINCTYQTSGFNGLFWYQQHAGEAPTFLSYNVLDGLEEKGRFSSFLSRSKGYSYLLLKELQM
KDSASYLCAVKDSNYQLIWGAGTKLIIKPDIQNPDPAVYQLRDSKSSDKSVCLFTDFDSQTNVSQSKDSDVYITDKCVLD
MRSMDFKSNSAVAWSNKSDFACANAFNNSIIPEDTFFPSPESS
;
D,G
4 'polypeptide(L)'
;NAGVTQTPKFQVLKTGQSMTLQCAQDMNHNSMYWYRQDPGMGLRLIYYSASEGTTDKGEVPNGYNVSRLNKREFSLRLES
AAPSQTSVYFCASSVWTGEGSGELFFGEGSRLTVLEDLKNVFPPEVAVFEPSEAEISHTQKATLVCLATGFYPDHVELSW
WVNGKEVHSGVCTDPQPLKEQPALNDSRYALSSRLRVSATFWQNPRNHFRCQVQFYGLSENDEWTQDRAKPVTQIVSAEA
WGRAD
;
E,H
#
# COMPACT_ATOMS: atom_id res chain seq x y z
N MET A 1 -11.10 4.74 -32.27
CA MET A 1 -11.66 4.45 -30.96
C MET A 1 -10.71 4.89 -29.84
N ARG A 2 -11.25 5.58 -28.79
CA ARG A 2 -10.55 6.04 -27.59
C ARG A 2 -10.14 4.82 -26.73
N THR A 3 -9.42 5.05 -25.63
CA THR A 3 -9.00 3.94 -24.75
C THR A 3 -10.21 3.42 -23.96
N HIS A 4 -10.28 2.11 -23.77
CA HIS A 4 -11.38 1.49 -23.05
C HIS A 4 -10.85 0.36 -22.17
N SER A 5 -11.56 0.04 -21.10
CA SER A 5 -11.10 -0.99 -20.20
C SER A 5 -12.26 -1.87 -19.71
N LEU A 6 -11.96 -3.14 -19.40
CA LEU A 6 -12.89 -4.09 -18.77
C LEU A 6 -12.28 -4.48 -17.42
N ARG A 7 -13.04 -4.36 -16.31
CA ARG A 7 -12.56 -4.73 -14.97
CA ARG A 7 -12.56 -4.71 -14.96
C ARG A 7 -13.60 -5.53 -14.18
N TYR A 8 -13.15 -6.57 -13.48
CA TYR A 8 -14.02 -7.34 -12.57
C TYR A 8 -13.37 -7.25 -11.19
N PHE A 9 -14.11 -6.72 -10.21
CA PHE A 9 -13.65 -6.64 -8.82
C PHE A 9 -14.32 -7.69 -7.96
N ARG A 10 -13.62 -8.11 -6.88
CA ARG A 10 -14.20 -8.95 -5.83
C ARG A 10 -13.93 -8.29 -4.47
N LEU A 11 -14.91 -8.34 -3.58
CA LEU A 11 -14.76 -7.89 -2.20
C LEU A 11 -15.26 -9.03 -1.26
N GLY A 12 -14.35 -9.53 -0.42
CA GLY A 12 -14.67 -10.52 0.59
C GLY A 12 -14.58 -9.87 1.96
N VAL A 13 -15.59 -10.04 2.77
CA VAL A 13 -15.60 -9.45 4.13
C VAL A 13 -15.81 -10.56 5.17
N SER A 14 -14.82 -10.70 6.04
CA SER A 14 -14.79 -11.66 7.14
C SER A 14 -15.71 -11.21 8.26
N ASP A 15 -16.45 -12.15 8.89
CA ASP A 15 -17.33 -11.89 10.05
C ASP A 15 -18.07 -10.52 9.85
N PRO A 16 -18.86 -10.37 8.77
CA PRO A 16 -19.42 -9.04 8.48
C PRO A 16 -20.43 -8.55 9.51
N ILE A 17 -20.37 -7.23 9.85
CA ILE A 17 -21.28 -6.50 10.73
C ILE A 17 -22.65 -6.47 10.02
N HIS A 18 -23.78 -6.50 10.77
CA HIS A 18 -25.13 -6.51 10.19
C HIS A 18 -25.22 -5.56 8.98
N GLY A 19 -25.68 -6.11 7.85
CA GLY A 19 -25.86 -5.35 6.61
C GLY A 19 -24.80 -5.53 5.51
N VAL A 20 -23.52 -5.74 5.87
CA VAL A 20 -22.48 -5.87 4.83
C VAL A 20 -22.46 -7.34 4.29
N PRO A 21 -22.64 -7.56 2.96
CA PRO A 21 -22.59 -8.93 2.43
C PRO A 21 -21.19 -9.51 2.60
N GLU A 22 -21.08 -10.82 2.82
CA GLU A 22 -19.79 -11.48 3.00
C GLU A 22 -18.94 -11.44 1.67
N PHE A 23 -19.61 -11.39 0.51
CA PHE A 23 -18.98 -11.36 -0.80
C PHE A 23 -19.76 -10.49 -1.77
N ILE A 24 -19.05 -9.66 -2.52
CA ILE A 24 -19.61 -8.81 -3.60
C ILE A 24 -18.67 -8.89 -4.79
N SER A 25 -19.21 -8.95 -6.02
CA SER A 25 -18.37 -8.93 -7.22
C SER A 25 -19.05 -8.07 -8.29
N VAL A 26 -18.32 -7.04 -8.79
CA VAL A 26 -18.87 -6.07 -9.73
C VAL A 26 -17.95 -5.89 -10.94
N GLY A 27 -18.59 -5.87 -12.11
CA GLY A 27 -17.91 -5.63 -13.37
C GLY A 27 -18.12 -4.21 -13.86
N TYR A 28 -17.11 -3.69 -14.56
CA TYR A 28 -17.13 -2.37 -15.16
C TYR A 28 -16.54 -2.37 -16.55
N VAL A 29 -17.11 -1.56 -17.42
CA VAL A 29 -16.52 -1.19 -18.71
C VAL A 29 -16.34 0.32 -18.56
N ASP A 30 -15.07 0.79 -18.53
CA ASP A 30 -14.70 2.18 -18.24
C ASP A 30 -15.21 2.51 -16.82
N SER A 31 -16.01 3.55 -16.66
CA SER A 31 -16.56 3.87 -15.33
C SER A 31 -18.01 3.36 -15.16
N HIS A 32 -18.51 2.56 -16.11
CA HIS A 32 -19.88 2.02 -16.13
C HIS A 32 -20.00 0.63 -15.50
N PRO A 33 -20.81 0.46 -14.43
CA PRO A 33 -21.05 -0.90 -13.90
C PRO A 33 -21.77 -1.74 -14.96
N ILE A 34 -21.34 -2.98 -15.15
CA ILE A 34 -21.98 -3.81 -16.16
C ILE A 34 -22.64 -5.03 -15.55
N THR A 35 -22.06 -5.56 -14.44
CA THR A 35 -22.55 -6.77 -13.77
C THR A 35 -22.48 -6.68 -12.25
N THR A 36 -23.31 -7.50 -11.57
CA THR A 36 -23.25 -7.54 -10.12
C THR A 36 -23.61 -8.93 -9.61
N TYR A 37 -22.98 -9.31 -8.50
CA TYR A 37 -23.21 -10.53 -7.76
C TYR A 37 -22.82 -10.26 -6.31
N ASP A 38 -23.59 -10.83 -5.39
CA ASP A 38 -23.26 -10.79 -3.98
C ASP A 38 -23.80 -12.06 -3.31
N SER A 39 -23.33 -12.32 -2.10
CA SER A 39 -23.64 -13.51 -1.32
C SER A 39 -25.09 -13.51 -0.77
N VAL A 40 -25.83 -12.38 -0.86
CA VAL A 40 -27.24 -12.25 -0.43
C VAL A 40 -28.15 -12.70 -1.58
N THR A 41 -28.05 -12.07 -2.77
CA THR A 41 -28.85 -12.46 -3.94
C THR A 41 -28.44 -13.85 -4.48
N ARG A 42 -27.12 -14.15 -4.45
CA ARG A 42 -26.48 -15.37 -4.97
C ARG A 42 -26.79 -15.54 -6.48
N GLN A 43 -27.05 -14.42 -7.18
CA GLN A 43 -27.40 -14.33 -8.61
C GLN A 43 -26.53 -13.33 -9.31
N LYS A 44 -25.99 -13.67 -10.50
CA LYS A 44 -25.24 -12.67 -11.27
C LYS A 44 -26.24 -11.96 -12.17
N GLU A 45 -26.29 -10.63 -12.08
CA GLU A 45 -27.26 -9.82 -12.81
C GLU A 45 -26.65 -8.70 -13.65
N PRO A 46 -27.27 -8.29 -14.78
CA PRO A 46 -26.75 -7.11 -15.50
C PRO A 46 -26.96 -5.82 -14.69
N ARG A 47 -26.13 -4.79 -15.00
CA ARG A 47 -26.20 -3.49 -14.35
C ARG A 47 -26.18 -2.38 -15.39
N ALA A 48 -26.30 -2.75 -16.66
CA ALA A 48 -26.44 -1.86 -17.82
C ALA A 48 -27.45 -2.49 -18.78
N PRO A 49 -28.44 -1.72 -19.27
CA PRO A 49 -29.46 -2.30 -20.18
C PRO A 49 -28.86 -2.94 -21.44
N TRP A 50 -27.75 -2.41 -21.95
CA TRP A 50 -27.11 -2.92 -23.16
C TRP A 50 -26.40 -4.24 -22.91
N MET A 51 -26.17 -4.57 -21.62
CA MET A 51 -25.65 -5.86 -21.16
C MET A 51 -26.80 -6.88 -21.12
N ALA A 52 -27.94 -6.50 -20.51
CA ALA A 52 -29.16 -7.33 -20.36
C ALA A 52 -29.74 -7.74 -21.72
N GLU A 53 -29.80 -6.78 -22.66
CA GLU A 53 -30.33 -6.94 -24.02
C GLU A 53 -29.49 -7.81 -24.95
N ASN A 54 -28.17 -7.83 -24.76
CA ASN A 54 -27.28 -8.50 -25.69
C ASN A 54 -26.70 -9.82 -25.24
N LEU A 55 -26.89 -10.19 -23.99
CA LEU A 55 -26.40 -11.48 -23.53
C LEU A 55 -27.59 -12.39 -23.23
N ALA A 56 -27.51 -13.61 -23.77
CA ALA A 56 -28.52 -14.65 -23.60
C ALA A 56 -28.65 -15.05 -22.11
N PRO A 57 -29.84 -15.56 -21.66
CA PRO A 57 -30.00 -15.97 -20.24
C PRO A 57 -28.95 -16.94 -19.74
N ASP A 58 -28.44 -17.82 -20.62
CA ASP A 58 -27.40 -18.81 -20.27
C ASP A 58 -26.12 -18.14 -19.70
N HIS A 59 -25.83 -16.87 -20.09
CA HIS A 59 -24.67 -16.12 -19.60
C HIS A 59 -24.82 -15.92 -18.09
N TRP A 60 -25.95 -15.33 -17.66
CA TRP A 60 -26.24 -15.05 -16.25
C TRP A 60 -26.37 -16.36 -15.47
N GLU A 61 -27.00 -17.38 -16.07
CA GLU A 61 -27.14 -18.69 -15.41
C GLU A 61 -25.79 -19.33 -15.11
N ARG A 62 -24.91 -19.35 -16.12
CA ARG A 62 -23.60 -19.96 -16.02
C ARG A 62 -22.70 -19.19 -15.05
N TYR A 63 -22.62 -17.86 -15.19
CA TYR A 63 -21.77 -17.07 -14.31
C TYR A 63 -22.33 -16.99 -12.90
N THR A 64 -23.63 -17.26 -12.69
CA THR A 64 -24.17 -17.36 -11.33
C THR A 64 -23.45 -18.55 -10.61
N GLN A 65 -23.33 -19.71 -11.29
CA GLN A 65 -22.68 -20.91 -10.75
C GLN A 65 -21.21 -20.68 -10.48
N LEU A 66 -20.51 -20.05 -11.42
CA LEU A 66 -19.11 -19.73 -11.31
C LEU A 66 -18.84 -18.78 -10.15
N LEU A 67 -19.66 -17.74 -9.99
CA LEU A 67 -19.45 -16.79 -8.92
CA LEU A 67 -19.50 -16.78 -8.91
C LEU A 67 -19.77 -17.36 -7.53
N ARG A 68 -20.74 -18.31 -7.44
CA ARG A 68 -21.05 -19.03 -6.20
C ARG A 68 -19.79 -19.80 -5.76
N GLY A 69 -19.11 -20.41 -6.73
CA GLY A 69 -17.83 -21.09 -6.49
C GLY A 69 -16.68 -20.13 -6.18
N TRP A 70 -16.60 -18.97 -6.91
CA TRP A 70 -15.53 -17.97 -6.65
C TRP A 70 -15.75 -17.32 -5.28
N GLN A 71 -17.01 -17.20 -4.84
CA GLN A 71 -17.32 -16.70 -3.51
C GLN A 71 -16.73 -17.65 -2.45
N GLN A 72 -16.93 -18.97 -2.64
CA GLN A 72 -16.42 -19.98 -1.70
C GLN A 72 -14.88 -19.95 -1.63
N MET A 73 -14.23 -19.81 -2.80
CA MET A 73 -12.79 -19.67 -2.98
C MET A 73 -12.28 -18.47 -2.18
N PHE A 74 -12.94 -17.32 -2.35
CA PHE A 74 -12.57 -16.10 -1.65
C PHE A 74 -12.75 -16.26 -0.12
N LYS A 75 -13.76 -16.99 0.35
CA LYS A 75 -14.00 -17.18 1.80
C LYS A 75 -12.84 -17.92 2.47
N VAL A 76 -12.40 -19.00 1.83
CA VAL A 76 -11.38 -19.91 2.28
C VAL A 76 -9.98 -19.23 2.18
N GLU A 77 -9.73 -18.47 1.10
CA GLU A 77 -8.46 -17.77 0.89
C GLU A 77 -8.26 -16.68 1.95
N LEU A 78 -9.34 -15.97 2.34
CA LEU A 78 -9.33 -14.94 3.38
C LEU A 78 -9.15 -15.63 4.76
N LYS A 79 -9.74 -16.82 4.97
CA LYS A 79 -9.51 -17.55 6.23
C LYS A 79 -8.00 -17.86 6.36
N ARG A 80 -7.37 -18.35 5.27
CA ARG A 80 -5.95 -18.71 5.26
C ARG A 80 -5.05 -17.48 5.47
N LEU A 81 -5.42 -16.32 4.87
CA LEU A 81 -4.63 -15.09 5.07
C LEU A 81 -4.70 -14.64 6.51
N GLN A 82 -5.89 -14.66 7.13
CA GLN A 82 -6.03 -14.28 8.54
C GLN A 82 -5.18 -15.16 9.46
N ARG A 83 -5.11 -16.45 9.16
CA ARG A 83 -4.33 -17.40 9.95
C ARG A 83 -2.83 -17.09 9.78
N HIS A 84 -2.42 -16.75 8.54
CA HIS A 84 -1.01 -16.41 8.28
C HIS A 84 -0.58 -15.16 9.08
N TYR A 85 -1.49 -14.20 9.29
CA TYR A 85 -1.23 -12.95 10.02
C TYR A 85 -1.57 -13.03 11.52
N ASN A 86 -2.27 -14.10 11.97
CA ASN A 86 -2.72 -14.23 13.36
C ASN A 86 -3.75 -13.11 13.64
N HIS A 87 -4.64 -12.88 12.66
CA HIS A 87 -5.69 -11.88 12.72
C HIS A 87 -7.05 -12.50 13.06
N SER A 88 -7.80 -11.82 13.90
CA SER A 88 -9.15 -12.21 14.27
C SER A 88 -10.06 -11.03 13.93
N GLY A 89 -11.37 -11.22 14.06
CA GLY A 89 -12.33 -10.18 13.74
C GLY A 89 -12.51 -10.04 12.24
N SER A 90 -13.09 -8.91 11.83
CA SER A 90 -13.41 -8.61 10.45
C SER A 90 -12.23 -8.06 9.67
N HIS A 91 -11.92 -8.73 8.56
CA HIS A 91 -10.86 -8.31 7.64
C HIS A 91 -11.38 -8.33 6.21
N THR A 92 -10.71 -7.60 5.27
CA THR A 92 -11.18 -7.56 3.90
C THR A 92 -10.14 -8.17 2.94
N TYR A 93 -10.65 -8.75 1.86
CA TYR A 93 -9.89 -9.39 0.80
C TYR A 93 -10.48 -8.89 -0.49
N GLN A 94 -9.62 -8.39 -1.39
CA GLN A 94 -10.05 -7.82 -2.66
C GLN A 94 -9.20 -8.29 -3.81
N ARG A 95 -9.83 -8.29 -4.98
CA ARG A 95 -9.20 -8.62 -6.25
C ARG A 95 -9.71 -7.67 -7.32
N MET A 96 -8.88 -7.37 -8.30
CA MET A 96 -9.24 -6.60 -9.48
C MET A 96 -8.55 -7.30 -10.66
N ILE A 97 -9.31 -7.75 -11.65
CA ILE A 97 -8.77 -8.38 -12.87
C ILE A 97 -9.26 -7.52 -14.02
N GLY A 98 -8.49 -7.43 -15.08
CA GLY A 98 -8.96 -6.63 -16.20
C GLY A 98 -7.93 -6.37 -17.25
N CYS A 99 -8.35 -5.65 -18.27
CA CYS A 99 -7.57 -5.31 -19.44
C CYS A 99 -8.03 -3.98 -20.01
N GLU A 100 -7.15 -3.38 -20.82
CA GLU A 100 -7.38 -2.13 -21.54
C GLU A 100 -7.03 -2.30 -22.99
N LEU A 101 -7.83 -1.72 -23.88
CA LEU A 101 -7.59 -1.61 -25.31
C LEU A 101 -7.27 -0.15 -25.52
N LEU A 102 -6.01 0.17 -25.77
CA LEU A 102 -5.57 1.56 -25.99
C LEU A 102 -5.98 2.04 -27.37
N GLU A 103 -6.10 3.37 -27.52
CA GLU A 103 -6.46 4.05 -28.77
C GLU A 103 -5.51 3.63 -29.94
N ASP A 104 -4.21 3.32 -29.66
CA ASP A 104 -3.25 2.88 -30.70
C ASP A 104 -3.42 1.39 -31.08
N GLY A 105 -4.32 0.69 -30.39
CA GLY A 105 -4.58 -0.72 -30.60
C GLY A 105 -3.74 -1.63 -29.71
N SER A 106 -2.77 -1.08 -28.95
CA SER A 106 -1.98 -1.90 -28.02
C SER A 106 -2.89 -2.26 -26.80
N THR A 107 -2.47 -3.22 -26.00
CA THR A 107 -3.26 -3.71 -24.86
C THR A 107 -2.45 -3.81 -23.58
N THR A 108 -3.15 -3.76 -22.44
CA THR A 108 -2.55 -3.97 -21.12
C THR A 108 -3.44 -4.98 -20.42
N GLY A 109 -2.92 -5.60 -19.39
CA GLY A 109 -3.67 -6.56 -18.58
C GLY A 109 -3.18 -6.45 -17.14
N PHE A 110 -4.09 -6.62 -16.19
CA PHE A 110 -3.68 -6.53 -14.78
C PHE A 110 -4.50 -7.50 -13.94
N LEU A 111 -3.90 -7.95 -12.85
CA LEU A 111 -4.54 -8.85 -11.90
C LEU A 111 -3.88 -8.60 -10.57
N GLN A 112 -4.63 -8.01 -9.63
CA GLN A 112 -4.06 -7.65 -8.33
C GLN A 112 -4.95 -8.06 -7.18
N TYR A 113 -4.32 -8.38 -6.05
CA TYR A 113 -5.02 -8.71 -4.82
C TYR A 113 -4.63 -7.76 -3.73
N ALA A 114 -5.57 -7.53 -2.83
CA ALA A 114 -5.35 -6.70 -1.65
C ALA A 114 -5.90 -7.38 -0.42
N TYR A 115 -5.27 -7.07 0.74
CA TYR A 115 -5.67 -7.54 2.06
C TYR A 115 -5.84 -6.32 2.94
N ASP A 116 -7.04 -6.13 3.53
CA ASP A 116 -7.40 -4.96 4.36
C ASP A 116 -7.16 -3.61 3.58
N GLY A 117 -7.49 -3.61 2.29
CA GLY A 117 -7.44 -2.46 1.41
C GLY A 117 -6.06 -1.99 1.01
N GLN A 118 -5.05 -2.86 1.18
CA GLN A 118 -3.67 -2.55 0.81
C GLN A 118 -3.15 -3.59 -0.17
N ASP A 119 -2.24 -3.16 -1.08
CA ASP A 119 -1.62 -4.10 -2.03
C ASP A 119 -1.08 -5.33 -1.30
N PHE A 120 -1.31 -6.47 -1.89
CA PHE A 120 -0.90 -7.73 -1.31
C PHE A 120 -0.09 -8.54 -2.34
N LEU A 121 -0.70 -8.85 -3.52
CA LEU A 121 -0.07 -9.60 -4.62
C LEU A 121 -0.40 -8.96 -5.97
N ILE A 122 0.61 -8.83 -6.86
CA ILE A 122 0.49 -8.22 -8.21
C ILE A 122 1.07 -9.18 -9.21
N PHE A 123 0.24 -9.60 -10.16
CA PHE A 123 0.67 -10.54 -11.19
C PHE A 123 1.44 -9.80 -12.28
N ASN A 124 2.53 -10.41 -12.72
CA ASN A 124 3.29 -9.91 -13.87
C ASN A 124 3.14 -10.96 -14.97
N LYS A 125 2.28 -10.67 -15.95
CA LYS A 125 1.96 -11.60 -17.04
C LYS A 125 3.14 -11.78 -18.04
N ASP A 126 4.15 -10.87 -17.96
CA ASP A 126 5.31 -10.89 -18.86
C ASP A 126 6.42 -11.82 -18.37
N THR A 127 6.47 -12.10 -17.06
CA THR A 127 7.47 -13.01 -16.50
C THR A 127 6.78 -14.18 -15.79
N LEU A 128 5.42 -14.17 -15.77
CA LEU A 128 4.56 -15.18 -15.10
C LEU A 128 4.94 -15.32 -13.63
N SER A 129 5.02 -14.21 -12.95
CA SER A 129 5.39 -14.21 -11.55
C SER A 129 4.50 -13.29 -10.78
N TRP A 130 4.40 -13.55 -9.48
CA TRP A 130 3.62 -12.74 -8.55
C TRP A 130 4.55 -11.90 -7.70
N LEU A 131 4.25 -10.61 -7.58
CA LEU A 131 5.02 -9.73 -6.74
C LEU A 131 4.33 -9.62 -5.40
N ALA A 132 5.06 -9.98 -4.34
CA ALA A 132 4.55 -10.04 -2.95
C ALA A 132 5.03 -8.85 -2.10
N VAL A 133 4.14 -8.26 -1.25
CA VAL A 133 4.48 -7.12 -0.39
C VAL A 133 5.23 -7.53 0.90
N ASP A 134 5.03 -8.75 1.41
CA ASP A 134 5.64 -9.15 2.69
C ASP A 134 5.85 -10.67 2.70
N ASN A 135 6.24 -11.24 3.86
CA ASN A 135 6.48 -12.69 3.96
C ASN A 135 5.22 -13.52 3.75
N VAL A 136 4.08 -13.05 4.23
CA VAL A 136 2.80 -13.73 4.11
C VAL A 136 2.42 -13.84 2.62
N ALA A 137 2.49 -12.73 1.87
CA ALA A 137 2.24 -12.68 0.44
C ALA A 137 3.24 -13.59 -0.30
N HIS A 138 4.50 -13.64 0.18
CA HIS A 138 5.57 -14.46 -0.40
C HIS A 138 5.18 -15.96 -0.33
N THR A 139 4.55 -16.39 0.79
CA THR A 139 4.05 -17.75 1.01
C THR A 139 2.98 -18.06 -0.06
N ILE A 140 2.05 -17.13 -0.31
CA ILE A 140 1.00 -17.33 -1.31
C ILE A 140 1.61 -17.34 -2.72
N LYS A 141 2.53 -16.41 -3.01
CA LYS A 141 3.27 -16.31 -4.27
C LYS A 141 3.91 -17.69 -4.62
N GLN A 142 4.63 -18.31 -3.66
CA GLN A 142 5.30 -19.59 -3.86
C GLN A 142 4.32 -20.69 -4.28
N ALA A 143 3.14 -20.73 -3.64
CA ALA A 143 2.11 -21.69 -4.01
C ALA A 143 1.51 -21.38 -5.40
N TRP A 144 1.18 -20.10 -5.69
CA TRP A 144 0.55 -19.76 -6.99
C TRP A 144 1.51 -19.94 -8.18
N GLU A 145 2.79 -19.63 -7.97
CA GLU A 145 3.84 -19.76 -9.00
C GLU A 145 4.26 -21.21 -9.29
N ALA A 146 3.95 -22.15 -8.38
CA ALA A 146 4.27 -23.57 -8.54
C ALA A 146 3.42 -24.25 -9.64
N ASN A 147 2.28 -23.65 -10.00
CA ASN A 147 1.39 -24.21 -11.02
C ASN A 147 1.57 -23.44 -12.33
N GLN A 148 2.50 -23.91 -13.16
CA GLN A 148 2.88 -23.29 -14.44
C GLN A 148 1.70 -23.07 -15.38
N HIS A 149 0.84 -24.07 -15.58
CA HIS A 149 -0.28 -24.04 -16.51
C HIS A 149 -1.34 -23.01 -16.09
N GLU A 150 -1.55 -22.83 -14.78
CA GLU A 150 -2.49 -21.81 -14.29
C GLU A 150 -1.95 -20.38 -14.63
N LEU A 151 -0.61 -20.19 -14.54
CA LEU A 151 0.01 -18.92 -14.91
C LEU A 151 -0.21 -18.64 -16.41
N LEU A 152 -0.04 -19.69 -17.26
CA LEU A 152 -0.26 -19.61 -18.72
C LEU A 152 -1.72 -19.30 -19.02
N TYR A 153 -2.68 -19.93 -18.30
CA TYR A 153 -4.11 -19.66 -18.51
C TYR A 153 -4.39 -18.18 -18.17
N GLN A 154 -3.81 -17.70 -17.08
CA GLN A 154 -4.01 -16.33 -16.62
C GLN A 154 -3.52 -15.30 -17.65
N LYS A 155 -2.33 -15.54 -18.22
CA LYS A 155 -1.78 -14.69 -19.27
C LYS A 155 -2.74 -14.70 -20.46
N ASN A 156 -3.16 -15.91 -20.90
CA ASN A 156 -4.07 -16.02 -22.02
C ASN A 156 -5.36 -15.26 -21.71
N TRP A 157 -5.91 -15.38 -20.48
CA TRP A 157 -7.17 -14.71 -20.15
C TRP A 157 -7.04 -13.18 -20.25
N LEU A 158 -5.99 -12.60 -19.65
CA LEU A 158 -5.76 -11.15 -19.68
C LEU A 158 -5.50 -10.59 -21.09
N GLU A 159 -4.77 -11.33 -21.92
CA GLU A 159 -4.36 -10.85 -23.24
C GLU A 159 -5.35 -11.14 -24.36
N GLU A 160 -6.06 -12.28 -24.28
CA GLU A 160 -6.96 -12.67 -25.39
C GLU A 160 -8.41 -12.63 -24.99
N GLU A 161 -8.83 -13.48 -24.01
CA GLU A 161 -10.21 -13.59 -23.53
C GLU A 161 -10.77 -12.25 -23.03
N CYS A 162 -10.02 -11.54 -22.14
CA CYS A 162 -10.45 -10.25 -21.60
C CYS A 162 -10.64 -9.23 -22.72
N ILE A 163 -9.69 -9.15 -23.68
CA ILE A 163 -9.83 -8.18 -24.76
C ILE A 163 -11.03 -8.52 -25.68
N ALA A 164 -11.24 -9.82 -25.99
CA ALA A 164 -12.37 -10.25 -26.80
C ALA A 164 -13.70 -9.86 -26.11
N TRP A 165 -13.82 -10.07 -24.76
CA TRP A 165 -15.03 -9.67 -23.99
C TRP A 165 -15.21 -8.14 -24.07
N LEU A 166 -14.13 -7.38 -23.85
CA LEU A 166 -14.17 -5.93 -23.90
C LEU A 166 -14.69 -5.46 -25.27
N LYS A 167 -14.14 -5.98 -26.38
CA LYS A 167 -14.62 -5.61 -27.73
C LYS A 167 -16.11 -5.90 -27.93
N ARG A 168 -16.63 -7.03 -27.39
CA ARG A 168 -18.06 -7.38 -27.50
C ARG A 168 -18.90 -6.38 -26.74
N PHE A 169 -18.49 -6.08 -25.48
CA PHE A 169 -19.21 -5.17 -24.57
C PHE A 169 -19.18 -3.76 -25.14
N LEU A 170 -18.04 -3.38 -25.75
CA LEU A 170 -17.90 -2.07 -26.38
C LEU A 170 -18.88 -1.87 -27.55
N GLU A 171 -19.17 -2.94 -28.31
CA GLU A 171 -20.13 -2.93 -29.41
C GLU A 171 -21.55 -2.88 -28.83
N TYR A 172 -21.86 -3.75 -27.85
CA TYR A 172 -23.16 -3.72 -27.14
C TYR A 172 -23.51 -2.34 -26.62
N GLY A 173 -22.57 -1.71 -25.91
CA GLY A 173 -22.85 -0.40 -25.32
C GLY A 173 -22.36 0.80 -26.09
N LYS A 174 -22.15 0.67 -27.42
CA LYS A 174 -21.60 1.76 -28.26
C LYS A 174 -22.33 3.10 -28.11
N ASP A 175 -23.67 3.11 -28.00
CA ASP A 175 -24.43 4.36 -27.93
C ASP A 175 -24.09 5.17 -26.66
N THR A 176 -23.64 4.50 -25.58
CA THR A 176 -23.25 5.26 -24.40
C THR A 176 -21.73 5.43 -24.35
N LEU A 177 -20.97 4.35 -24.58
CA LEU A 177 -19.50 4.29 -24.44
C LEU A 177 -18.71 5.06 -25.50
N GLN A 178 -19.19 5.08 -26.72
CA GLN A 178 -18.45 5.69 -27.82
C GLN A 178 -18.99 7.07 -28.22
N ARG A 179 -19.92 7.61 -27.43
CA ARG A 179 -20.52 8.92 -27.68
C ARG A 179 -19.60 10.00 -27.11
N THR A 180 -19.83 11.26 -27.50
CA THR A 180 -19.08 12.34 -26.88
C THR A 180 -20.03 13.49 -26.62
N GLU A 181 -19.97 13.99 -25.38
CA GLU A 181 -20.72 15.16 -24.92
C GLU A 181 -19.66 16.23 -24.63
N PRO A 182 -19.54 17.25 -25.49
CA PRO A 182 -18.45 18.22 -25.30
C PRO A 182 -18.63 19.06 -24.02
N PRO A 183 -17.53 19.49 -23.39
CA PRO A 183 -17.68 20.28 -22.16
C PRO A 183 -18.25 21.68 -22.37
N LEU A 184 -19.04 22.12 -21.38
CA LEU A 184 -19.48 23.50 -21.23
C LEU A 184 -18.42 24.12 -20.35
N VAL A 185 -17.63 25.08 -20.85
CA VAL A 185 -16.52 25.63 -20.06
C VAL A 185 -16.63 27.15 -19.93
N ARG A 186 -16.34 27.68 -18.74
CA ARG A 186 -16.31 29.12 -18.48
C ARG A 186 -15.24 29.48 -17.44
N VAL A 187 -14.74 30.72 -17.52
CA VAL A 187 -13.80 31.28 -16.58
C VAL A 187 -14.55 32.30 -15.72
N ASN A 188 -14.37 32.21 -14.40
CA ASN A 188 -14.96 33.12 -13.41
C ASN A 188 -13.85 33.82 -12.66
N ARG A 189 -13.91 35.16 -12.67
CA ARG A 189 -12.99 36.07 -11.99
C ARG A 189 -13.63 36.58 -10.69
N LYS A 190 -12.81 36.72 -9.61
CA LYS A 190 -13.32 37.19 -8.31
C LYS A 190 -12.19 37.70 -7.42
N GLU A 191 -12.42 38.84 -6.74
CA GLU A 191 -11.48 39.36 -5.76
C GLU A 191 -11.84 38.69 -4.43
N THR A 192 -10.93 37.91 -3.86
CA THR A 192 -11.21 37.11 -2.66
C THR A 192 -10.68 37.80 -1.38
N PHE A 193 -9.52 37.33 -0.84
CA PHE A 193 -8.87 37.96 0.31
C PHE A 193 -8.39 39.35 -0.17
N PRO A 194 -8.43 40.44 0.63
CA PRO A 194 -8.00 41.75 0.09
C PRO A 194 -6.68 41.69 -0.70
N GLY A 195 -6.74 42.14 -1.95
CA GLY A 195 -5.61 42.18 -2.88
C GLY A 195 -5.36 40.92 -3.70
N VAL A 196 -6.23 39.91 -3.54
CA VAL A 196 -6.12 38.62 -4.25
C VAL A 196 -7.25 38.51 -5.29
N THR A 197 -6.88 38.21 -6.55
CA THR A 197 -7.84 38.00 -7.63
C THR A 197 -7.75 36.52 -8.01
N ALA A 198 -8.88 35.80 -7.95
CA ALA A 198 -8.92 34.37 -8.22
C ALA A 198 -9.56 34.09 -9.58
N LEU A 199 -8.94 33.16 -10.33
CA LEU A 199 -9.48 32.74 -11.63
C LEU A 199 -9.89 31.29 -11.53
N PHE A 200 -11.18 31.00 -11.76
CA PHE A 200 -11.72 29.64 -11.77
C PHE A 200 -12.13 29.26 -13.20
N CYS A 201 -11.59 28.13 -13.71
CA CYS A 201 -11.95 27.58 -15.03
C CYS A 201 -12.79 26.37 -14.77
N LYS A 202 -14.10 26.48 -15.00
CA LYS A 202 -15.04 25.42 -14.66
C LYS A 202 -15.64 24.72 -15.87
N ALA A 203 -15.60 23.36 -15.87
CA ALA A 203 -16.15 22.55 -16.96
C ALA A 203 -17.26 21.62 -16.46
N HIS A 204 -18.32 21.48 -17.25
CA HIS A 204 -19.40 20.54 -16.91
C HIS A 204 -20.13 20.04 -18.15
N GLY A 205 -20.93 18.98 -17.96
CA GLY A 205 -21.74 18.38 -19.01
C GLY A 205 -20.94 17.56 -19.99
N PHE A 206 -19.73 17.12 -19.60
CA PHE A 206 -18.91 16.37 -20.55
C PHE A 206 -18.92 14.86 -20.32
N TYR A 207 -18.74 14.17 -21.44
CA TYR A 207 -18.58 12.73 -21.52
C TYR A 207 -17.70 12.42 -22.73
N PRO A 208 -16.65 11.56 -22.62
CA PRO A 208 -16.23 10.75 -21.45
C PRO A 208 -15.62 11.59 -20.30
N PRO A 209 -15.41 10.99 -19.10
CA PRO A 209 -14.85 11.80 -17.97
C PRO A 209 -13.38 12.26 -18.18
N GLU A 210 -12.65 11.67 -19.15
CA GLU A 210 -11.25 12.04 -19.42
C GLU A 210 -11.20 13.41 -20.09
N ILE A 211 -10.55 14.36 -19.41
CA ILE A 211 -10.43 15.77 -19.81
C ILE A 211 -9.08 16.28 -19.32
N TYR A 212 -8.50 17.24 -20.05
CA TYR A 212 -7.25 17.92 -19.69
C TYR A 212 -7.57 19.37 -19.49
N MET A 213 -7.16 19.90 -18.33
CA MET A 213 -7.42 21.28 -17.92
C MET A 213 -6.15 21.87 -17.36
N THR A 214 -5.71 22.98 -17.94
CA THR A 214 -4.48 23.65 -17.50
C THR A 214 -4.62 25.19 -17.64
N TRP A 215 -3.84 25.91 -16.83
CA TRP A 215 -3.78 27.36 -16.84
C TRP A 215 -2.44 27.80 -17.42
N MET A 216 -2.48 28.70 -18.41
CA MET A 216 -1.26 29.21 -19.05
C MET A 216 -1.13 30.71 -18.80
N LYS A 217 0.12 31.21 -18.82
CA LYS A 217 0.44 32.61 -18.66
C LYS A 217 1.28 33.03 -19.85
N ASN A 218 0.78 33.99 -20.64
CA ASN A 218 1.40 34.54 -21.87
C ASN A 218 1.80 33.44 -22.90
N GLY A 219 1.21 32.25 -22.79
CA GLY A 219 1.50 31.12 -23.67
C GLY A 219 2.40 30.04 -23.08
N GLU A 220 2.84 30.18 -21.81
CA GLU A 220 3.69 29.20 -21.10
C GLU A 220 3.02 28.72 -19.77
N GLU A 221 3.51 27.58 -19.22
CA GLU A 221 3.00 26.94 -18.00
C GLU A 221 3.07 27.86 -16.76
N ILE A 222 2.02 27.81 -15.90
CA ILE A 222 1.89 28.60 -14.69
C ILE A 222 2.61 27.89 -13.54
N VAL A 223 3.84 28.37 -13.25
CA VAL A 223 4.72 27.83 -12.20
C VAL A 223 4.16 28.21 -10.79
N GLN A 224 3.03 28.95 -10.74
CA GLN A 224 2.35 29.28 -9.49
C GLN A 224 1.49 28.07 -9.07
N GLU A 225 0.92 28.11 -7.87
CA GLU A 225 0.08 27.03 -7.34
C GLU A 225 -1.28 27.00 -8.07
N ILE A 226 -1.68 25.82 -8.57
CA ILE A 226 -2.98 25.59 -9.23
C ILE A 226 -3.76 24.63 -8.37
N ASP A 227 -5.03 24.93 -8.12
CA ASP A 227 -5.90 24.00 -7.40
C ASP A 227 -6.74 23.25 -8.42
N TYR A 228 -6.99 21.97 -8.20
CA TYR A 228 -7.80 21.18 -9.11
C TYR A 228 -9.01 20.61 -8.39
N GLY A 229 -10.14 20.60 -9.08
CA GLY A 229 -11.34 19.95 -8.59
C GLY A 229 -11.33 18.51 -9.10
N ASP A 230 -11.98 17.60 -8.38
CA ASP A 230 -12.08 16.22 -8.84
C ASP A 230 -12.98 16.13 -10.06
N ILE A 231 -12.80 15.09 -10.90
CA ILE A 231 -13.74 14.84 -11.99
C ILE A 231 -14.93 14.16 -11.29
N LEU A 232 -16.05 14.87 -11.15
CA LEU A 232 -17.19 14.37 -10.41
C LEU A 232 -18.36 14.02 -11.31
N PRO A 233 -19.09 12.91 -10.97
CA PRO A 233 -20.28 12.55 -11.77
C PRO A 233 -21.43 13.52 -11.47
N SER A 234 -22.10 14.03 -12.53
CA SER A 234 -23.18 14.98 -12.25
C SER A 234 -24.53 14.26 -12.04
N GLY A 235 -24.54 12.94 -12.20
CA GLY A 235 -25.73 12.11 -11.98
C GLY A 235 -26.55 11.82 -13.22
N ASP A 236 -26.32 12.56 -14.30
CA ASP A 236 -27.02 12.39 -15.59
C ASP A 236 -26.12 11.68 -16.64
N GLY A 237 -25.05 11.04 -16.18
CA GLY A 237 -24.11 10.36 -17.08
C GLY A 237 -22.98 11.24 -17.56
N THR A 238 -23.00 12.53 -17.21
CA THR A 238 -21.96 13.51 -17.58
C THR A 238 -21.15 13.92 -16.34
N TYR A 239 -20.06 14.65 -16.56
CA TYR A 239 -19.13 14.97 -15.49
C TYR A 239 -18.79 16.45 -15.39
N GLN A 240 -18.20 16.83 -14.23
CA GLN A 240 -17.79 18.21 -13.96
C GLN A 240 -16.41 18.26 -13.31
N ALA A 241 -15.64 19.32 -13.62
CA ALA A 241 -14.28 19.50 -13.12
C ALA A 241 -13.91 20.97 -13.22
N TRP A 242 -12.89 21.39 -12.45
CA TRP A 242 -12.41 22.77 -12.45
C TRP A 242 -10.92 22.84 -12.12
N ALA A 243 -10.31 23.97 -12.43
CA ALA A 243 -8.92 24.32 -12.13
C ALA A 243 -8.92 25.82 -11.78
N SER A 244 -8.18 26.20 -10.73
CA SER A 244 -8.16 27.61 -10.32
C SER A 244 -6.74 28.13 -10.09
N ILE A 245 -6.54 29.44 -10.30
CA ILE A 245 -5.26 30.14 -10.08
C ILE A 245 -5.52 31.55 -9.51
N GLU A 246 -4.43 32.28 -9.25
CA GLU A 246 -4.45 33.67 -8.81
C GLU A 246 -3.61 34.54 -9.73
N LEU A 247 -3.94 35.83 -9.85
CA LEU A 247 -3.20 36.83 -10.61
C LEU A 247 -1.82 37.10 -9.97
N LEU A 254 -1.16 37.99 -19.35
CA LEU A 254 -2.39 37.47 -19.94
C LEU A 254 -2.55 35.96 -19.61
N TYR A 255 -3.62 35.62 -18.88
CA TYR A 255 -3.92 34.25 -18.45
C TYR A 255 -4.92 33.56 -19.36
N SER A 256 -4.73 32.26 -19.60
CA SER A 256 -5.67 31.49 -20.40
C SER A 256 -5.89 30.08 -19.86
N CYS A 257 -7.16 29.65 -19.83
CA CYS A 257 -7.49 28.28 -19.48
C CYS A 257 -7.55 27.43 -20.76
N HIS A 258 -6.83 26.29 -20.79
CA HIS A 258 -6.77 25.36 -21.91
C HIS A 258 -7.46 24.07 -21.53
N VAL A 259 -8.38 23.64 -22.38
CA VAL A 259 -9.19 22.45 -22.09
C VAL A 259 -9.10 21.53 -23.28
N GLU A 260 -8.67 20.28 -23.05
CA GLU A 260 -8.65 19.31 -24.15
C GLU A 260 -9.63 18.20 -23.86
N HIS A 261 -10.54 17.93 -24.79
CA HIS A 261 -11.54 16.87 -24.59
C HIS A 261 -11.87 16.23 -25.90
N SER A 262 -11.65 14.90 -25.95
CA SER A 262 -12.00 14.02 -27.04
C SER A 262 -11.59 14.61 -28.43
N GLY A 263 -10.33 14.98 -28.55
CA GLY A 263 -9.74 15.50 -29.78
C GLY A 263 -10.04 16.95 -30.12
N VAL A 264 -10.65 17.68 -29.20
CA VAL A 264 -10.96 19.08 -29.41
C VAL A 264 -10.25 19.91 -28.35
N HIS A 265 -9.53 20.95 -28.78
CA HIS A 265 -8.85 21.90 -27.91
C HIS A 265 -9.68 23.15 -27.78
N MET A 266 -9.70 23.73 -26.60
CA MET A 266 -10.47 24.93 -26.31
C MET A 266 -9.60 25.86 -25.47
N VAL A 267 -9.61 27.15 -25.77
CA VAL A 267 -8.82 28.17 -25.08
C VAL A 267 -9.77 29.27 -24.60
N LEU A 268 -9.67 29.63 -23.30
CA LEU A 268 -10.46 30.69 -22.68
C LEU A 268 -9.48 31.72 -22.11
N GLN A 269 -9.22 32.77 -22.88
CA GLN A 269 -8.29 33.87 -22.57
C GLN A 269 -8.93 34.87 -21.59
N VAL A 270 -8.22 35.28 -20.53
CA VAL A 270 -8.76 36.22 -19.54
C VAL A 270 -8.43 37.65 -19.98
N ILE B 1 -5.36 -0.24 8.44
CA ILE B 1 -5.44 1.11 7.86
C ILE B 1 -6.86 1.35 7.33
N GLN B 2 -7.58 2.25 7.99
CA GLN B 2 -8.92 2.67 7.60
C GLN B 2 -8.81 4.04 6.95
N ARG B 3 -9.66 4.30 5.95
CA ARG B 3 -9.64 5.57 5.27
C ARG B 3 -10.99 6.20 5.43
N THR B 4 -11.00 7.43 5.97
CA THR B 4 -12.24 8.14 6.20
C THR B 4 -12.77 8.66 4.86
N PRO B 5 -14.11 8.70 4.66
CA PRO B 5 -14.62 9.16 3.36
C PRO B 5 -14.44 10.64 3.08
N LYS B 6 -14.12 10.93 1.84
CA LYS B 6 -14.10 12.26 1.24
C LYS B 6 -15.56 12.54 0.92
N ILE B 7 -16.08 13.73 1.23
CA ILE B 7 -17.51 14.00 1.06
C ILE B 7 -17.66 15.30 0.30
N GLN B 8 -18.25 15.22 -0.91
CA GLN B 8 -18.41 16.37 -1.79
C GLN B 8 -19.87 16.57 -2.12
N VAL B 9 -20.35 17.80 -1.89
CA VAL B 9 -21.75 18.17 -2.02
C VAL B 9 -21.84 19.31 -3.02
N TYR B 10 -22.54 19.06 -4.14
CA TYR B 10 -22.62 19.98 -5.27
C TYR B 10 -23.89 19.72 -6.09
N SER B 11 -24.26 20.70 -6.92
CA SER B 11 -25.44 20.57 -7.76
C SER B 11 -25.05 20.00 -9.14
N ARG B 12 -25.98 19.26 -9.77
CA ARG B 12 -25.76 18.73 -11.12
C ARG B 12 -25.42 19.85 -12.12
N HIS B 13 -26.26 20.92 -12.11
CA HIS B 13 -26.10 22.07 -13.01
C HIS B 13 -25.75 23.30 -12.19
N PRO B 14 -25.08 24.34 -12.78
CA PRO B 14 -24.83 25.58 -12.02
C PRO B 14 -26.15 26.11 -11.47
N ALA B 15 -26.24 26.22 -10.13
CA ALA B 15 -27.47 26.53 -9.42
C ALA B 15 -27.93 27.99 -9.49
N GLU B 16 -29.25 28.15 -9.57
CA GLU B 16 -30.00 29.41 -9.53
C GLU B 16 -31.28 29.13 -8.77
N ASN B 17 -31.63 30.00 -7.81
CA ASN B 17 -32.84 29.80 -6.99
C ASN B 17 -34.11 29.84 -7.88
N GLY B 18 -35.09 29.00 -7.52
CA GLY B 18 -36.33 28.88 -8.28
C GLY B 18 -36.31 27.91 -9.44
N LYS B 19 -35.11 27.43 -9.84
CA LYS B 19 -34.96 26.49 -10.96
C LYS B 19 -34.60 25.09 -10.48
N SER B 20 -35.37 24.07 -10.95
CA SER B 20 -35.19 22.65 -10.62
C SER B 20 -33.79 22.19 -10.99
N ASN B 21 -33.25 21.30 -10.18
CA ASN B 21 -31.88 20.81 -10.28
C ASN B 21 -31.76 19.50 -9.51
N PHE B 22 -30.53 18.99 -9.42
CA PHE B 22 -30.23 17.79 -8.68
C PHE B 22 -29.10 18.08 -7.69
N LEU B 23 -29.29 17.65 -6.45
CA LEU B 23 -28.29 17.76 -5.37
C LEU B 23 -27.53 16.44 -5.29
N ASN B 24 -26.22 16.52 -5.47
CA ASN B 24 -25.33 15.37 -5.42
C ASN B 24 -24.48 15.35 -4.16
N CYS B 25 -24.27 14.15 -3.65
CA CYS B 25 -23.33 13.90 -2.57
C CYS B 25 -22.51 12.72 -2.97
N TYR B 26 -21.23 12.99 -3.25
CA TYR B 26 -20.26 12.01 -3.71
C TYR B 26 -19.34 11.68 -2.56
N VAL B 27 -19.40 10.44 -2.10
CA VAL B 27 -18.68 9.92 -0.93
C VAL B 27 -17.68 8.92 -1.46
N SER B 28 -16.39 9.21 -1.30
CA SER B 28 -15.35 8.40 -1.92
C SER B 28 -14.13 8.17 -1.04
N GLY B 29 -13.25 7.26 -1.49
CA GLY B 29 -11.97 6.98 -0.86
C GLY B 29 -12.04 6.37 0.53
N PHE B 30 -13.19 5.78 0.88
CA PHE B 30 -13.33 5.18 2.20
C PHE B 30 -13.01 3.68 2.16
N HIS B 31 -12.52 3.17 3.28
CA HIS B 31 -12.20 1.76 3.53
C HIS B 31 -12.30 1.53 5.05
N PRO B 32 -13.07 0.55 5.57
CA PRO B 32 -13.81 -0.52 4.87
C PRO B 32 -15.14 -0.02 4.26
N SER B 33 -15.89 -0.93 3.60
CA SER B 33 -17.07 -0.64 2.78
C SER B 33 -18.36 -0.17 3.48
N ASP B 34 -18.61 -0.58 4.76
CA ASP B 34 -19.87 -0.19 5.43
C ASP B 34 -19.95 1.35 5.60
N ILE B 35 -20.99 1.95 5.02
CA ILE B 35 -21.20 3.40 5.03
C ILE B 35 -22.70 3.71 5.13
N GLU B 36 -23.02 4.87 5.71
CA GLU B 36 -24.40 5.34 5.87
C GLU B 36 -24.47 6.74 5.32
N VAL B 37 -25.31 6.97 4.31
CA VAL B 37 -25.43 8.28 3.71
C VAL B 37 -26.89 8.70 3.66
N ASP B 38 -27.14 9.95 4.07
CA ASP B 38 -28.42 10.64 4.02
C ASP B 38 -28.26 12.03 3.46
N LEU B 39 -29.27 12.49 2.72
CA LEU B 39 -29.32 13.86 2.26
C LEU B 39 -30.33 14.56 3.13
N LEU B 40 -30.05 15.81 3.52
CA LEU B 40 -30.93 16.58 4.42
C LEU B 40 -31.40 17.90 3.86
N LYS B 41 -32.66 18.26 4.19
CA LYS B 41 -33.23 19.57 3.87
C LYS B 41 -33.57 20.22 5.21
N ASN B 42 -32.88 21.31 5.56
CA ASN B 42 -33.07 22.07 6.81
C ASN B 42 -32.99 21.14 8.06
N GLY B 43 -32.07 20.19 8.03
CA GLY B 43 -31.81 19.25 9.11
C GLY B 43 -32.58 17.94 9.06
N GLU B 44 -33.63 17.86 8.22
CA GLU B 44 -34.45 16.64 8.13
C GLU B 44 -34.06 15.78 6.95
N ARG B 45 -34.11 14.45 7.14
CA ARG B 45 -33.79 13.45 6.12
C ARG B 45 -34.75 13.58 4.93
N ILE B 46 -34.20 13.66 3.70
CA ILE B 46 -34.99 13.72 2.47
C ILE B 46 -35.37 12.26 2.19
N GLU B 47 -36.67 12.03 1.94
CA GLU B 47 -37.24 10.71 1.73
C GLU B 47 -36.89 10.12 0.34
N LYS B 48 -37.19 10.86 -0.76
CA LYS B 48 -36.96 10.36 -2.11
C LYS B 48 -35.51 10.65 -2.54
N VAL B 49 -34.60 9.72 -2.19
CA VAL B 49 -33.17 9.86 -2.51
C VAL B 49 -32.70 8.65 -3.32
N GLU B 50 -32.10 8.95 -4.48
CA GLU B 50 -31.51 7.96 -5.38
C GLU B 50 -30.04 7.76 -5.02
N HIS B 51 -29.52 6.57 -5.30
CA HIS B 51 -28.11 6.31 -5.07
C HIS B 51 -27.59 5.20 -5.96
N SER B 52 -26.31 5.27 -6.29
CA SER B 52 -25.61 4.26 -7.05
C SER B 52 -25.27 3.12 -6.09
N ASP B 53 -24.91 1.95 -6.62
CA ASP B 53 -24.44 0.85 -5.79
C ASP B 53 -23.03 1.15 -5.33
N LEU B 54 -22.57 0.46 -4.27
CA LEU B 54 -21.19 0.56 -3.83
C LEU B 54 -20.27 0.29 -5.04
N SER B 55 -19.32 1.21 -5.29
CA SER B 55 -18.41 1.14 -6.41
C SER B 55 -16.96 1.00 -5.96
N PHE B 56 -16.13 0.40 -6.81
CA PHE B 56 -14.77 0.01 -6.49
C PHE B 56 -13.71 0.82 -7.23
N SER B 57 -12.74 1.32 -6.48
CA SER B 57 -11.59 2.07 -7.02
C SER B 57 -10.37 1.15 -7.10
N LYS B 58 -9.40 1.48 -8.00
CA LYS B 58 -8.15 0.75 -8.23
C LYS B 58 -7.24 0.75 -6.98
N ASP B 59 -7.36 1.77 -6.13
CA ASP B 59 -6.57 1.86 -4.89
C ASP B 59 -7.24 1.08 -3.72
N TRP B 60 -8.27 0.25 -4.04
CA TRP B 60 -9.02 -0.64 -3.10
C TRP B 60 -10.02 0.10 -2.21
N SER B 61 -10.15 1.41 -2.37
CA SER B 61 -11.16 2.16 -1.63
C SER B 61 -12.48 2.09 -2.40
N PHE B 62 -13.56 2.63 -1.80
CA PHE B 62 -14.90 2.59 -2.36
C PHE B 62 -15.47 3.98 -2.54
N TYR B 63 -16.45 4.09 -3.45
CA TYR B 63 -17.14 5.34 -3.71
C TYR B 63 -18.63 5.08 -3.98
N LEU B 64 -19.44 6.13 -3.77
CA LEU B 64 -20.89 6.13 -3.92
C LEU B 64 -21.39 7.49 -4.29
N LEU B 65 -22.53 7.55 -4.98
CA LEU B 65 -23.20 8.81 -5.30
C LEU B 65 -24.65 8.79 -4.85
N TYR B 66 -25.03 9.77 -4.04
CA TYR B 66 -26.38 9.98 -3.56
C TYR B 66 -26.92 11.22 -4.19
N TYR B 67 -28.17 11.19 -4.67
CA TYR B 67 -28.72 12.38 -5.30
C TYR B 67 -30.24 12.47 -5.15
N THR B 68 -30.75 13.70 -5.29
CA THR B 68 -32.18 13.99 -5.22
C THR B 68 -32.49 15.20 -6.08
N GLU B 69 -33.70 15.19 -6.68
CA GLU B 69 -34.22 16.33 -7.44
C GLU B 69 -34.62 17.40 -6.43
N PHE B 70 -34.22 18.65 -6.67
CA PHE B 70 -34.52 19.73 -5.72
C PHE B 70 -34.59 21.06 -6.44
N THR B 71 -35.30 22.03 -5.85
CA THR B 71 -35.36 23.38 -6.36
C THR B 71 -34.74 24.26 -5.28
N PRO B 72 -33.51 24.77 -5.52
CA PRO B 72 -32.87 25.59 -4.50
C PRO B 72 -33.58 26.93 -4.32
N THR B 73 -33.67 27.39 -3.07
CA THR B 73 -34.23 28.69 -2.69
C THR B 73 -33.17 29.39 -1.86
N GLU B 74 -33.30 30.70 -1.67
CA GLU B 74 -32.36 31.49 -0.86
C GLU B 74 -32.33 30.98 0.59
N LYS B 75 -33.51 30.62 1.14
CA LYS B 75 -33.72 30.22 2.52
C LYS B 75 -33.31 28.77 2.86
N ASP B 76 -33.65 27.78 1.99
CA ASP B 76 -33.42 26.35 2.24
C ASP B 76 -31.94 25.98 2.36
N GLU B 77 -31.63 25.12 3.36
CA GLU B 77 -30.28 24.62 3.63
C GLU B 77 -30.23 23.12 3.40
N TYR B 78 -29.30 22.68 2.56
CA TYR B 78 -29.13 21.28 2.22
C TYR B 78 -27.79 20.80 2.74
N ALA B 79 -27.71 19.53 3.09
CA ALA B 79 -26.50 18.90 3.60
C ALA B 79 -26.48 17.41 3.29
N CYS B 80 -25.32 16.79 3.49
CA CYS B 80 -25.10 15.38 3.33
C CYS B 80 -24.53 14.84 4.62
N ARG B 81 -25.24 13.89 5.23
CA ARG B 81 -24.88 13.28 6.51
C ARG B 81 -24.31 11.88 6.27
N VAL B 82 -23.06 11.66 6.72
CA VAL B 82 -22.36 10.41 6.48
C VAL B 82 -21.83 9.82 7.78
N ASN B 83 -21.96 8.51 7.91
CA ASN B 83 -21.39 7.74 9.00
C ASN B 83 -20.55 6.59 8.44
N HIS B 84 -19.45 6.29 9.14
CA HIS B 84 -18.44 5.31 8.78
C HIS B 84 -17.70 4.93 10.08
N VAL B 85 -17.04 3.76 10.13
CA VAL B 85 -16.29 3.25 11.31
C VAL B 85 -15.20 4.25 11.76
N THR B 86 -14.67 5.07 10.83
CA THR B 86 -13.66 6.08 11.13
C THR B 86 -14.24 7.28 11.89
N LEU B 87 -15.58 7.43 11.92
CA LEU B 87 -16.22 8.59 12.53
C LEU B 87 -16.90 8.23 13.83
N SER B 88 -16.65 9.03 14.91
CA SER B 88 -17.26 8.84 16.24
C SER B 88 -18.74 9.17 16.20
N GLN B 89 -19.11 10.10 15.31
CA GLN B 89 -20.49 10.53 15.13
C GLN B 89 -20.72 10.83 13.65
N PRO B 90 -21.99 10.83 13.16
CA PRO B 90 -22.24 11.20 11.76
C PRO B 90 -21.71 12.60 11.44
N LYS B 91 -21.14 12.74 10.24
CA LYS B 91 -20.62 14.01 9.75
C LYS B 91 -21.69 14.66 8.87
N ILE B 92 -22.00 15.93 9.15
CA ILE B 92 -22.96 16.68 8.35
C ILE B 92 -22.18 17.68 7.52
N VAL B 93 -22.17 17.46 6.20
CA VAL B 93 -21.43 18.29 5.26
C VAL B 93 -22.43 19.14 4.50
N LYS B 94 -22.35 20.46 4.67
CA LYS B 94 -23.29 21.39 4.05
C LYS B 94 -23.09 21.60 2.58
N TRP B 95 -24.18 21.91 1.86
CA TRP B 95 -24.08 22.35 0.47
C TRP B 95 -23.71 23.85 0.56
N ASP B 96 -22.51 24.22 0.05
CA ASP B 96 -21.93 25.56 0.11
C ASP B 96 -22.76 26.63 -0.62
N MET C 1 -7.61 19.54 44.62
CA MET C 1 -7.89 20.68 43.75
C MET C 1 -9.08 20.40 42.85
N ARG C 2 -9.94 21.42 42.66
CA ARG C 2 -11.07 21.34 41.73
C ARG C 2 -10.51 21.29 40.28
N THR C 3 -11.39 21.11 39.26
CA THR C 3 -10.97 21.11 37.86
C THR C 3 -10.51 22.52 37.43
N HIS C 4 -9.44 22.57 36.62
CA HIS C 4 -8.91 23.82 36.09
C HIS C 4 -8.52 23.62 34.67
N SER C 5 -8.50 24.72 33.89
CA SER C 5 -8.12 24.65 32.50
C SER C 5 -7.27 25.86 32.10
N LEU C 6 -6.45 25.67 31.06
CA LEU C 6 -5.65 26.69 30.40
C LEU C 6 -5.99 26.64 28.91
N ARG C 7 -6.30 27.79 28.29
CA ARG C 7 -6.54 27.81 26.86
CA ARG C 7 -6.59 27.84 26.86
C ARG C 7 -6.17 29.16 26.24
N TYR C 8 -5.63 29.09 25.03
CA TYR C 8 -5.21 30.25 24.26
C TYR C 8 -6.06 30.29 23.02
N PHE C 9 -6.71 31.43 22.79
CA PHE C 9 -7.52 31.67 21.61
C PHE C 9 -6.81 32.61 20.65
N ARG C 10 -7.11 32.48 19.36
CA ARG C 10 -6.68 33.39 18.30
C ARG C 10 -7.90 33.78 17.47
N LEU C 11 -7.91 35.02 17.04
CA LEU C 11 -8.93 35.58 16.17
C LEU C 11 -8.25 36.33 15.08
N GLY C 12 -8.52 35.93 13.86
CA GLY C 12 -8.02 36.60 12.66
C GLY C 12 -9.22 37.09 11.85
N VAL C 13 -9.15 38.30 11.32
CA VAL C 13 -10.21 38.92 10.50
C VAL C 13 -9.56 39.40 9.18
N SER C 14 -10.09 38.95 8.02
CA SER C 14 -9.46 39.25 6.72
C SER C 14 -9.61 40.69 6.24
N ASP C 15 -10.78 41.31 6.42
CA ASP C 15 -10.92 42.71 5.98
C ASP C 15 -11.57 43.54 7.09
N PRO C 16 -10.82 43.82 8.20
CA PRO C 16 -11.43 44.53 9.34
C PRO C 16 -11.80 45.98 9.05
N ILE C 17 -12.87 46.47 9.74
CA ILE C 17 -13.37 47.86 9.65
C ILE C 17 -12.39 48.76 10.40
N VAL C 20 -9.88 48.49 14.12
CA VAL C 20 -10.19 47.12 14.57
C VAL C 20 -9.02 46.18 14.20
N PRO C 21 -8.44 45.42 15.16
CA PRO C 21 -7.30 44.55 14.81
C PRO C 21 -7.65 43.40 13.84
N GLU C 22 -6.73 43.09 12.94
CA GLU C 22 -6.89 41.95 12.06
C GLU C 22 -6.51 40.66 12.85
N PHE C 23 -5.83 40.80 14.03
CA PHE C 23 -5.46 39.64 14.83
C PHE C 23 -5.47 39.97 16.32
N ILE C 24 -6.03 39.06 17.10
CA ILE C 24 -6.10 39.13 18.58
C ILE C 24 -5.87 37.74 19.11
N SER C 25 -5.11 37.65 20.18
CA SER C 25 -4.85 36.38 20.84
C SER C 25 -4.93 36.58 22.35
N VAL C 26 -5.79 35.82 23.01
CA VAL C 26 -6.03 35.93 24.46
C VAL C 26 -5.96 34.56 25.11
N GLY C 27 -5.27 34.53 26.25
CA GLY C 27 -5.20 33.33 27.09
C GLY C 27 -6.12 33.46 28.29
N TYR C 28 -6.57 32.33 28.82
CA TYR C 28 -7.40 32.18 30.00
C TYR C 28 -6.93 31.04 30.88
N VAL C 29 -7.12 31.20 32.17
CA VAL C 29 -7.02 30.13 33.16
C VAL C 29 -8.44 30.10 33.72
N ASP C 30 -9.19 29.00 33.49
CA ASP C 30 -10.62 28.90 33.84
C ASP C 30 -11.34 30.06 33.17
N SER C 31 -12.13 30.86 33.90
CA SER C 31 -12.83 31.99 33.28
C SER C 31 -12.00 33.32 33.31
N HIS C 32 -10.76 33.26 33.83
CA HIS C 32 -9.92 34.43 33.99
C HIS C 32 -8.99 34.72 32.80
N PRO C 33 -9.12 35.89 32.14
CA PRO C 33 -8.13 36.26 31.11
C PRO C 33 -6.73 36.37 31.76
N ILE C 34 -5.69 35.87 31.09
CA ILE C 34 -4.34 35.92 31.69
C ILE C 34 -3.35 36.70 30.85
N THR C 35 -3.55 36.69 29.53
CA THR C 35 -2.65 37.31 28.57
C THR C 35 -3.43 37.91 27.42
N THR C 36 -2.84 38.91 26.76
CA THR C 36 -3.41 39.54 25.57
C THR C 36 -2.30 39.96 24.61
N TYR C 37 -2.61 39.89 23.32
CA TYR C 37 -1.80 40.32 22.18
C TYR C 37 -2.73 40.67 21.04
N ASP C 38 -2.41 41.75 20.28
CA ASP C 38 -3.14 42.08 19.06
C ASP C 38 -2.21 42.78 18.04
N SER C 39 -2.65 42.78 16.79
CA SER C 39 -1.96 43.38 15.64
C SER C 39 -1.76 44.89 15.76
N VAL C 40 -2.47 45.57 16.68
CA VAL C 40 -2.33 47.02 16.92
C VAL C 40 -1.20 47.30 17.94
N THR C 41 -1.24 46.70 19.14
CA THR C 41 -0.18 46.96 20.13
C THR C 41 1.15 46.29 19.72
N ARG C 42 1.03 45.09 19.09
CA ARG C 42 2.10 44.16 18.67
C ARG C 42 2.91 43.73 19.90
N GLN C 43 2.25 43.71 21.07
CA GLN C 43 2.85 43.35 22.35
C GLN C 43 2.02 42.32 23.12
N LYS C 44 2.69 41.31 23.70
CA LYS C 44 2.00 40.36 24.57
C LYS C 44 2.10 40.91 25.99
N GLU C 45 0.94 41.06 26.63
CA GLU C 45 0.82 41.67 27.95
C GLU C 45 0.01 40.81 28.90
N PRO C 46 0.35 40.84 30.22
CA PRO C 46 -0.49 40.13 31.22
C PRO C 46 -1.88 40.79 31.34
N ARG C 47 -2.90 39.99 31.67
CA ARG C 47 -4.26 40.45 31.85
C ARG C 47 -4.77 40.08 33.28
N ALA C 48 -3.91 39.48 34.12
CA ALA C 48 -4.18 39.13 35.52
C ALA C 48 -2.99 39.61 36.33
N PRO C 49 -3.19 40.24 37.51
CA PRO C 49 -2.00 40.79 38.22
C PRO C 49 -1.09 39.69 38.71
N TRP C 50 -1.60 38.46 38.97
CA TRP C 50 -0.74 37.36 39.42
C TRP C 50 0.16 36.79 38.28
N MET C 51 -0.18 37.11 37.03
CA MET C 51 0.66 36.75 35.87
C MET C 51 1.81 37.76 35.77
N ALA C 52 1.46 39.08 35.86
CA ALA C 52 2.40 40.21 35.79
C ALA C 52 3.46 40.14 36.88
N GLU C 53 3.08 39.69 38.09
CA GLU C 53 4.00 39.63 39.24
C GLU C 53 4.84 38.35 39.32
N ASN C 54 4.47 37.28 38.58
CA ASN C 54 5.23 36.02 38.64
C ASN C 54 6.02 35.68 37.39
N LEU C 55 5.79 36.40 36.30
CA LEU C 55 6.54 36.12 35.09
C LEU C 55 7.46 37.29 34.78
N ALA C 56 8.76 36.98 34.65
CA ALA C 56 9.84 37.94 34.37
C ALA C 56 9.64 38.62 33.00
N PRO C 57 10.25 39.81 32.77
CA PRO C 57 10.08 40.48 31.47
C PRO C 57 10.46 39.65 30.25
N ASP C 58 11.42 38.72 30.40
CA ASP C 58 11.87 37.85 29.31
C ASP C 58 10.70 37.00 28.75
N HIS C 59 9.69 36.68 29.62
CA HIS C 59 8.54 35.91 29.16
C HIS C 59 7.75 36.70 28.14
N TRP C 60 7.42 37.97 28.48
CA TRP C 60 6.64 38.89 27.64
C TRP C 60 7.41 39.28 26.37
N GLU C 61 8.73 39.46 26.50
CA GLU C 61 9.61 39.81 25.39
C GLU C 61 9.67 38.69 24.38
N ARG C 62 9.89 37.46 24.87
CA ARG C 62 9.98 36.30 24.00
C ARG C 62 8.64 36.02 23.31
N TYR C 63 7.54 35.99 24.08
CA TYR C 63 6.21 35.68 23.50
C TYR C 63 5.70 36.81 22.62
N THR C 64 6.18 38.05 22.78
CA THR C 64 5.82 39.16 21.85
C THR C 64 6.39 38.78 20.44
N GLN C 65 7.65 38.28 20.38
CA GLN C 65 8.29 37.86 19.10
C GLN C 65 7.56 36.66 18.49
N LEU C 66 7.23 35.66 19.34
CA LEU C 66 6.51 34.46 18.93
C LEU C 66 5.14 34.80 18.36
N LEU C 67 4.40 35.70 19.06
CA LEU C 67 3.07 36.09 18.63
C LEU C 67 3.08 36.97 17.37
N ARG C 68 4.13 37.74 17.12
CA ARG C 68 4.24 38.53 15.86
C ARG C 68 4.36 37.56 14.70
N GLY C 69 5.14 36.47 14.89
CA GLY C 69 5.27 35.40 13.90
C GLY C 69 3.98 34.62 13.73
N TRP C 70 3.30 34.30 14.85
CA TRP C 70 2.03 33.56 14.83
C TRP C 70 0.92 34.37 14.16
N GLN C 71 0.95 35.69 14.32
CA GLN C 71 0.01 36.62 13.66
C GLN C 71 0.15 36.52 12.12
N GLN C 72 1.43 36.49 11.62
CA GLN C 72 1.71 36.40 10.21
C GLN C 72 1.24 35.04 9.67
N MET C 73 1.52 33.95 10.38
CA MET C 73 1.09 32.60 10.03
C MET C 73 -0.46 32.52 9.93
N PHE C 74 -1.16 33.12 10.91
CA PHE C 74 -2.62 33.16 10.94
C PHE C 74 -3.20 33.90 9.73
N LYS C 75 -2.55 34.99 9.30
CA LYS C 75 -2.93 35.75 8.12
C LYS C 75 -2.85 34.88 6.85
N VAL C 76 -1.69 34.22 6.65
CA VAL C 76 -1.42 33.34 5.50
C VAL C 76 -2.46 32.20 5.46
N GLU C 77 -2.78 31.59 6.62
CA GLU C 77 -3.75 30.50 6.71
C GLU C 77 -5.18 30.98 6.36
N LEU C 78 -5.60 32.18 6.84
CA LEU C 78 -6.91 32.76 6.53
C LEU C 78 -6.98 33.10 5.01
N LYS C 79 -5.91 33.68 4.47
CA LYS C 79 -5.78 34.00 3.04
C LYS C 79 -5.95 32.70 2.21
N ARG C 80 -5.33 31.57 2.65
CA ARG C 80 -5.45 30.28 1.99
C ARG C 80 -6.89 29.73 2.06
N LEU C 81 -7.59 29.85 3.21
CA LEU C 81 -8.97 29.36 3.34
C LEU C 81 -9.93 30.13 2.44
N GLN C 82 -9.73 31.46 2.32
CA GLN C 82 -10.54 32.31 1.46
C GLN C 82 -10.33 31.98 -0.03
N ARG C 83 -9.14 31.45 -0.40
CA ARG C 83 -8.82 30.96 -1.73
C ARG C 83 -9.55 29.63 -2.00
N HIS C 84 -9.44 28.63 -1.07
CA HIS C 84 -10.12 27.35 -1.28
C HIS C 84 -11.64 27.54 -1.33
N TYR C 85 -12.20 28.39 -0.46
CA TYR C 85 -13.64 28.65 -0.46
C TYR C 85 -14.05 29.59 -1.60
N ASN C 86 -13.07 30.31 -2.23
CA ASN C 86 -13.30 31.32 -3.27
C ASN C 86 -14.28 32.37 -2.68
N HIS C 87 -13.89 32.92 -1.51
CA HIS C 87 -14.71 33.87 -0.75
C HIS C 87 -14.20 35.29 -0.79
N SER C 88 -15.10 36.21 -1.11
CA SER C 88 -14.86 37.66 -1.10
C SER C 88 -15.34 38.22 0.26
N GLY C 89 -14.99 39.46 0.60
CA GLY C 89 -15.40 40.11 1.83
C GLY C 89 -14.59 39.78 3.06
N SER C 90 -15.10 40.17 4.25
CA SER C 90 -14.43 39.93 5.52
C SER C 90 -14.85 38.61 6.11
N HIS C 91 -13.86 37.78 6.45
CA HIS C 91 -14.11 36.48 7.04
C HIS C 91 -13.29 36.29 8.29
N THR C 92 -13.69 35.37 9.17
CA THR C 92 -12.96 35.14 10.41
C THR C 92 -12.36 33.75 10.43
N TYR C 93 -11.26 33.67 11.18
CA TYR C 93 -10.47 32.48 11.41
C TYR C 93 -10.18 32.42 12.87
N GLN C 94 -10.49 31.28 13.51
CA GLN C 94 -10.25 31.18 14.94
C GLN C 94 -9.58 29.90 15.30
N ARG C 95 -8.85 29.96 16.40
CA ARG C 95 -8.21 28.80 16.96
C ARG C 95 -8.41 28.81 18.48
N MET C 96 -8.50 27.62 19.07
CA MET C 96 -8.53 27.37 20.49
C MET C 96 -7.65 26.16 20.80
N ILE C 97 -6.66 26.36 21.70
CA ILE C 97 -5.77 25.30 22.15
C ILE C 97 -5.77 25.31 23.66
N GLY C 98 -5.63 24.14 24.29
CA GLY C 98 -5.64 24.07 25.73
C GLY C 98 -5.76 22.70 26.33
N CYS C 99 -5.91 22.66 27.65
CA CYS C 99 -5.90 21.45 28.44
C CYS C 99 -6.67 21.68 29.72
N GLU C 100 -7.10 20.59 30.34
CA GLU C 100 -7.76 20.56 31.64
C GLU C 100 -7.08 19.58 32.56
N LEU C 101 -6.90 19.97 33.81
CA LEU C 101 -6.39 19.16 34.91
C LEU C 101 -7.61 18.91 35.78
N LEU C 102 -8.20 17.74 35.67
CA LEU C 102 -9.43 17.44 36.40
C LEU C 102 -9.15 17.15 37.87
N GLU C 103 -10.21 17.25 38.71
CA GLU C 103 -10.17 17.04 40.16
C GLU C 103 -9.51 15.67 40.48
N ASP C 104 -9.87 14.61 39.70
CA ASP C 104 -9.38 13.23 39.87
C ASP C 104 -7.92 13.01 39.40
N GLY C 105 -7.29 14.05 38.83
CA GLY C 105 -5.90 13.97 38.38
C GLY C 105 -5.74 13.63 36.91
N SER C 106 -6.84 13.16 36.28
CA SER C 106 -6.83 12.87 34.84
C SER C 106 -6.75 14.21 34.06
N THR C 107 -6.39 14.14 32.78
CA THR C 107 -6.18 15.29 31.94
C THR C 107 -6.89 15.16 30.61
N THR C 108 -7.24 16.29 30.02
CA THR C 108 -7.77 16.42 28.65
C THR C 108 -6.88 17.44 27.91
N GLY C 109 -6.93 17.44 26.59
CA GLY C 109 -6.17 18.34 25.74
C GLY C 109 -6.90 18.52 24.43
N PHE C 110 -7.02 19.75 23.97
CA PHE C 110 -7.81 20.01 22.78
C PHE C 110 -7.15 21.07 21.89
N LEU C 111 -7.38 20.96 20.59
CA LEU C 111 -6.87 21.88 19.60
C LEU C 111 -7.88 21.93 18.47
N GLN C 112 -8.45 23.13 18.23
CA GLN C 112 -9.52 23.30 17.25
C GLN C 112 -9.41 24.57 16.47
N TYR C 113 -9.95 24.54 15.23
CA TYR C 113 -10.01 25.69 14.35
C TYR C 113 -11.44 25.90 13.85
N ALA C 114 -11.74 27.16 13.56
CA ALA C 114 -13.02 27.56 13.04
C ALA C 114 -12.89 28.56 11.92
N TYR C 115 -13.81 28.48 10.97
CA TYR C 115 -13.91 29.43 9.88
C TYR C 115 -15.32 30.06 9.96
N ASP C 116 -15.38 31.41 9.98
CA ASP C 116 -16.64 32.17 10.16
C ASP C 116 -17.46 31.67 11.38
N GLY C 117 -16.78 31.38 12.49
CA GLY C 117 -17.38 30.97 13.77
C GLY C 117 -17.94 29.58 13.85
N GLN C 118 -17.65 28.73 12.85
CA GLN C 118 -18.14 27.34 12.85
C GLN C 118 -16.97 26.42 12.82
N ASP C 119 -17.09 25.20 13.42
CA ASP C 119 -16.01 24.19 13.41
C ASP C 119 -15.46 23.98 12.01
N PHE C 120 -14.13 23.84 11.92
CA PHE C 120 -13.47 23.66 10.64
C PHE C 120 -12.55 22.44 10.70
N LEU C 121 -11.62 22.39 11.69
CA LEU C 121 -10.71 21.27 11.92
C LEU C 121 -10.57 21.00 13.40
N ILE C 122 -10.70 19.74 13.79
CA ILE C 122 -10.61 19.37 15.21
C ILE C 122 -9.55 18.31 15.31
N PHE C 123 -8.53 18.56 16.14
CA PHE C 123 -7.42 17.61 16.32
C PHE C 123 -7.81 16.47 17.27
N ASN C 124 -7.37 15.27 16.91
CA ASN C 124 -7.53 14.12 17.79
C ASN C 124 -6.11 13.67 18.12
N LYS C 125 -5.64 13.95 19.36
CA LYS C 125 -4.27 13.65 19.82
C LYS C 125 -4.07 12.16 20.15
N ASP C 126 -5.16 11.38 20.13
CA ASP C 126 -5.08 9.95 20.40
C ASP C 126 -4.88 9.22 19.11
N THR C 127 -5.60 9.61 18.05
CA THR C 127 -5.46 8.97 16.75
C THR C 127 -4.41 9.71 15.90
N LEU C 128 -3.98 10.92 16.33
CA LEU C 128 -2.99 11.78 15.65
C LEU C 128 -3.47 12.12 14.24
N SER C 129 -4.70 12.68 14.17
CA SER C 129 -5.37 13.07 12.93
C SER C 129 -6.31 14.25 13.16
N TRP C 130 -6.68 14.92 12.06
CA TRP C 130 -7.56 16.07 12.06
C TRP C 130 -8.95 15.71 11.49
N LEU C 131 -10.04 16.00 12.22
CA LEU C 131 -11.37 15.79 11.68
C LEU C 131 -11.76 17.04 10.88
N ALA C 132 -12.09 16.85 9.58
CA ALA C 132 -12.45 17.88 8.63
C ALA C 132 -14.00 18.00 8.51
N VAL C 133 -14.53 19.22 8.51
CA VAL C 133 -15.97 19.42 8.48
C VAL C 133 -16.50 19.40 7.05
N ASP C 134 -15.64 19.75 6.09
CA ASP C 134 -16.03 19.82 4.69
C ASP C 134 -14.84 19.55 3.80
N ASN C 135 -15.05 19.72 2.48
CA ASN C 135 -14.00 19.41 1.52
C ASN C 135 -12.84 20.42 1.56
N VAL C 136 -13.07 21.68 1.94
CA VAL C 136 -11.95 22.63 2.07
C VAL C 136 -11.09 22.20 3.28
N ALA C 137 -11.73 21.85 4.40
CA ALA C 137 -11.06 21.39 5.60
C ALA C 137 -10.29 20.07 5.32
N HIS C 138 -10.84 19.21 4.40
CA HIS C 138 -10.24 17.96 3.98
C HIS C 138 -8.93 18.25 3.26
N THR C 139 -8.92 19.24 2.35
CA THR C 139 -7.71 19.66 1.66
C THR C 139 -6.64 20.08 2.69
N ILE C 140 -7.02 20.88 3.72
CA ILE C 140 -6.07 21.35 4.75
C ILE C 140 -5.58 20.16 5.59
N LYS C 141 -6.50 19.26 6.00
CA LYS C 141 -6.24 18.02 6.73
C LYS C 141 -5.10 17.22 6.06
N GLN C 142 -5.15 17.01 4.72
CA GLN C 142 -4.11 16.29 3.96
C GLN C 142 -2.77 17.01 4.09
N ALA C 143 -2.76 18.35 3.90
CA ALA C 143 -1.52 19.11 4.01
C ALA C 143 -0.93 19.06 5.44
N TRP C 144 -1.78 19.15 6.49
CA TRP C 144 -1.29 19.11 7.89
C TRP C 144 -0.89 17.68 8.32
N GLU C 145 -1.61 16.65 7.87
CA GLU C 145 -1.27 15.29 8.27
C GLU C 145 -0.02 14.74 7.56
N ALA C 146 0.44 15.39 6.47
CA ALA C 146 1.66 15.02 5.73
C ALA C 146 2.93 15.21 6.60
N ASN C 147 2.87 16.17 7.53
CA ASN C 147 3.92 16.56 8.47
C ASN C 147 3.60 15.88 9.79
N GLN C 148 3.95 14.58 9.87
CA GLN C 148 3.67 13.71 11.01
C GLN C 148 4.35 14.24 12.31
N HIS C 149 5.55 14.83 12.17
CA HIS C 149 6.28 15.36 13.33
C HIS C 149 5.56 16.54 14.00
N GLU C 150 4.84 17.36 13.21
CA GLU C 150 4.09 18.48 13.75
C GLU C 150 2.91 17.98 14.60
N LEU C 151 2.27 16.83 14.21
CA LEU C 151 1.19 16.26 15.00
C LEU C 151 1.69 15.75 16.35
N LEU C 152 2.88 15.09 16.33
CA LEU C 152 3.53 14.50 17.50
C LEU C 152 3.93 15.61 18.45
N TYR C 153 4.42 16.74 17.88
CA TYR C 153 4.72 17.96 18.65
C TYR C 153 3.44 18.41 19.39
N GLN C 154 2.29 18.50 18.66
CA GLN C 154 1.01 18.94 19.23
C GLN C 154 0.54 18.01 20.31
N LYS C 155 0.68 16.68 20.12
CA LYS C 155 0.26 15.72 21.15
C LYS C 155 1.07 15.94 22.45
N ASN C 156 2.39 16.10 22.31
CA ASN C 156 3.27 16.32 23.47
C ASN C 156 2.97 17.68 24.15
N TRP C 157 2.70 18.72 23.36
CA TRP C 157 2.41 20.02 23.93
C TRP C 157 1.13 19.97 24.75
N LEU C 158 0.07 19.40 24.18
CA LEU C 158 -1.22 19.30 24.85
C LEU C 158 -1.18 18.44 26.10
N GLU C 159 -0.48 17.30 26.06
CA GLU C 159 -0.43 16.36 27.19
C GLU C 159 0.57 16.73 28.27
N GLU C 160 1.75 17.29 27.91
CA GLU C 160 2.81 17.59 28.87
C GLU C 160 3.04 19.09 29.10
N GLU C 161 3.41 19.84 28.06
CA GLU C 161 3.71 21.28 28.16
C GLU C 161 2.52 22.09 28.68
N CYS C 162 1.33 21.93 28.06
CA CYS C 162 0.12 22.65 28.48
C CYS C 162 -0.18 22.42 29.96
N ILE C 163 -0.14 21.14 30.40
CA ILE C 163 -0.44 20.74 31.78
C ILE C 163 0.62 21.34 32.74
N ALA C 164 1.91 21.35 32.34
CA ALA C 164 2.94 21.92 33.19
C ALA C 164 2.74 23.46 33.32
N TRP C 165 2.30 24.15 32.24
CA TRP C 165 1.99 25.59 32.24
C TRP C 165 0.80 25.88 33.17
N LEU C 166 -0.28 25.06 33.04
CA LEU C 166 -1.48 25.19 33.85
C LEU C 166 -1.15 25.08 35.37
N LYS C 167 -0.36 24.07 35.78
CA LYS C 167 0.03 23.87 37.17
C LYS C 167 0.83 25.07 37.69
N ARG C 168 1.72 25.68 36.86
CA ARG C 168 2.53 26.86 37.22
C ARG C 168 1.62 28.07 37.45
N PHE C 169 0.73 28.37 36.49
CA PHE C 169 -0.23 29.47 36.57
C PHE C 169 -1.21 29.30 37.73
N LEU C 170 -1.65 28.04 38.00
CA LEU C 170 -2.54 27.69 39.10
C LEU C 170 -1.92 28.10 40.45
N GLU C 171 -0.59 27.86 40.62
CA GLU C 171 0.17 28.26 41.79
C GLU C 171 0.30 29.80 41.85
N TYR C 172 0.72 30.45 40.72
CA TYR C 172 0.82 31.91 40.64
C TYR C 172 -0.49 32.60 41.10
N GLY C 173 -1.65 32.12 40.62
CA GLY C 173 -2.92 32.73 40.98
C GLY C 173 -3.78 31.99 41.99
N LYS C 174 -3.15 31.17 42.88
CA LYS C 174 -3.84 30.33 43.88
C LYS C 174 -4.80 31.11 44.79
N ASP C 175 -4.45 32.35 45.19
CA ASP C 175 -5.29 33.19 46.06
C ASP C 175 -6.58 33.58 45.36
N THR C 176 -6.56 33.59 44.02
CA THR C 176 -7.74 33.89 43.21
C THR C 176 -8.46 32.59 42.84
N LEU C 177 -7.76 31.68 42.16
CA LEU C 177 -8.29 30.49 41.51
C LEU C 177 -8.73 29.40 42.44
N GLN C 178 -8.11 29.29 43.61
CA GLN C 178 -8.37 28.19 44.53
C GLN C 178 -9.19 28.58 45.75
N ARG C 179 -9.71 29.80 45.78
CA ARG C 179 -10.56 30.25 46.88
C ARG C 179 -12.01 29.79 46.67
N THR C 180 -12.85 29.91 47.72
CA THR C 180 -14.27 29.63 47.53
C THR C 180 -15.07 30.70 48.30
N GLU C 181 -16.02 31.29 47.60
CA GLU C 181 -16.94 32.28 48.14
C GLU C 181 -18.33 31.65 48.03
N PRO C 182 -18.92 31.14 49.14
CA PRO C 182 -20.23 30.46 49.03
C PRO C 182 -21.35 31.35 48.50
N PRO C 183 -22.36 30.77 47.82
CA PRO C 183 -23.48 31.60 47.32
C PRO C 183 -24.46 32.06 48.42
N LEU C 184 -25.09 33.24 48.19
CA LEU C 184 -26.20 33.82 48.96
C LEU C 184 -27.42 33.42 48.17
N VAL C 185 -28.27 32.50 48.70
CA VAL C 185 -29.40 31.99 47.93
C VAL C 185 -30.74 32.36 48.60
N ARG C 186 -31.68 32.86 47.79
CA ARG C 186 -33.04 33.25 48.14
C ARG C 186 -34.01 32.75 47.07
N VAL C 187 -35.33 32.76 47.38
CA VAL C 187 -36.40 32.40 46.45
C VAL C 187 -37.40 33.60 46.39
N ASN C 188 -37.76 34.03 45.18
CA ASN C 188 -38.72 35.12 44.87
C ASN C 188 -39.93 34.57 44.14
N ARG C 189 -41.14 35.09 44.43
CA ARG C 189 -42.41 34.62 43.82
C ARG C 189 -42.74 35.37 42.52
N ALA C 198 -44.75 31.99 39.10
CA ALA C 198 -43.39 31.49 38.86
C ALA C 198 -42.45 31.71 40.06
N LEU C 199 -41.73 30.66 40.46
CA LEU C 199 -40.76 30.71 41.57
C LEU C 199 -39.32 30.88 41.03
N PHE C 200 -38.62 31.95 41.44
CA PHE C 200 -37.24 32.22 41.04
C PHE C 200 -36.27 31.94 42.18
N CYS C 201 -35.32 31.02 41.94
CA CYS C 201 -34.28 30.72 42.91
C CYS C 201 -33.04 31.47 42.47
N LYS C 202 -32.54 32.41 43.30
CA LYS C 202 -31.41 33.26 42.92
C LYS C 202 -30.20 33.15 43.84
N ALA C 203 -29.03 32.86 43.25
CA ALA C 203 -27.75 32.76 43.97
C ALA C 203 -26.83 33.86 43.50
N HIS C 204 -26.06 34.45 44.43
CA HIS C 204 -25.11 35.51 44.08
C HIS C 204 -23.94 35.51 45.06
N GLY C 205 -22.87 36.26 44.71
CA GLY C 205 -21.64 36.42 45.49
C GLY C 205 -20.76 35.19 45.51
N PHE C 206 -21.00 34.20 44.64
CA PHE C 206 -20.21 32.97 44.71
C PHE C 206 -18.98 32.92 43.83
N TYR C 207 -18.01 32.10 44.24
CA TYR C 207 -16.77 31.78 43.51
C TYR C 207 -16.36 30.40 43.96
N PRO C 208 -15.99 29.44 43.06
CA PRO C 208 -15.87 29.55 41.59
C PRO C 208 -17.21 29.73 40.85
N PRO C 209 -17.21 30.10 39.54
CA PRO C 209 -18.50 30.27 38.82
C PRO C 209 -19.30 28.97 38.62
N GLU C 210 -18.69 27.78 38.74
CA GLU C 210 -19.38 26.48 38.57
C GLU C 210 -20.38 26.24 39.70
N ILE C 211 -21.66 26.19 39.32
CA ILE C 211 -22.75 26.01 40.27
C ILE C 211 -23.86 25.17 39.63
N TYR C 212 -24.60 24.44 40.45
CA TYR C 212 -25.70 23.61 39.97
C TYR C 212 -26.95 24.01 40.78
N MET C 213 -27.88 24.66 40.10
CA MET C 213 -29.15 25.14 40.63
C MET C 213 -30.30 24.40 39.95
N THR C 214 -31.13 23.67 40.72
CA THR C 214 -32.29 22.99 40.14
C THR C 214 -33.53 23.17 41.04
N TRP C 215 -34.69 22.80 40.51
CA TRP C 215 -35.95 22.81 41.26
C TRP C 215 -36.45 21.38 41.39
N MET C 216 -36.96 21.07 42.57
CA MET C 216 -37.55 19.76 42.83
C MET C 216 -39.02 19.96 43.24
N LYS C 217 -39.87 19.00 42.87
CA LYS C 217 -41.31 19.01 43.17
C LYS C 217 -41.66 17.72 43.89
N ASN C 218 -41.97 17.83 45.19
CA ASN C 218 -42.33 16.74 46.11
C ASN C 218 -41.26 15.62 46.09
N GLY C 219 -39.98 16.02 46.10
CA GLY C 219 -38.84 15.10 46.11
C GLY C 219 -38.23 14.71 44.77
N GLU C 220 -38.85 15.11 43.65
CA GLU C 220 -38.35 14.80 42.29
C GLU C 220 -38.54 15.98 41.33
N ILE C 226 -38.15 23.40 33.89
CA ILE C 226 -37.32 24.38 34.60
C ILE C 226 -36.65 25.32 33.59
N ASP C 227 -36.67 26.63 33.88
CA ASP C 227 -35.97 27.63 33.08
C ASP C 227 -34.66 27.97 33.84
N TYR C 228 -33.52 27.65 33.21
CA TYR C 228 -32.19 27.86 33.76
C TYR C 228 -31.56 29.15 33.26
N GLY C 229 -31.04 29.92 34.21
CA GLY C 229 -30.34 31.17 33.91
C GLY C 229 -28.87 30.90 33.74
N ASP C 230 -28.16 31.81 33.08
CA ASP C 230 -26.72 31.68 32.89
C ASP C 230 -25.96 32.11 34.12
N ILE C 231 -24.73 31.61 34.27
CA ILE C 231 -23.85 32.03 35.34
C ILE C 231 -23.19 33.30 34.82
N LEU C 232 -23.53 34.44 35.43
CA LEU C 232 -23.06 35.74 34.98
C LEU C 232 -22.09 36.38 35.94
N PRO C 233 -21.08 37.13 35.42
CA PRO C 233 -20.15 37.82 36.34
C PRO C 233 -20.83 39.04 36.97
N SER C 234 -20.68 39.21 38.28
CA SER C 234 -21.28 40.38 38.95
C SER C 234 -20.39 41.63 38.79
N GLY C 235 -19.13 41.42 38.40
CA GLY C 235 -18.18 42.50 38.13
C GLY C 235 -17.16 42.73 39.21
N ASP C 236 -17.25 41.96 40.30
CA ASP C 236 -16.35 42.09 41.45
C ASP C 236 -15.52 40.80 41.66
N GLY C 237 -15.49 39.94 40.65
CA GLY C 237 -14.80 38.67 40.73
C GLY C 237 -15.72 37.54 41.17
N THR C 238 -17.00 37.86 41.50
CA THR C 238 -17.96 36.83 41.92
C THR C 238 -19.04 36.73 40.88
N TYR C 239 -19.87 35.71 41.00
CA TYR C 239 -20.89 35.38 40.01
C TYR C 239 -22.28 35.28 40.61
N GLN C 240 -23.27 35.31 39.71
CA GLN C 240 -24.67 35.19 40.04
C GLN C 240 -25.38 34.31 39.03
N ALA C 241 -26.41 33.60 39.51
CA ALA C 241 -27.20 32.73 38.65
C ALA C 241 -28.62 32.57 39.19
N TRP C 242 -29.49 31.98 38.37
CA TRP C 242 -30.87 31.74 38.75
C TRP C 242 -31.44 30.50 38.02
N ALA C 243 -32.60 30.04 38.51
CA ALA C 243 -33.41 28.95 37.98
C ALA C 243 -34.85 29.21 38.40
N SER C 244 -35.81 29.18 37.45
CA SER C 244 -37.23 29.44 37.73
C SER C 244 -38.13 28.27 37.35
N ILE C 245 -39.20 28.06 38.12
CA ILE C 245 -40.21 27.01 37.91
C ILE C 245 -41.59 27.68 37.91
N GLU C 246 -42.52 27.17 37.08
CA GLU C 246 -43.88 27.70 36.97
C GLU C 246 -44.86 26.81 37.72
N SER C 252 -51.65 22.31 45.02
CA SER C 252 -50.44 22.67 45.76
C SER C 252 -49.34 21.64 45.58
N ASN C 253 -48.09 22.08 45.62
CA ASN C 253 -46.95 21.18 45.49
C ASN C 253 -45.82 21.58 46.43
N LEU C 254 -44.98 20.59 46.78
CA LEU C 254 -43.82 20.83 47.65
C LEU C 254 -42.61 21.20 46.76
N TYR C 255 -42.40 22.52 46.50
CA TYR C 255 -41.27 22.98 45.68
C TYR C 255 -40.06 23.36 46.53
N SER C 256 -38.89 22.79 46.19
CA SER C 256 -37.64 23.08 46.88
C SER C 256 -36.52 23.38 45.89
N CYS C 257 -35.75 24.46 46.15
CA CYS C 257 -34.60 24.81 45.33
C CYS C 257 -33.35 24.10 45.85
N HIS C 258 -32.60 23.45 44.94
CA HIS C 258 -31.38 22.71 45.26
C HIS C 258 -30.19 23.38 44.57
N VAL C 259 -29.16 23.70 45.36
CA VAL C 259 -27.93 24.39 44.95
C VAL C 259 -26.73 23.59 45.43
N GLU C 260 -25.83 23.24 44.50
CA GLU C 260 -24.60 22.56 44.79
C GLU C 260 -23.46 23.52 44.36
N HIS C 261 -22.54 23.78 45.28
CA HIS C 261 -21.40 24.65 45.03
C HIS C 261 -20.23 24.20 45.86
N SER C 262 -19.08 23.92 45.20
CA SER C 262 -17.80 23.48 45.79
C SER C 262 -17.94 22.48 46.95
N GLY C 263 -18.68 21.41 46.73
CA GLY C 263 -18.86 20.33 47.68
C GLY C 263 -19.87 20.56 48.79
N VAL C 264 -20.66 21.62 48.70
CA VAL C 264 -21.70 21.93 49.71
C VAL C 264 -23.07 21.91 49.00
N HIS C 265 -24.03 21.11 49.56
CA HIS C 265 -25.38 21.06 48.99
C HIS C 265 -26.31 21.90 49.87
N MET C 266 -27.24 22.59 49.23
CA MET C 266 -28.18 23.47 49.94
C MET C 266 -29.60 23.22 49.43
N VAL C 267 -30.59 23.26 50.34
CA VAL C 267 -32.01 23.08 50.02
C VAL C 267 -32.81 24.26 50.61
N LEU C 268 -33.63 24.93 49.79
CA LEU C 268 -34.53 26.01 50.19
C LEU C 268 -35.97 25.57 49.90
N GLN C 269 -36.64 24.96 50.90
CA GLN C 269 -38.04 24.50 50.82
C GLN C 269 -38.99 25.70 50.80
N VAL C 270 -39.94 25.73 49.85
CA VAL C 270 -40.92 26.83 49.74
C VAL C 270 -42.21 26.43 50.48
N GLY D 1 15.87 26.66 28.69
CA GLY D 1 16.57 25.45 29.10
C GLY D 1 17.75 25.74 30.00
N GLN D 2 18.73 24.81 30.06
CA GLN D 2 19.91 24.93 30.91
C GLN D 2 21.10 24.20 30.31
N ASN D 3 21.14 22.83 30.30
CA ASN D 3 22.32 22.20 29.72
C ASN D 3 22.05 20.93 28.91
N ILE D 4 22.93 20.70 27.93
CA ILE D 4 22.93 19.55 27.06
C ILE D 4 24.32 18.89 27.15
N ASP D 5 24.36 17.58 27.41
CA ASP D 5 25.64 16.89 27.45
C ASP D 5 25.73 15.82 26.40
N GLN D 6 26.88 15.80 25.73
CA GLN D 6 27.19 14.78 24.74
C GLN D 6 28.69 14.55 24.73
N PRO D 7 29.14 13.29 24.48
CA PRO D 7 30.61 13.03 24.48
C PRO D 7 31.31 13.92 23.45
N THR D 8 32.54 14.32 23.73
CA THR D 8 33.31 15.17 22.84
C THR D 8 33.65 14.42 21.53
N GLU D 9 34.04 13.16 21.65
CA GLU D 9 34.50 12.38 20.51
C GLU D 9 34.23 10.92 20.73
N MET D 10 33.99 10.21 19.62
CA MET D 10 33.81 8.76 19.57
C MET D 10 34.57 8.20 18.38
N THR D 11 35.19 7.02 18.56
CA THR D 11 35.93 6.31 17.53
C THR D 11 35.39 4.89 17.45
N ALA D 12 34.97 4.51 16.23
CA ALA D 12 34.41 3.21 15.90
C ALA D 12 35.01 2.71 14.57
N THR D 13 34.85 1.43 14.30
CA THR D 13 35.41 0.82 13.09
C THR D 13 34.34 0.80 11.95
N GLU D 14 34.81 0.95 10.72
CA GLU D 14 34.00 0.90 9.50
C GLU D 14 33.20 -0.43 9.47
N GLY D 15 31.90 -0.34 9.14
CA GLY D 15 31.02 -1.50 9.12
C GLY D 15 30.37 -1.85 10.46
N ALA D 16 30.80 -1.19 11.55
CA ALA D 16 30.25 -1.46 12.87
C ALA D 16 29.11 -0.47 13.23
N ILE D 17 28.67 -0.47 14.48
CA ILE D 17 27.56 0.34 15.02
C ILE D 17 28.09 1.29 16.07
N VAL D 18 27.57 2.53 16.07
CA VAL D 18 27.93 3.55 17.08
C VAL D 18 26.61 4.17 17.60
N GLN D 19 26.57 4.39 18.91
CA GLN D 19 25.46 5.03 19.58
C GLN D 19 25.97 6.31 20.19
N ILE D 20 25.51 7.47 19.72
CA ILE D 20 25.93 8.77 20.22
C ILE D 20 24.88 9.25 21.21
N ASN D 21 25.27 9.48 22.47
CA ASN D 21 24.32 9.86 23.52
C ASN D 21 24.15 11.36 23.71
N CYS D 22 22.93 11.75 24.08
CA CYS D 22 22.61 13.14 24.40
C CYS D 22 21.74 13.20 25.63
N THR D 23 22.19 13.90 26.68
CA THR D 23 21.39 14.04 27.90
C THR D 23 21.08 15.49 28.04
N TYR D 24 19.86 15.80 28.45
CA TYR D 24 19.46 17.20 28.53
C TYR D 24 18.73 17.52 29.84
N GLN D 25 18.96 18.75 30.35
CA GLN D 25 18.31 19.38 31.51
C GLN D 25 17.82 20.71 31.02
N THR D 26 16.51 20.79 30.73
CA THR D 26 15.98 21.99 30.11
C THR D 26 14.73 22.47 30.82
N SER D 27 14.34 23.74 30.55
CA SER D 27 13.16 24.35 31.13
C SER D 27 12.01 24.07 30.18
N GLY D 28 11.49 22.85 30.28
CA GLY D 28 10.43 22.35 29.42
C GLY D 28 10.98 21.58 28.23
N PHE D 29 10.08 21.03 27.43
CA PHE D 29 10.51 20.21 26.30
C PHE D 29 9.51 20.23 25.15
N ASN D 30 9.98 20.70 23.97
CA ASN D 30 9.19 20.73 22.74
C ASN D 30 9.90 19.98 21.59
N GLY D 31 10.79 19.06 21.95
CA GLY D 31 11.46 18.22 20.96
C GLY D 31 12.98 18.29 20.96
N LEU D 32 13.59 17.21 20.48
CA LEU D 32 15.04 17.02 20.40
C LEU D 32 15.43 16.78 18.96
N PHE D 33 16.45 17.50 18.52
CA PHE D 33 16.98 17.44 17.18
C PHE D 33 18.40 16.89 17.13
N TRP D 34 18.72 16.20 16.01
CA TRP D 34 20.07 15.79 15.67
C TRP D 34 20.42 16.40 14.33
N TYR D 35 21.64 16.95 14.29
CA TYR D 35 22.22 17.57 13.10
C TYR D 35 23.54 16.93 12.80
N GLN D 36 23.87 16.76 11.51
CA GLN D 36 25.18 16.31 11.10
C GLN D 36 25.98 17.52 10.65
N GLN D 37 27.25 17.61 11.05
CA GLN D 37 28.12 18.68 10.59
C GLN D 37 29.46 18.15 10.15
N HIS D 38 29.65 18.07 8.82
CA HIS D 38 30.96 17.69 8.25
C HIS D 38 31.90 18.83 8.52
N ALA D 39 33.19 18.53 8.76
CA ALA D 39 34.21 19.53 9.12
C ALA D 39 34.34 20.67 8.07
N GLY D 40 34.17 21.92 8.53
CA GLY D 40 34.18 23.13 7.69
C GLY D 40 32.91 23.36 6.89
N GLU D 41 31.84 22.56 7.19
CA GLU D 41 30.57 22.65 6.45
C GLU D 41 29.42 23.05 7.37
N ALA D 42 28.25 23.27 6.78
CA ALA D 42 27.04 23.65 7.50
C ALA D 42 26.45 22.45 8.21
N PRO D 43 25.87 22.63 9.42
CA PRO D 43 25.09 21.53 9.99
C PRO D 43 23.86 21.27 9.12
N THR D 44 23.44 20.01 8.97
CA THR D 44 22.21 19.65 8.25
C THR D 44 21.35 18.79 9.18
N PHE D 45 20.04 18.98 9.09
CA PHE D 45 19.04 18.27 9.88
C PHE D 45 19.03 16.74 9.60
N LEU D 46 19.04 15.95 10.68
CA LEU D 46 18.97 14.49 10.63
C LEU D 46 17.66 13.99 11.18
N SER D 47 17.28 14.43 12.38
CA SER D 47 16.10 13.84 13.01
C SER D 47 15.46 14.74 14.07
N TYR D 48 14.21 14.39 14.36
CA TYR D 48 13.40 15.05 15.36
C TYR D 48 12.67 14.02 16.17
N ASN D 49 12.71 14.13 17.50
CA ASN D 49 11.94 13.24 18.39
C ASN D 49 11.29 14.09 19.45
N VAL D 50 10.03 13.80 19.78
CA VAL D 50 9.32 14.56 20.81
C VAL D 50 8.52 13.59 21.65
N LEU D 51 8.12 12.44 21.08
CA LEU D 51 7.45 11.37 21.84
C LEU D 51 8.48 10.28 22.14
N ASP D 52 8.16 9.35 23.03
CA ASP D 52 9.09 8.29 23.43
C ASP D 52 9.24 7.18 22.39
N GLY D 53 10.45 6.65 22.27
CA GLY D 53 10.73 5.54 21.38
C GLY D 53 11.80 5.80 20.34
N LEU D 54 11.89 4.89 19.38
CA LEU D 54 12.90 4.87 18.33
C LEU D 54 12.27 5.13 16.98
N GLU D 55 12.90 6.00 16.17
CA GLU D 55 12.48 6.35 14.82
C GLU D 55 13.62 6.10 13.83
N GLU D 56 13.36 5.37 12.72
CA GLU D 56 14.34 5.05 11.69
C GLU D 56 14.29 6.00 10.51
N LYS D 57 15.47 6.18 9.86
CA LYS D 57 15.72 6.98 8.66
C LYS D 57 17.06 6.52 8.09
N GLY D 58 16.99 5.50 7.23
CA GLY D 58 18.16 4.87 6.61
C GLY D 58 18.98 4.10 7.64
N ARG D 59 20.31 4.31 7.63
CA ARG D 59 21.25 3.69 8.59
C ARG D 59 21.19 4.41 9.94
N PHE D 60 20.54 5.63 9.97
CA PHE D 60 20.32 6.45 11.17
C PHE D 60 18.99 6.12 11.84
N SER D 61 19.04 5.92 13.14
CA SER D 61 17.92 5.75 14.06
C SER D 61 18.08 6.75 15.15
N SER D 62 16.96 7.29 15.63
CA SER D 62 16.94 8.28 16.70
C SER D 62 15.99 7.84 17.77
N PHE D 63 16.49 7.76 19.00
CA PHE D 63 15.74 7.33 20.17
C PHE D 63 15.49 8.45 21.15
N LEU D 64 14.34 8.42 21.82
CA LEU D 64 14.10 9.40 22.87
C LEU D 64 13.42 8.74 24.09
N SER D 65 13.89 9.12 25.29
CA SER D 65 13.25 8.82 26.56
C SER D 65 12.99 10.16 27.27
N ARG D 66 11.73 10.61 27.31
CA ARG D 66 11.41 11.88 28.00
C ARG D 66 11.61 11.78 29.52
N SER D 67 11.21 10.65 30.14
CA SER D 67 11.34 10.47 31.60
C SER D 67 12.82 10.41 32.03
N LYS D 68 13.69 9.86 31.18
CA LYS D 68 15.12 9.77 31.49
C LYS D 68 15.89 11.01 30.97
N GLY D 69 15.26 11.82 30.13
CA GLY D 69 15.87 13.03 29.58
C GLY D 69 17.08 12.74 28.71
N TYR D 70 16.95 11.73 27.84
CA TYR D 70 18.08 11.43 26.96
C TYR D 70 17.62 10.90 25.63
N SER D 71 18.53 11.00 24.69
CA SER D 71 18.34 10.52 23.35
C SER D 71 19.63 9.87 22.89
N TYR D 72 19.55 9.05 21.86
CA TYR D 72 20.74 8.60 21.16
C TYR D 72 20.47 8.64 19.69
N LEU D 73 21.52 8.95 18.93
CA LEU D 73 21.57 8.83 17.51
C LEU D 73 22.36 7.53 17.23
N LEU D 74 21.70 6.56 16.58
CA LEU D 74 22.32 5.26 16.28
C LEU D 74 22.72 5.14 14.80
N LEU D 75 24.00 4.88 14.53
CA LEU D 75 24.53 4.74 13.17
C LEU D 75 24.96 3.28 12.92
N LYS D 76 24.31 2.59 11.99
CA LYS D 76 24.65 1.20 11.64
C LYS D 76 25.48 1.17 10.37
N GLU D 77 26.26 0.09 10.17
CA GLU D 77 27.10 -0.14 8.95
C GLU D 77 27.91 1.12 8.63
N LEU D 78 28.77 1.51 9.59
CA LEU D 78 29.53 2.74 9.51
C LEU D 78 30.36 2.82 8.26
N GLN D 79 30.33 3.97 7.58
CA GLN D 79 31.14 4.22 6.41
C GLN D 79 32.04 5.39 6.71
N MET D 80 33.17 5.54 5.98
CA MET D 80 34.06 6.68 6.14
C MET D 80 33.35 8.01 6.00
N LYS D 81 32.29 8.09 5.14
CA LYS D 81 31.59 9.39 4.95
C LYS D 81 30.78 9.79 6.19
N ASP D 82 30.64 8.90 7.18
CA ASP D 82 29.93 9.22 8.43
C ASP D 82 30.83 10.06 9.36
N SER D 83 32.12 10.21 8.98
CA SER D 83 33.08 11.04 9.76
C SER D 83 32.61 12.48 9.73
N ALA D 84 32.15 12.97 10.89
CA ALA D 84 31.56 14.29 11.07
C ALA D 84 31.31 14.56 12.54
N SER D 85 30.81 15.76 12.85
CA SER D 85 30.35 16.06 14.19
C SER D 85 28.83 15.95 14.19
N TYR D 86 28.30 15.44 15.29
CA TYR D 86 26.87 15.25 15.47
C TYR D 86 26.38 16.11 16.63
N LEU D 87 25.50 17.06 16.31
CA LEU D 87 24.99 18.06 17.24
C LEU D 87 23.60 17.69 17.73
N CYS D 88 23.45 17.67 19.06
CA CYS D 88 22.17 17.44 19.71
C CYS D 88 21.63 18.79 20.10
N ALA D 89 20.33 19.03 19.87
CA ALA D 89 19.70 20.29 20.25
C ALA D 89 18.28 20.06 20.76
N VAL D 90 17.88 20.84 21.76
CA VAL D 90 16.55 20.70 22.38
C VAL D 90 15.81 22.03 22.38
N LYS D 91 14.50 22.02 22.06
CA LYS D 91 13.66 23.20 22.21
C LYS D 91 13.06 23.17 23.59
N ASP D 92 13.22 24.24 24.35
CA ASP D 92 12.63 24.32 25.69
C ASP D 92 11.14 24.74 25.57
N SER D 93 10.51 25.08 26.71
CA SER D 93 9.09 25.51 26.80
C SER D 93 8.79 26.73 25.94
N ASN D 94 9.79 27.59 25.72
CA ASN D 94 9.65 28.82 24.95
C ASN D 94 10.29 28.71 23.58
N TYR D 95 10.48 27.45 23.09
CA TYR D 95 10.99 27.06 21.76
C TYR D 95 12.40 27.58 21.54
N GLN D 96 13.12 27.82 22.64
CA GLN D 96 14.50 28.26 22.52
C GLN D 96 15.34 27.02 22.34
N LEU D 97 16.28 27.08 21.39
CA LEU D 97 17.15 25.94 21.13
C LEU D 97 18.37 25.96 22.02
N ILE D 98 18.56 24.89 22.77
CA ILE D 98 19.74 24.68 23.60
C ILE D 98 20.57 23.61 22.86
N TRP D 99 21.81 23.96 22.47
CA TRP D 99 22.71 23.12 21.68
C TRP D 99 23.79 22.42 22.50
N GLY D 100 23.98 21.13 22.21
CA GLY D 100 25.10 20.37 22.77
C GLY D 100 26.37 20.83 22.08
N ALA D 101 27.54 20.55 22.69
CA ALA D 101 28.83 21.00 22.15
C ALA D 101 29.25 20.17 20.90
N GLY D 102 28.56 19.07 20.65
CA GLY D 102 28.78 18.21 19.50
C GLY D 102 29.67 17.04 19.80
N THR D 103 29.45 15.90 19.09
CA THR D 103 30.30 14.71 19.17
C THR D 103 31.00 14.54 17.82
N LYS D 104 32.34 14.55 17.85
CA LYS D 104 33.15 14.29 16.66
C LYS D 104 33.26 12.76 16.49
N LEU D 105 32.73 12.23 15.40
CA LEU D 105 32.79 10.80 15.14
C LEU D 105 33.96 10.47 14.20
N ILE D 106 34.92 9.69 14.70
CA ILE D 106 36.10 9.24 13.93
C ILE D 106 35.86 7.80 13.50
N ILE D 107 36.05 7.51 12.19
CA ILE D 107 35.84 6.15 11.64
C ILE D 107 37.21 5.56 11.27
N LYS D 108 37.52 4.37 11.80
CA LYS D 108 38.73 3.62 11.50
C LYS D 108 38.48 2.77 10.24
N PRO D 109 39.18 3.02 9.11
CA PRO D 109 38.93 2.18 7.93
C PRO D 109 39.43 0.77 8.16
N ASP D 110 38.77 -0.20 7.54
CA ASP D 110 39.25 -1.56 7.60
C ASP D 110 40.36 -1.69 6.54
N ILE D 111 41.61 -1.90 6.99
CA ILE D 111 42.77 -2.08 6.11
C ILE D 111 42.91 -3.59 5.88
N GLN D 112 42.60 -4.04 4.65
CA GLN D 112 42.62 -5.46 4.27
C GLN D 112 44.03 -6.05 4.37
N ASN D 113 45.03 -5.35 3.81
CA ASN D 113 46.42 -5.83 3.81
C ASN D 113 47.40 -4.75 4.35
N PRO D 114 47.55 -4.65 5.70
CA PRO D 114 48.49 -3.66 6.26
C PRO D 114 49.89 -3.84 5.72
N ASP D 115 50.54 -2.75 5.31
CA ASP D 115 51.89 -2.81 4.73
C ASP D 115 52.63 -1.57 5.26
N PRO D 116 52.77 -1.45 6.62
CA PRO D 116 53.37 -0.25 7.21
C PRO D 116 54.77 0.03 6.70
N ALA D 117 55.00 1.30 6.36
CA ALA D 117 56.27 1.74 5.83
C ALA D 117 56.50 3.24 6.06
N VAL D 118 57.78 3.62 6.20
CA VAL D 118 58.19 5.02 6.32
C VAL D 118 59.03 5.34 5.05
N TYR D 119 58.51 6.24 4.22
CA TYR D 119 59.21 6.59 2.99
C TYR D 119 59.77 7.98 3.00
N GLN D 120 60.85 8.15 2.25
CA GLN D 120 61.50 9.42 2.10
C GLN D 120 61.04 10.01 0.77
N LEU D 121 60.31 11.12 0.80
CA LEU D 121 59.88 11.75 -0.46
C LEU D 121 61.06 12.48 -1.09
N ARG D 122 61.02 12.68 -2.42
CA ARG D 122 62.09 13.40 -3.11
C ARG D 122 62.08 14.88 -2.67
N ASP D 123 63.29 15.45 -2.45
CA ASP D 123 63.47 16.85 -2.10
C ASP D 123 62.92 17.76 -3.20
N SER D 124 62.43 18.93 -2.82
CA SER D 124 62.00 19.93 -3.80
C SER D 124 63.16 20.94 -3.94
N LYS D 125 63.49 21.36 -5.18
CA LYS D 125 64.55 22.36 -5.40
C LYS D 125 64.11 23.74 -4.87
N SER D 126 62.82 23.92 -4.62
CA SER D 126 62.33 25.18 -4.07
C SER D 126 62.09 25.14 -2.53
N SER D 127 62.52 24.07 -1.83
CA SER D 127 62.33 23.98 -0.38
C SER D 127 63.54 23.34 0.32
N ASP D 128 63.84 23.79 1.56
CA ASP D 128 64.93 23.27 2.40
C ASP D 128 64.47 22.06 3.26
N LYS D 129 63.20 21.69 3.12
CA LYS D 129 62.60 20.62 3.94
C LYS D 129 62.89 19.22 3.44
N SER D 130 63.08 18.27 4.36
CA SER D 130 63.14 16.84 4.01
C SER D 130 61.80 16.30 4.50
N VAL D 131 61.09 15.53 3.68
CA VAL D 131 59.72 15.09 3.98
C VAL D 131 59.65 13.54 4.03
N CYS D 132 59.03 13.02 5.10
CA CYS D 132 58.85 11.58 5.33
C CYS D 132 57.37 11.24 5.39
N LEU D 133 57.02 10.06 4.88
CA LEU D 133 55.63 9.61 4.88
C LEU D 133 55.50 8.26 5.53
N PHE D 134 54.76 8.20 6.65
CA PHE D 134 54.38 6.99 7.36
C PHE D 134 53.05 6.55 6.76
N THR D 135 53.02 5.42 6.08
CA THR D 135 51.82 5.01 5.38
C THR D 135 51.57 3.50 5.45
N ASP D 136 50.31 3.14 5.09
CA ASP D 136 49.73 1.83 4.84
C ASP D 136 49.69 0.96 6.09
N PHE D 137 49.69 1.62 7.23
CA PHE D 137 49.59 0.96 8.52
C PHE D 137 48.09 0.73 8.85
N ASP D 138 47.85 -0.25 9.74
CA ASP D 138 46.56 -0.65 10.28
C ASP D 138 45.97 0.52 11.13
N SER D 139 44.65 0.67 11.14
CA SER D 139 43.92 1.75 11.82
C SER D 139 44.05 1.79 13.34
N GLN D 140 44.64 0.76 13.98
CA GLN D 140 44.83 0.78 15.44
C GLN D 140 46.03 1.65 15.79
N THR D 141 46.92 1.91 14.83
CA THR D 141 48.10 2.76 15.03
C THR D 141 47.70 4.23 15.23
N ASN D 142 48.32 4.84 16.24
CA ASN D 142 48.14 6.25 16.55
C ASN D 142 49.44 6.93 16.22
N VAL D 143 49.34 8.13 15.67
CA VAL D 143 50.50 8.92 15.29
C VAL D 143 50.68 9.98 16.38
N SER D 144 51.84 9.99 17.03
CA SER D 144 52.11 10.96 18.08
C SER D 144 52.66 12.25 17.51
N GLN D 145 52.33 13.37 18.19
CA GLN D 145 52.85 14.70 17.88
C GLN D 145 54.37 14.72 18.07
N SER D 146 55.05 15.63 17.37
CA SER D 146 56.49 15.81 17.44
C SER D 146 56.95 16.21 18.88
N LYS D 147 58.13 15.71 19.29
CA LYS D 147 58.77 16.02 20.58
C LYS D 147 59.86 17.10 20.40
N ASP D 148 60.37 17.25 19.16
CA ASP D 148 61.39 18.23 18.77
C ASP D 148 60.72 19.42 18.07
N SER D 149 61.01 20.64 18.55
CA SER D 149 60.43 21.91 18.07
C SER D 149 60.66 22.18 16.55
N ASP D 150 61.72 21.60 15.95
CA ASP D 150 61.99 21.82 14.53
C ASP D 150 61.56 20.62 13.66
N VAL D 151 60.68 19.76 14.22
CA VAL D 151 60.09 18.62 13.54
C VAL D 151 58.55 18.81 13.57
N TYR D 152 57.92 18.67 12.41
CA TYR D 152 56.48 18.82 12.32
C TYR D 152 55.89 17.51 11.85
N ILE D 153 54.95 16.96 12.63
CA ILE D 153 54.26 15.71 12.35
C ILE D 153 52.76 15.97 12.29
N THR D 154 52.13 15.64 11.16
CA THR D 154 50.70 15.88 11.06
C THR D 154 49.99 14.57 11.46
N ASP D 155 48.70 14.64 11.77
CA ASP D 155 47.98 13.43 12.17
C ASP D 155 47.63 12.54 10.95
N LYS D 156 47.18 11.32 11.21
CA LYS D 156 46.84 10.38 10.15
C LYS D 156 45.61 10.86 9.39
N CYS D 157 45.66 10.63 8.09
CA CYS D 157 44.67 11.04 7.10
C CYS D 157 44.25 9.79 6.33
N VAL D 158 42.94 9.55 6.12
CA VAL D 158 42.47 8.37 5.39
C VAL D 158 42.25 8.76 3.94
N LEU D 159 43.07 8.21 3.07
CA LEU D 159 43.02 8.44 1.64
C LEU D 159 42.24 7.32 0.93
N ASP D 160 41.36 7.66 -0.03
CA ASP D 160 40.59 6.69 -0.81
C ASP D 160 40.93 6.77 -2.30
N MET D 161 41.46 5.70 -2.83
CA MET D 161 41.76 5.58 -4.26
C MET D 161 40.56 4.83 -4.83
N ARG D 162 39.50 5.57 -5.19
CA ARG D 162 38.19 5.05 -5.62
C ARG D 162 38.29 4.09 -6.79
N SER D 163 39.06 4.48 -7.83
CA SER D 163 39.30 3.70 -9.06
C SER D 163 39.84 2.27 -8.76
N MET D 164 40.47 2.08 -7.58
CA MET D 164 41.05 0.80 -7.12
C MET D 164 40.35 0.29 -5.85
N ASP D 165 39.36 1.07 -5.31
CA ASP D 165 38.62 0.80 -4.08
C ASP D 165 39.65 0.43 -2.97
N PHE D 166 40.66 1.32 -2.78
CA PHE D 166 41.75 1.06 -1.87
C PHE D 166 41.90 2.22 -0.88
N LYS D 167 41.84 1.88 0.40
CA LYS D 167 41.96 2.87 1.46
C LYS D 167 43.30 2.71 2.18
N SER D 168 43.92 3.83 2.55
CA SER D 168 45.17 3.83 3.31
C SER D 168 45.27 5.02 4.27
N ASN D 169 45.90 4.77 5.42
CA ASN D 169 46.23 5.77 6.41
C ASN D 169 47.59 6.33 6.13
N SER D 170 47.79 7.65 6.32
CA SER D 170 49.15 8.17 6.25
C SER D 170 49.30 9.42 7.13
N ALA D 171 50.52 9.65 7.63
CA ALA D 171 50.88 10.84 8.38
C ALA D 171 52.16 11.35 7.77
N VAL D 172 52.38 12.67 7.80
CA VAL D 172 53.56 13.30 7.19
C VAL D 172 54.43 13.94 8.29
N ALA D 173 55.77 13.85 8.10
CA ALA D 173 56.72 14.46 9.00
C ALA D 173 57.75 15.22 8.20
N TRP D 174 58.17 16.38 8.71
CA TRP D 174 59.19 17.13 7.98
C TRP D 174 60.00 17.99 8.90
N SER D 175 61.19 18.37 8.41
CA SER D 175 62.16 19.22 9.08
C SER D 175 63.23 19.73 8.10
N ASN D 176 63.90 20.85 8.44
CA ASN D 176 65.04 21.35 7.66
C ASN D 176 66.37 21.11 8.44
N LYS D 177 66.31 20.37 9.58
CA LYS D 177 67.46 20.02 10.44
C LYS D 177 68.38 19.07 9.72
N SER D 178 69.71 19.25 9.91
CA SER D 178 70.74 18.40 9.33
C SER D 178 70.65 16.97 9.86
N ASP D 179 70.29 16.83 11.15
CA ASP D 179 70.17 15.57 11.88
C ASP D 179 68.94 14.72 11.48
N PHE D 180 67.95 15.33 10.77
CA PHE D 180 66.68 14.70 10.39
C PHE D 180 66.84 13.58 9.38
N ALA D 181 66.28 12.42 9.77
CA ALA D 181 66.27 11.19 8.99
C ALA D 181 64.91 10.55 9.17
N CYS D 182 64.36 10.00 8.07
CA CYS D 182 63.05 9.34 8.08
C CYS D 182 63.04 8.10 8.96
N ALA D 183 64.21 7.43 9.08
CA ALA D 183 64.36 6.26 9.98
C ALA D 183 64.03 6.63 11.43
N ASN D 184 64.17 7.90 11.81
CA ASN D 184 63.94 8.40 13.18
C ASN D 184 62.73 9.37 13.35
N ALA D 185 62.13 9.84 12.25
CA ALA D 185 61.04 10.83 12.25
C ALA D 185 59.84 10.45 13.13
N PHE D 186 59.35 9.22 13.05
CA PHE D 186 58.19 8.81 13.84
C PHE D 186 58.58 8.01 15.11
N ASN D 187 59.80 8.27 15.68
CA ASN D 187 60.34 7.60 16.89
C ASN D 187 59.47 7.82 18.14
N ASN D 188 58.67 8.92 18.17
CA ASN D 188 57.77 9.22 19.29
C ASN D 188 56.44 8.44 19.20
N SER D 189 56.15 7.80 18.05
CA SER D 189 54.89 7.06 17.96
C SER D 189 55.13 5.57 18.23
N ILE D 190 54.07 4.82 18.60
CA ILE D 190 54.18 3.36 18.73
C ILE D 190 53.85 2.85 17.34
N ILE D 191 54.87 2.43 16.61
CA ILE D 191 54.64 2.01 15.22
C ILE D 191 54.72 0.47 15.09
N PRO D 192 54.00 -0.15 14.11
CA PRO D 192 54.09 -1.62 13.94
C PRO D 192 55.51 -2.15 13.85
N GLU D 193 55.72 -3.32 14.46
CA GLU D 193 57.00 -4.04 14.47
C GLU D 193 57.49 -4.32 13.05
N ASP D 194 56.55 -4.65 12.14
CA ASP D 194 56.86 -4.97 10.74
C ASP D 194 57.03 -3.70 9.84
N THR D 195 57.14 -2.48 10.41
CA THR D 195 57.27 -1.24 9.59
C THR D 195 58.49 -1.36 8.68
N PHE D 196 58.27 -1.17 7.36
CA PHE D 196 59.31 -1.21 6.35
C PHE D 196 60.05 0.11 6.33
N PHE D 197 61.38 0.05 6.51
CA PHE D 197 62.26 1.22 6.44
C PHE D 197 63.23 1.02 5.25
N PRO D 198 62.83 1.37 3.98
CA PRO D 198 63.74 1.16 2.84
C PRO D 198 65.09 1.87 3.00
N SER D 199 66.15 1.28 2.43
CA SER D 199 67.50 1.84 2.51
C SER D 199 67.58 3.29 1.98
N PRO D 200 68.32 4.19 2.69
CA PRO D 200 68.43 5.58 2.21
C PRO D 200 69.62 5.79 1.28
N ALA E 2 18.91 26.56 -4.02
CA ALA E 2 20.00 27.38 -3.47
C ALA E 2 20.08 27.41 -1.90
N GLY E 3 18.94 27.61 -1.23
CA GLY E 3 18.85 27.63 0.24
C GLY E 3 19.29 28.92 0.89
N VAL E 4 20.30 28.83 1.76
CA VAL E 4 20.79 29.98 2.53
C VAL E 4 22.18 30.37 1.98
N THR E 5 22.30 31.62 1.52
CA THR E 5 23.51 32.19 0.95
C THR E 5 24.05 33.26 1.86
N GLN E 6 25.21 33.01 2.45
CA GLN E 6 25.85 33.98 3.32
C GLN E 6 27.28 34.30 2.84
N THR E 7 27.70 35.54 3.05
CA THR E 7 29.03 36.04 2.66
C THR E 7 29.59 36.96 3.73
N PRO E 8 30.92 37.12 3.79
CA PRO E 8 31.97 36.40 3.03
C PRO E 8 32.32 35.05 3.68
N LYS E 9 33.01 34.17 2.94
CA LYS E 9 33.47 32.88 3.46
C LYS E 9 34.54 33.12 4.54
N PHE E 10 35.45 34.10 4.29
CA PHE E 10 36.54 34.41 5.23
C PHE E 10 36.74 35.89 5.36
N GLN E 11 37.15 36.32 6.55
CA GLN E 11 37.42 37.73 6.76
C GLN E 11 38.37 37.92 7.92
N VAL E 12 39.44 38.69 7.68
CA VAL E 12 40.39 39.09 8.70
C VAL E 12 40.11 40.58 8.98
N LEU E 13 40.09 40.94 10.27
CA LEU E 13 39.81 42.30 10.73
C LEU E 13 40.76 42.71 11.80
N LYS E 14 41.01 44.01 11.87
CA LYS E 14 41.77 44.62 12.92
C LYS E 14 40.76 45.06 13.99
N THR E 15 41.11 44.98 15.29
CA THR E 15 40.27 45.46 16.39
C THR E 15 39.77 46.90 16.07
N GLY E 16 38.45 47.09 16.16
CA GLY E 16 37.83 48.39 15.92
C GLY E 16 37.28 48.59 14.52
N GLN E 17 37.62 47.67 13.61
CA GLN E 17 37.15 47.73 12.23
C GLN E 17 35.68 47.29 12.17
N SER E 18 34.94 47.80 11.17
CA SER E 18 33.55 47.50 10.93
C SER E 18 33.40 46.35 9.96
N MET E 19 32.39 45.50 10.19
CA MET E 19 32.09 44.42 9.27
C MET E 19 30.58 44.18 9.19
N THR E 20 30.10 43.85 7.99
CA THR E 20 28.74 43.42 7.78
C THR E 20 28.77 42.09 7.08
N LEU E 21 28.10 41.07 7.65
CA LEU E 21 27.91 39.76 7.04
C LEU E 21 26.52 39.75 6.38
N GLN E 22 26.44 39.33 5.14
CA GLN E 22 25.18 39.27 4.40
C GLN E 22 24.60 37.88 4.49
N CYS E 23 23.29 37.77 4.47
CA CYS E 23 22.60 36.49 4.40
C CYS E 23 21.27 36.63 3.71
N ALA E 24 21.00 35.75 2.76
CA ALA E 24 19.71 35.67 2.06
C ALA E 24 19.27 34.21 2.02
N GLN E 25 17.97 34.00 2.06
CA GLN E 25 17.40 32.66 1.88
C GLN E 25 16.34 32.79 0.79
N ASP E 26 16.24 31.80 -0.10
CA ASP E 26 15.28 31.85 -1.20
C ASP E 26 14.26 30.71 -1.04
N MET E 27 14.02 30.29 0.21
CA MET E 27 13.09 29.22 0.49
C MET E 27 11.73 29.74 0.96
N ASN E 28 11.52 31.09 0.92
CA ASN E 28 10.28 31.74 1.37
C ASN E 28 10.01 31.42 2.87
N HIS E 29 11.11 31.39 3.67
CA HIS E 29 11.06 31.13 5.12
C HIS E 29 10.69 32.38 5.82
N ASN E 30 10.07 32.26 6.99
CA ASN E 30 9.71 33.47 7.73
C ASN E 30 10.71 33.82 8.82
N SER E 31 11.39 32.82 9.39
CA SER E 31 12.32 33.03 10.51
C SER E 31 13.78 32.93 10.08
N MET E 32 14.60 33.87 10.57
CA MET E 32 16.03 33.92 10.23
C MET E 32 16.83 34.12 11.51
N TYR E 33 18.07 33.59 11.55
CA TYR E 33 18.91 33.59 12.76
C TYR E 33 20.37 33.83 12.45
N TRP E 34 21.10 34.34 13.41
CA TRP E 34 22.56 34.48 13.33
C TRP E 34 23.17 33.78 14.53
N TYR E 35 24.03 32.79 14.27
CA TYR E 35 24.72 32.01 15.29
C TYR E 35 26.21 32.22 15.24
N ARG E 36 26.90 31.90 16.34
CA ARG E 36 28.35 31.81 16.34
C ARG E 36 28.69 30.42 16.88
N GLN E 37 29.71 29.80 16.28
CA GLN E 37 30.21 28.49 16.66
C GLN E 37 31.64 28.63 17.11
N ASP E 38 31.89 28.28 18.35
CA ASP E 38 33.21 28.35 18.94
C ASP E 38 33.62 26.98 19.46
N PRO E 39 34.93 26.64 19.42
CA PRO E 39 35.37 25.33 19.96
C PRO E 39 34.96 25.10 21.42
N GLY E 40 34.52 23.88 21.69
CA GLY E 40 34.17 23.45 23.04
C GLY E 40 32.81 23.82 23.55
N MET E 41 31.96 24.39 22.67
CA MET E 41 30.63 24.75 23.16
C MET E 41 29.59 24.61 22.06
N GLY E 42 28.34 24.61 22.47
CA GLY E 42 27.22 24.55 21.52
C GLY E 42 27.01 25.88 20.84
N LEU E 43 26.33 25.84 19.67
CA LEU E 43 25.99 27.07 18.93
C LEU E 43 25.33 28.10 19.86
N ARG E 44 25.71 29.38 19.70
CA ARG E 44 25.09 30.42 20.51
C ARG E 44 24.40 31.41 19.61
N LEU E 45 23.09 31.64 19.87
CA LEU E 45 22.27 32.57 19.11
C LEU E 45 22.68 34.01 19.46
N ILE E 46 22.96 34.82 18.43
CA ILE E 46 23.39 36.23 18.56
C ILE E 46 22.14 37.14 18.52
N TYR E 47 21.37 37.06 17.41
CA TYR E 47 20.09 37.72 17.14
C TYR E 47 19.25 36.81 16.28
N TYR E 48 17.92 37.00 16.32
CA TYR E 48 17.02 36.24 15.46
C TYR E 48 15.89 37.15 14.96
N SER E 49 15.13 36.66 13.99
CA SER E 49 14.02 37.42 13.40
C SER E 49 12.89 36.42 13.19
N ALA E 50 11.90 36.34 14.13
CA ALA E 50 10.82 35.33 14.05
C ALA E 50 9.96 35.45 12.77
N SER E 51 9.86 36.65 12.22
CA SER E 51 9.16 36.91 10.96
C SER E 51 9.62 38.24 10.43
N GLU E 52 9.28 38.55 9.16
CA GLU E 52 9.62 39.85 8.55
C GLU E 52 9.05 40.97 9.44
N GLY E 53 9.82 42.03 9.65
CA GLY E 53 9.36 43.14 10.46
C GLY E 53 9.60 43.08 11.96
N THR E 54 10.26 42.01 12.45
CA THR E 54 10.59 41.92 13.88
C THR E 54 11.94 41.22 14.07
N THR E 55 12.72 41.73 15.02
CA THR E 55 14.01 41.17 15.40
C THR E 55 14.13 41.23 16.90
N ASP E 56 15.00 40.40 17.48
CA ASP E 56 15.28 40.44 18.90
C ASP E 56 16.64 39.82 19.19
N LYS E 57 17.21 40.21 20.34
CA LYS E 57 18.47 39.70 20.88
C LYS E 57 18.38 38.20 21.18
N GLY E 58 19.50 37.52 20.97
CA GLY E 58 19.63 36.11 21.29
C GLY E 58 20.35 36.01 22.61
N GLU E 59 21.26 35.04 22.74
CA GLU E 59 22.06 34.80 23.93
C GLU E 59 23.29 35.72 24.01
N VAL E 60 23.94 35.99 22.86
CA VAL E 60 25.18 36.78 22.86
C VAL E 60 25.04 38.01 21.89
N PRO E 61 24.15 38.99 22.20
CA PRO E 61 23.95 40.11 21.27
C PRO E 61 25.00 41.24 21.39
N ASN E 62 25.75 41.30 22.50
CA ASN E 62 26.72 42.38 22.75
C ASN E 62 27.84 42.42 21.71
N GLY E 63 27.96 43.56 21.02
CA GLY E 63 28.95 43.82 19.98
C GLY E 63 28.42 43.61 18.57
N TYR E 64 27.12 43.27 18.45
CA TYR E 64 26.44 42.98 17.20
C TYR E 64 25.13 43.72 17.06
N ASN E 65 24.68 43.85 15.83
CA ASN E 65 23.40 44.42 15.43
C ASN E 65 22.96 43.73 14.17
N VAL E 66 21.64 43.66 13.94
CA VAL E 66 21.11 43.00 12.76
C VAL E 66 20.10 43.84 12.03
N SER E 67 19.84 43.48 10.77
CA SER E 67 18.77 44.11 10.00
C SER E 67 18.05 43.08 9.18
N ARG E 68 16.76 42.93 9.46
CA ARG E 68 15.88 42.11 8.65
C ARG E 68 15.40 43.05 7.55
N LEU E 69 16.25 43.25 6.52
CA LEU E 69 15.99 44.18 5.43
C LEU E 69 14.66 43.88 4.72
N ASN E 70 14.37 42.59 4.50
CA ASN E 70 13.13 42.13 3.88
C ASN E 70 12.89 40.67 4.29
N LYS E 71 11.95 39.95 3.64
CA LYS E 71 11.66 38.55 3.99
C LYS E 71 12.84 37.58 3.67
N ARG E 72 13.66 37.93 2.67
CA ARG E 72 14.77 37.05 2.28
C ARG E 72 16.09 37.34 3.02
N GLU E 73 16.33 38.59 3.42
CA GLU E 73 17.64 39.02 3.92
C GLU E 73 17.70 39.38 5.38
N PHE E 74 18.82 39.00 6.02
CA PHE E 74 19.09 39.24 7.44
C PHE E 74 20.58 39.45 7.63
N SER E 75 20.99 40.71 7.75
CA SER E 75 22.41 41.03 7.84
C SER E 75 22.86 41.18 9.30
N LEU E 76 24.14 40.89 9.54
CA LEU E 76 24.76 40.97 10.85
C LEU E 76 25.86 41.98 10.78
N ARG E 77 25.87 42.91 11.71
CA ARG E 77 26.82 43.99 11.77
C ARG E 77 27.68 43.93 13.03
N LEU E 78 29.02 44.07 12.87
CA LEU E 78 30.06 44.18 13.91
C LEU E 78 30.59 45.61 13.79
N GLU E 79 30.04 46.53 14.59
CA GLU E 79 30.41 47.94 14.44
C GLU E 79 31.89 48.23 14.80
N SER E 80 32.38 47.69 15.92
CA SER E 80 33.79 47.83 16.35
C SER E 80 34.30 46.43 16.72
N ALA E 81 34.91 45.72 15.76
CA ALA E 81 35.34 44.33 15.94
C ALA E 81 36.29 44.16 17.11
N ALA E 82 36.03 43.13 17.93
CA ALA E 82 36.88 42.80 19.07
C ALA E 82 37.45 41.38 18.88
N PRO E 83 38.69 41.10 19.35
CA PRO E 83 39.27 39.75 19.16
C PRO E 83 38.40 38.59 19.68
N SER E 84 37.51 38.85 20.66
CA SER E 84 36.57 37.84 21.19
C SER E 84 35.51 37.45 20.13
N GLN E 85 35.34 38.28 19.07
CA GLN E 85 34.40 38.01 17.96
C GLN E 85 35.05 37.12 16.88
N THR E 86 36.29 36.63 17.11
CA THR E 86 36.94 35.61 16.26
C THR E 86 36.08 34.38 16.42
N SER E 87 35.48 33.88 15.34
CA SER E 87 34.51 32.79 15.40
C SER E 87 34.11 32.36 14.01
N VAL E 88 33.21 31.38 13.98
CA VAL E 88 32.61 30.96 12.74
C VAL E 88 31.16 31.34 12.88
N TYR E 89 30.67 32.16 11.95
CA TYR E 89 29.30 32.66 11.98
C TYR E 89 28.39 31.91 11.03
N PHE E 90 27.24 31.48 11.53
CA PHE E 90 26.29 30.81 10.66
C PHE E 90 24.97 31.53 10.62
N CYS E 91 24.51 31.77 9.42
CA CYS E 91 23.17 32.26 9.20
C CYS E 91 22.26 31.03 9.10
N ALA E 92 21.04 31.10 9.63
CA ALA E 92 20.12 29.97 9.56
C ALA E 92 18.70 30.47 9.32
N SER E 93 17.84 29.61 8.79
CA SER E 93 16.45 29.98 8.60
C SER E 93 15.55 28.78 8.87
N SER E 94 14.28 29.05 9.19
CA SER E 94 13.25 28.03 9.39
C SER E 94 11.95 28.59 8.81
N VAL E 95 10.99 27.72 8.46
CA VAL E 95 9.71 28.12 7.87
C VAL E 95 9.01 29.09 8.84
N TRP E 96 8.84 28.67 10.10
CA TRP E 96 8.30 29.51 11.19
C TRP E 96 9.11 29.30 12.46
N THR E 97 8.72 30.01 13.52
CA THR E 97 9.25 29.90 14.89
C THR E 97 8.09 29.56 15.80
N GLY E 98 8.38 28.89 16.90
CA GLY E 98 7.35 28.56 17.88
C GLY E 98 6.47 27.41 17.45
N GLU E 99 7.07 26.44 16.77
CA GLU E 99 6.51 25.14 16.36
C GLU E 99 7.63 24.15 16.64
N GLY E 100 7.35 23.15 17.46
CA GLY E 100 8.36 22.21 17.93
C GLY E 100 9.15 21.46 16.89
N SER E 101 8.50 20.96 15.83
CA SER E 101 9.15 20.10 14.85
C SER E 101 10.00 20.79 13.75
N GLY E 102 9.74 22.06 13.45
CA GLY E 102 10.47 22.82 12.42
C GLY E 102 11.99 22.89 12.60
N GLU E 103 12.73 22.36 11.60
CA GLU E 103 14.19 22.33 11.66
C GLU E 103 14.83 23.63 11.07
N LEU E 104 16.13 23.78 11.30
CA LEU E 104 16.94 24.89 10.80
C LEU E 104 17.63 24.47 9.53
N PHE E 105 17.81 25.45 8.61
CA PHE E 105 18.49 25.36 7.34
C PHE E 105 19.64 26.34 7.46
N PHE E 106 20.87 25.81 7.42
CA PHE E 106 22.07 26.62 7.63
C PHE E 106 22.77 27.10 6.33
N GLY E 107 23.34 28.32 6.40
CA GLY E 107 24.24 28.87 5.40
C GLY E 107 25.62 28.21 5.53
N GLU E 108 26.51 28.45 4.56
CA GLU E 108 27.85 27.81 4.49
C GLU E 108 28.83 28.23 5.60
N GLY E 109 28.55 29.33 6.30
CA GLY E 109 29.40 29.81 7.39
C GLY E 109 30.38 30.88 6.97
N SER E 110 30.72 31.79 7.87
CA SER E 110 31.67 32.90 7.66
C SER E 110 32.71 32.86 8.75
N ARG E 111 33.97 32.63 8.37
CA ARG E 111 35.05 32.57 9.35
C ARG E 111 35.70 33.95 9.54
N LEU E 112 35.61 34.47 10.76
CA LEU E 112 36.17 35.77 11.10
C LEU E 112 37.31 35.66 12.08
N THR E 113 38.42 36.38 11.79
CA THR E 113 39.55 36.46 12.70
C THR E 113 39.77 37.96 12.98
N VAL E 114 39.68 38.34 14.26
CA VAL E 114 39.88 39.73 14.68
C VAL E 114 41.21 39.78 15.37
N LEU E 115 42.13 40.63 14.86
CA LEU E 115 43.49 40.78 15.36
C LEU E 115 43.79 42.20 15.83
N GLU E 116 44.56 42.31 16.93
CA GLU E 116 45.00 43.61 17.43
C GLU E 116 45.89 44.29 16.39
N ASP E 117 46.83 43.51 15.80
CA ASP E 117 47.78 43.96 14.80
C ASP E 117 47.78 43.02 13.60
N LEU E 118 47.74 43.57 12.39
CA LEU E 118 47.75 42.76 11.17
C LEU E 118 49.15 42.21 10.84
N LYS E 119 50.20 42.58 11.64
CA LYS E 119 51.58 42.13 11.45
C LYS E 119 51.74 40.61 11.73
N ASN E 120 50.70 40.00 12.30
CA ASN E 120 50.63 38.56 12.57
C ASN E 120 50.12 37.77 11.33
N VAL E 121 49.63 38.49 10.28
CA VAL E 121 49.07 37.87 9.07
C VAL E 121 50.19 37.47 8.10
N PHE E 122 50.18 36.20 7.69
CA PHE E 122 51.17 35.65 6.75
C PHE E 122 50.49 34.76 5.72
N PRO E 123 50.91 34.82 4.46
CA PRO E 123 50.36 33.86 3.47
C PRO E 123 51.14 32.53 3.57
N PRO E 124 50.69 31.40 2.98
CA PRO E 124 51.51 30.19 3.09
C PRO E 124 52.66 30.12 2.09
N GLU E 125 53.70 29.36 2.46
CA GLU E 125 54.75 28.93 1.55
C GLU E 125 54.21 27.60 1.02
N VAL E 126 54.21 27.38 -0.29
CA VAL E 126 53.66 26.13 -0.81
C VAL E 126 54.80 25.38 -1.49
N ALA E 127 54.93 24.05 -1.22
CA ALA E 127 55.97 23.19 -1.81
C ALA E 127 55.44 21.79 -2.05
N VAL E 128 55.81 21.21 -3.20
CA VAL E 128 55.39 19.85 -3.63
C VAL E 128 56.61 18.93 -3.60
N PHE E 129 56.43 17.74 -3.04
CA PHE E 129 57.46 16.72 -2.88
C PHE E 129 57.07 15.47 -3.71
N GLU E 130 57.96 15.07 -4.62
CA GLU E 130 57.72 13.96 -5.54
C GLU E 130 57.83 12.62 -4.81
N PRO E 131 57.12 11.58 -5.31
CA PRO E 131 57.06 10.31 -4.58
C PRO E 131 58.39 9.57 -4.41
N SER E 132 58.44 8.80 -3.35
CA SER E 132 59.55 7.91 -3.01
C SER E 132 59.63 6.77 -4.05
N GLU E 133 60.85 6.53 -4.60
CA GLU E 133 61.08 5.44 -5.55
C GLU E 133 60.86 4.12 -4.84
N ALA E 134 61.24 4.05 -3.52
CA ALA E 134 61.02 2.86 -2.70
C ALA E 134 59.50 2.53 -2.61
N GLU E 135 58.64 3.57 -2.44
CA GLU E 135 57.18 3.37 -2.39
C GLU E 135 56.68 2.78 -3.73
N ILE E 136 57.14 3.37 -4.83
CA ILE E 136 56.75 2.93 -6.18
C ILE E 136 57.10 1.44 -6.37
N SER E 137 58.33 1.01 -6.04
CA SER E 137 58.66 -0.41 -6.26
C SER E 137 57.96 -1.37 -5.29
N HIS E 138 57.71 -0.95 -4.05
CA HIS E 138 57.11 -1.79 -3.03
C HIS E 138 55.60 -1.94 -3.19
N THR E 139 54.89 -0.88 -3.62
CA THR E 139 53.43 -0.87 -3.63
C THR E 139 52.79 -0.65 -5.01
N GLN E 140 53.57 -0.26 -6.03
CA GLN E 140 53.04 0.09 -7.38
C GLN E 140 52.16 1.36 -7.24
N LYS E 141 52.34 2.12 -6.14
CA LYS E 141 51.60 3.37 -5.90
C LYS E 141 52.59 4.48 -5.68
N ALA E 142 52.13 5.74 -5.83
CA ALA E 142 53.03 6.88 -5.67
C ALA E 142 52.31 8.01 -4.97
N THR E 143 52.82 8.39 -3.81
CA THR E 143 52.22 9.47 -3.06
C THR E 143 53.03 10.75 -3.22
N LEU E 144 52.34 11.83 -3.70
CA LEU E 144 52.88 13.18 -3.75
C LEU E 144 52.46 13.88 -2.49
N VAL E 145 53.31 14.75 -1.95
CA VAL E 145 52.92 15.49 -0.75
C VAL E 145 53.00 16.99 -1.02
N CYS E 146 51.99 17.73 -0.55
CA CYS E 146 51.99 19.18 -0.61
C CYS E 146 52.04 19.75 0.81
N LEU E 147 52.94 20.70 1.05
CA LEU E 147 53.06 21.39 2.35
C LEU E 147 52.82 22.88 2.16
N ALA E 148 51.89 23.41 2.95
CA ALA E 148 51.49 24.82 3.00
C ALA E 148 51.82 25.24 4.41
N THR E 149 52.87 26.05 4.56
CA THR E 149 53.44 26.34 5.87
C THR E 149 53.60 27.84 6.15
N GLY E 150 53.72 28.16 7.45
CA GLY E 150 53.94 29.51 7.97
C GLY E 150 52.78 30.46 7.76
N PHE E 151 51.54 29.95 7.54
CA PHE E 151 50.39 30.82 7.26
C PHE E 151 49.62 31.18 8.54
N TYR E 152 48.99 32.36 8.49
CA TYR E 152 48.17 32.92 9.57
C TYR E 152 47.26 34.02 9.03
N PRO E 153 45.96 34.03 9.37
CA PRO E 153 45.21 33.01 10.13
C PRO E 153 44.88 31.76 9.30
N ASP E 154 44.16 30.81 9.89
CA ASP E 154 43.77 29.59 9.18
C ASP E 154 42.59 29.85 8.23
N HIS E 155 42.85 30.61 7.15
CA HIS E 155 41.90 30.96 6.09
C HIS E 155 42.51 30.49 4.77
N VAL E 156 42.50 29.18 4.52
CA VAL E 156 43.12 28.59 3.31
C VAL E 156 42.25 27.52 2.71
N GLU E 157 42.40 27.35 1.38
CA GLU E 157 41.77 26.29 0.58
C GLU E 157 42.85 25.67 -0.26
N LEU E 158 43.13 24.39 -0.02
CA LEU E 158 44.17 23.69 -0.77
C LEU E 158 43.49 22.79 -1.78
N SER E 159 43.99 22.80 -3.01
CA SER E 159 43.47 21.94 -4.07
C SER E 159 44.58 21.36 -4.91
N TRP E 160 44.36 20.15 -5.42
CA TRP E 160 45.27 19.46 -6.32
C TRP E 160 44.73 19.60 -7.72
N TRP E 161 45.63 19.77 -8.68
CA TRP E 161 45.30 19.93 -10.10
C TRP E 161 46.15 18.99 -10.89
N VAL E 162 45.49 18.10 -11.63
CA VAL E 162 46.19 17.12 -12.42
C VAL E 162 45.79 17.31 -13.87
N ASN E 163 46.80 17.53 -14.73
CA ASN E 163 46.60 17.70 -16.17
C ASN E 163 45.55 18.80 -16.43
N GLY E 164 45.74 19.93 -15.74
CA GLY E 164 44.90 21.13 -15.82
C GLY E 164 43.50 21.02 -15.24
N LYS E 165 43.19 19.91 -14.57
CA LYS E 165 41.88 19.69 -13.98
C LYS E 165 42.01 19.43 -12.47
N GLU E 166 41.17 20.11 -11.66
CA GLU E 166 41.15 19.93 -10.20
C GLU E 166 40.72 18.51 -9.88
N VAL E 167 41.45 17.82 -8.99
CA VAL E 167 41.09 16.45 -8.59
C VAL E 167 40.79 16.41 -7.10
N HIS E 168 39.91 15.47 -6.68
CA HIS E 168 39.56 15.25 -5.28
CA HIS E 168 39.53 15.24 -5.29
C HIS E 168 39.74 13.78 -4.95
N SER E 169 39.66 12.89 -5.94
CA SER E 169 39.86 11.45 -5.69
C SER E 169 41.35 11.15 -5.48
N GLY E 170 41.65 10.33 -4.49
CA GLY E 170 43.03 9.96 -4.19
C GLY E 170 43.76 11.03 -3.39
N VAL E 171 42.98 12.00 -2.87
CA VAL E 171 43.49 13.12 -2.08
C VAL E 171 43.11 12.98 -0.61
N CYS E 172 44.04 13.33 0.29
CA CYS E 172 43.72 13.48 1.69
C CYS E 172 44.46 14.70 2.24
N THR E 173 43.70 15.73 2.62
CA THR E 173 44.20 16.97 3.19
C THR E 173 43.86 16.95 4.65
N ASP E 174 44.79 17.33 5.52
CA ASP E 174 44.55 17.33 6.97
C ASP E 174 43.26 18.10 7.32
N PRO E 175 42.32 17.49 8.11
CA PRO E 175 41.08 18.24 8.45
C PRO E 175 41.33 19.46 9.34
N GLN E 176 42.44 19.45 10.11
CA GLN E 176 42.85 20.57 10.96
C GLN E 176 44.27 21.00 10.64
N PRO E 177 44.64 22.31 10.77
CA PRO E 177 46.04 22.68 10.53
C PRO E 177 46.88 22.34 11.75
N LEU E 178 48.19 22.35 11.59
CA LEU E 178 49.12 22.11 12.66
C LEU E 178 49.71 23.45 13.13
N LYS E 179 49.69 23.71 14.46
CA LYS E 179 50.31 24.90 15.06
C LYS E 179 51.81 24.68 15.04
N GLU E 180 52.55 25.52 14.28
CA GLU E 180 54.00 25.39 14.16
C GLU E 180 54.70 25.68 15.46
N GLN E 181 54.09 26.52 16.32
CA GLN E 181 54.61 26.85 17.66
C GLN E 181 53.43 26.64 18.63
N PRO E 182 53.13 25.36 18.99
CA PRO E 182 51.91 25.06 19.78
C PRO E 182 51.69 25.85 21.08
N ALA E 183 52.75 26.40 21.69
CA ALA E 183 52.65 27.17 22.94
C ALA E 183 52.21 28.65 22.72
N LEU E 184 52.18 29.12 21.45
CA LEU E 184 51.80 30.50 21.14
C LEU E 184 50.34 30.56 20.68
N ASN E 185 49.62 31.61 21.09
CA ASN E 185 48.19 31.78 20.83
C ASN E 185 47.87 32.16 19.38
N ASP E 186 48.77 32.94 18.73
CA ASP E 186 48.60 33.37 17.33
C ASP E 186 49.67 32.70 16.44
N SER E 187 50.06 31.46 16.81
CA SER E 187 51.04 30.64 16.10
C SER E 187 50.70 30.50 14.64
N ARG E 188 51.70 30.59 13.77
CA ARG E 188 51.49 30.33 12.34
C ARG E 188 51.20 28.81 12.15
N TYR E 189 50.51 28.46 11.06
CA TYR E 189 50.08 27.11 10.80
C TYR E 189 50.79 26.43 9.67
N ALA E 190 50.70 25.08 9.69
CA ALA E 190 51.16 24.20 8.65
C ALA E 190 50.02 23.29 8.27
N LEU E 191 49.97 22.88 7.02
CA LEU E 191 48.93 22.00 6.47
C LEU E 191 49.54 21.08 5.44
N SER E 192 49.25 19.76 5.56
CA SER E 192 49.75 18.81 4.59
C SER E 192 48.61 18.17 3.85
N SER E 193 48.93 17.77 2.62
CA SER E 193 47.99 17.06 1.78
C SER E 193 48.73 16.04 1.00
N ARG E 194 48.06 14.94 0.73
CA ARG E 194 48.62 13.87 -0.07
C ARG E 194 47.76 13.66 -1.27
N LEU E 195 48.42 13.31 -2.36
CA LEU E 195 47.78 12.88 -3.60
C LEU E 195 48.43 11.54 -3.95
N ARG E 196 47.63 10.44 -3.97
CA ARG E 196 48.23 9.16 -4.30
C ARG E 196 47.69 8.68 -5.63
N VAL E 197 48.57 8.29 -6.53
CA VAL E 197 48.16 7.78 -7.84
C VAL E 197 48.86 6.45 -8.07
N SER E 198 48.48 5.72 -9.13
CA SER E 198 49.16 4.47 -9.47
C SER E 198 50.60 4.79 -9.91
N ALA E 199 51.57 3.85 -9.74
CA ALA E 199 52.94 4.08 -10.25
C ALA E 199 52.93 4.37 -11.77
N THR E 200 52.06 3.69 -12.57
CA THR E 200 51.99 3.89 -14.02
C THR E 200 51.53 5.32 -14.37
N PHE E 201 50.59 5.91 -13.59
CA PHE E 201 50.15 7.30 -13.81
C PHE E 201 51.29 8.27 -13.48
N TRP E 202 52.03 8.01 -12.39
CA TRP E 202 53.15 8.88 -12.00
C TRP E 202 54.29 8.78 -13.04
N GLN E 203 54.53 7.58 -13.55
CA GLN E 203 55.60 7.31 -14.50
C GLN E 203 55.32 7.82 -15.96
N ASN E 204 54.14 8.43 -16.22
CA ASN E 204 53.85 9.00 -17.54
C ASN E 204 54.48 10.43 -17.58
N PRO E 205 55.48 10.69 -18.47
CA PRO E 205 56.14 12.02 -18.48
C PRO E 205 55.24 13.20 -18.93
N ARG E 206 54.11 12.92 -19.58
CA ARG E 206 53.16 13.97 -20.00
C ARG E 206 52.27 14.47 -18.82
N ASN E 207 52.12 13.65 -17.75
CA ASN E 207 51.27 13.97 -16.60
C ASN E 207 51.83 15.13 -15.77
N HIS E 208 50.97 16.06 -15.39
CA HIS E 208 51.34 17.28 -14.68
C HIS E 208 50.54 17.41 -13.39
N PHE E 209 51.22 17.74 -12.28
CA PHE E 209 50.60 17.85 -10.95
C PHE E 209 50.82 19.20 -10.34
N ARG E 210 49.78 19.79 -9.77
CA ARG E 210 49.95 21.10 -9.13
C ARG E 210 49.19 21.16 -7.81
N CYS E 211 49.84 21.72 -6.79
CA CYS E 211 49.21 21.99 -5.52
C CYS E 211 48.97 23.48 -5.44
N GLN E 212 47.72 23.87 -5.25
CA GLN E 212 47.31 25.26 -5.21
C GLN E 212 46.69 25.61 -3.89
N VAL E 213 47.12 26.72 -3.27
CA VAL E 213 46.54 27.16 -2.02
C VAL E 213 46.01 28.58 -2.16
N GLN E 214 44.69 28.73 -1.99
CA GLN E 214 44.04 30.04 -1.93
C GLN E 214 44.12 30.55 -0.48
N PHE E 215 44.76 31.70 -0.27
CA PHE E 215 44.86 32.34 1.02
C PHE E 215 43.93 33.55 1.03
N TYR E 216 43.19 33.74 2.15
CA TYR E 216 42.30 34.90 2.33
C TYR E 216 42.94 35.76 3.38
N GLY E 217 43.40 36.93 2.96
CA GLY E 217 44.15 37.83 3.83
C GLY E 217 43.67 39.25 3.76
N LEU E 218 44.62 40.16 3.52
CA LEU E 218 44.30 41.58 3.54
C LEU E 218 43.79 42.10 2.20
N SER E 219 43.24 43.33 2.22
CA SER E 219 42.74 44.00 1.01
C SER E 219 43.30 45.43 0.98
N GLU E 220 42.93 46.19 -0.06
CA GLU E 220 43.37 47.55 -0.35
C GLU E 220 43.30 48.50 0.89
N ASN E 221 42.16 48.52 1.61
CA ASN E 221 41.94 49.43 2.72
C ASN E 221 42.61 48.99 4.02
N ASP E 222 43.09 47.74 4.12
CA ASP E 222 43.88 47.36 5.29
C ASP E 222 45.21 48.13 5.22
N GLU E 223 45.58 48.76 6.32
CA GLU E 223 46.82 49.52 6.40
C GLU E 223 47.99 48.58 6.64
N TRP E 224 49.04 48.74 5.86
CA TRP E 224 50.22 47.92 6.01
C TRP E 224 51.41 48.79 6.27
N THR E 225 52.19 48.46 7.32
CA THR E 225 53.37 49.23 7.73
C THR E 225 54.66 48.38 7.91
N GLN E 226 54.60 47.06 7.69
CA GLN E 226 55.77 46.20 7.88
C GLN E 226 56.76 46.25 6.69
N ASP E 227 58.02 45.82 6.91
CA ASP E 227 59.08 45.79 5.91
C ASP E 227 58.81 44.75 4.84
N ARG E 228 58.19 43.62 5.27
CA ARG E 228 57.83 42.51 4.40
C ARG E 228 56.60 42.88 3.55
N ALA E 229 56.30 42.06 2.52
CA ALA E 229 55.20 42.30 1.61
C ALA E 229 53.86 42.16 2.32
N LYS E 230 52.89 42.98 1.88
CA LYS E 230 51.54 42.98 2.42
C LYS E 230 50.89 41.61 2.12
N PRO E 231 50.32 40.95 3.17
CA PRO E 231 49.74 39.61 2.99
C PRO E 231 48.29 39.68 2.54
N VAL E 232 48.12 40.09 1.27
CA VAL E 232 46.83 40.22 0.62
C VAL E 232 46.29 38.82 0.24
N THR E 233 44.98 38.76 -0.08
CA THR E 233 44.33 37.57 -0.59
C THR E 233 45.07 37.17 -1.86
N GLN E 234 45.48 35.90 -1.96
CA GLN E 234 46.32 35.42 -3.06
C GLN E 234 46.33 33.93 -3.15
N ILE E 235 46.73 33.46 -4.32
CA ILE E 235 46.93 32.04 -4.64
C ILE E 235 48.44 31.77 -4.68
N VAL E 236 48.89 30.76 -3.95
CA VAL E 236 50.29 30.34 -3.88
C VAL E 236 50.31 28.87 -4.34
N SER E 237 51.16 28.52 -5.30
CA SER E 237 51.17 27.16 -5.79
C SER E 237 52.58 26.63 -6.03
N ALA E 238 52.69 25.31 -6.21
CA ALA E 238 53.91 24.58 -6.52
C ALA E 238 53.51 23.40 -7.41
N GLU E 239 54.44 22.88 -8.21
CA GLU E 239 54.07 21.83 -9.14
C GLU E 239 55.11 20.73 -9.26
N ALA E 240 54.74 19.67 -10.01
CA ALA E 240 55.58 18.51 -10.36
C ALA E 240 55.09 17.88 -11.65
N TRP E 241 56.03 17.33 -12.42
CA TRP E 241 55.73 16.58 -13.66
C TRP E 241 56.00 15.10 -13.41
N GLY E 242 55.30 14.24 -14.14
CA GLY E 242 55.46 12.79 -14.09
C GLY E 242 56.87 12.42 -14.54
N ARG E 243 57.48 11.41 -13.89
CA ARG E 243 58.87 10.99 -14.12
C ARG E 243 58.93 9.58 -14.75
N ALA E 244 59.42 9.47 -16.02
CA ALA E 244 59.56 8.20 -16.74
C ALA E 244 60.71 7.36 -16.16
N ILE F 1 -22.87 32.09 8.72
CA ILE F 1 -23.75 32.09 9.87
C ILE F 1 -23.36 33.21 10.85
N GLN F 2 -24.27 34.20 11.02
CA GLN F 2 -24.09 35.32 11.95
C GLN F 2 -24.97 35.03 13.15
N ARG F 3 -24.44 35.25 14.36
CA ARG F 3 -25.19 34.98 15.58
C ARG F 3 -25.49 36.25 16.31
N THR F 4 -26.77 36.44 16.63
CA THR F 4 -27.24 37.65 17.30
C THR F 4 -26.88 37.63 18.81
N PRO F 5 -26.51 38.79 19.38
CA PRO F 5 -26.17 38.80 20.80
C PRO F 5 -27.36 38.62 21.76
N LYS F 6 -27.11 37.85 22.81
CA LYS F 6 -28.00 37.67 23.95
C LYS F 6 -27.63 38.84 24.89
N ILE F 7 -28.63 39.61 25.36
CA ILE F 7 -28.39 40.81 26.20
C ILE F 7 -29.05 40.61 27.55
N GLN F 8 -28.26 40.71 28.63
CA GLN F 8 -28.76 40.54 29.99
C GLN F 8 -28.32 41.70 30.87
N VAL F 9 -29.30 42.43 31.44
CA VAL F 9 -29.14 43.61 32.28
C VAL F 9 -29.51 43.24 33.71
N TYR F 10 -28.62 43.49 34.67
CA TYR F 10 -28.79 43.10 36.07
C TYR F 10 -27.85 43.91 36.94
N SER F 11 -28.07 43.90 38.27
CA SER F 11 -27.21 44.64 39.20
C SER F 11 -26.17 43.72 39.82
N ARG F 12 -25.03 44.25 40.27
CA ARG F 12 -24.01 43.45 40.95
C ARG F 12 -24.59 42.78 42.23
N HIS F 13 -25.25 43.57 43.09
CA HIS F 13 -25.87 43.08 44.33
C HIS F 13 -27.39 43.18 44.22
N PRO F 14 -28.20 42.40 45.00
CA PRO F 14 -29.67 42.59 44.95
C PRO F 14 -29.96 44.07 45.25
N ALA F 15 -30.62 44.74 44.30
CA ALA F 15 -30.87 46.18 44.34
C ALA F 15 -31.78 46.62 45.52
N GLU F 16 -31.43 47.76 46.11
CA GLU F 16 -32.10 48.45 47.22
C GLU F 16 -32.01 49.95 46.97
N ASN F 17 -33.18 50.62 46.80
CA ASN F 17 -33.28 52.06 46.52
C ASN F 17 -32.47 52.90 47.51
N GLY F 18 -31.59 53.74 46.98
CA GLY F 18 -30.73 54.59 47.79
C GLY F 18 -29.38 54.00 48.13
N LYS F 19 -29.18 52.69 47.85
CA LYS F 19 -27.92 52.00 48.14
C LYS F 19 -27.06 51.88 46.87
N SER F 20 -25.78 52.31 46.97
CA SER F 20 -24.79 52.30 45.88
C SER F 20 -24.58 50.88 45.35
N ASN F 21 -24.76 50.70 44.03
CA ASN F 21 -24.65 49.41 43.34
C ASN F 21 -23.94 49.56 41.97
N PHE F 22 -23.90 48.47 41.17
CA PHE F 22 -23.31 48.44 39.84
C PHE F 22 -24.32 47.90 38.85
N LEU F 23 -24.55 48.62 37.74
CA LEU F 23 -25.50 48.16 36.72
C LEU F 23 -24.69 47.46 35.63
N ASN F 24 -24.96 46.17 35.44
CA ASN F 24 -24.23 45.36 34.47
C ASN F 24 -25.02 45.03 33.21
N CYS F 25 -24.33 45.04 32.05
CA CYS F 25 -24.93 44.55 30.81
C CYS F 25 -23.96 43.48 30.23
N TYR F 26 -24.37 42.21 30.25
CA TYR F 26 -23.56 41.11 29.74
C TYR F 26 -24.10 40.72 28.37
N VAL F 27 -23.33 41.04 27.32
CA VAL F 27 -23.66 40.81 25.91
C VAL F 27 -22.86 39.59 25.44
N SER F 28 -23.53 38.54 24.98
CA SER F 28 -22.83 37.30 24.70
C SER F 28 -23.37 36.51 23.50
N GLY F 29 -22.64 35.45 23.13
CA GLY F 29 -23.02 34.53 22.07
C GLY F 29 -23.11 35.10 20.67
N PHE F 30 -22.48 36.25 20.43
CA PHE F 30 -22.55 36.89 19.12
C PHE F 30 -21.33 36.56 18.25
N HIS F 31 -21.54 36.64 16.94
CA HIS F 31 -20.54 36.42 15.91
C HIS F 31 -21.00 37.15 14.65
N PRO F 32 -20.18 38.01 14.00
CA PRO F 32 -18.76 38.32 14.29
C PRO F 32 -18.58 39.28 15.48
N SER F 33 -17.31 39.66 15.80
CA SER F 33 -16.93 40.40 17.00
C SER F 33 -17.39 41.87 17.11
N ASP F 34 -17.50 42.63 16.00
CA ASP F 34 -17.89 44.05 16.04
C ASP F 34 -19.27 44.22 16.69
N ILE F 35 -19.33 45.08 17.69
CA ILE F 35 -20.53 45.32 18.47
C ILE F 35 -20.44 46.71 19.13
N GLU F 36 -21.60 47.35 19.24
CA GLU F 36 -21.79 48.64 19.90
C GLU F 36 -22.71 48.41 21.10
N VAL F 37 -22.30 48.86 22.29
CA VAL F 37 -23.08 48.69 23.51
C VAL F 37 -23.15 50.02 24.25
N ASP F 38 -24.36 50.37 24.73
CA ASP F 38 -24.61 51.56 25.53
C ASP F 38 -25.48 51.24 26.72
N LEU F 39 -25.19 51.90 27.85
CA LEU F 39 -26.03 51.81 29.05
C LEU F 39 -26.89 53.08 29.07
N LEU F 40 -28.19 52.92 29.30
CA LEU F 40 -29.10 54.09 29.26
C LEU F 40 -29.77 54.35 30.59
N LYS F 41 -29.86 55.65 30.96
CA LYS F 41 -30.56 56.17 32.13
C LYS F 41 -31.71 57.02 31.61
N ASN F 42 -32.96 56.57 31.83
CA ASN F 42 -34.21 57.21 31.40
C ASN F 42 -34.13 57.61 29.90
N GLY F 43 -33.62 56.67 29.09
CA GLY F 43 -33.45 56.83 27.64
C GLY F 43 -32.18 57.55 27.21
N GLU F 44 -31.45 58.14 28.16
CA GLU F 44 -30.21 58.88 27.89
C GLU F 44 -28.97 57.99 28.04
N ARG F 45 -27.99 58.15 27.16
CA ARG F 45 -26.75 57.37 27.16
C ARG F 45 -25.84 57.78 28.33
N ILE F 46 -25.56 56.85 29.27
CA ILE F 46 -24.62 57.08 30.38
C ILE F 46 -23.22 57.21 29.77
N GLU F 47 -22.44 58.21 30.20
CA GLU F 47 -21.12 58.49 29.63
C GLU F 47 -19.99 57.65 30.24
N LYS F 48 -19.80 57.70 31.56
CA LYS F 48 -18.68 57.00 32.21
C LYS F 48 -18.98 55.48 32.39
N VAL F 49 -19.16 54.77 31.25
CA VAL F 49 -19.43 53.33 31.18
C VAL F 49 -18.13 52.56 30.92
N GLU F 50 -17.84 51.59 31.79
CA GLU F 50 -16.67 50.71 31.72
C GLU F 50 -17.03 49.40 30.99
N HIS F 51 -16.01 48.70 30.48
CA HIS F 51 -16.26 47.40 29.84
C HIS F 51 -15.03 46.52 29.85
N SER F 52 -15.28 45.22 29.93
CA SER F 52 -14.23 44.20 29.86
C SER F 52 -13.66 44.17 28.43
N ASP F 53 -12.52 43.53 28.24
CA ASP F 53 -11.98 43.32 26.89
C ASP F 53 -12.82 42.24 26.23
N LEU F 54 -12.94 42.25 24.87
CA LEU F 54 -13.62 41.21 24.09
C LEU F 54 -13.15 39.82 24.59
N SER F 55 -14.13 38.95 24.88
CA SER F 55 -13.84 37.63 25.41
C SER F 55 -14.30 36.55 24.45
N PHE F 56 -13.65 35.39 24.53
CA PHE F 56 -13.85 34.30 23.59
C PHE F 56 -14.47 33.08 24.23
N SER F 57 -15.56 32.56 23.65
CA SER F 57 -16.23 31.33 24.11
C SER F 57 -15.74 30.10 23.32
N LYS F 58 -15.84 28.91 23.91
CA LYS F 58 -15.38 27.69 23.21
C LYS F 58 -16.28 27.33 21.99
N ASP F 59 -17.50 27.94 21.87
CA ASP F 59 -18.39 27.70 20.73
C ASP F 59 -18.11 28.71 19.58
N TRP F 60 -17.01 29.50 19.75
CA TRP F 60 -16.44 30.49 18.81
C TRP F 60 -17.14 31.85 18.90
N SER F 61 -18.21 31.97 19.71
CA SER F 61 -18.87 33.27 19.88
C SER F 61 -18.11 34.13 20.89
N PHE F 62 -18.47 35.40 20.96
CA PHE F 62 -17.83 36.38 21.83
C PHE F 62 -18.76 36.87 22.92
N TYR F 63 -18.17 37.54 23.92
CA TYR F 63 -18.91 38.12 25.03
C TYR F 63 -18.12 39.27 25.65
N LEU F 64 -18.87 40.23 26.24
CA LEU F 64 -18.40 41.45 26.87
C LEU F 64 -19.31 41.78 28.06
N LEU F 65 -18.76 42.47 29.04
CA LEU F 65 -19.51 42.97 30.18
C LEU F 65 -19.33 44.49 30.23
N TYR F 66 -20.43 45.22 30.04
CA TYR F 66 -20.45 46.69 30.15
C TYR F 66 -21.03 47.05 31.53
N TYR F 67 -20.40 47.98 32.27
CA TYR F 67 -20.87 48.29 33.63
C TYR F 67 -20.67 49.77 34.03
N THR F 68 -21.42 50.19 35.11
CA THR F 68 -21.39 51.51 35.77
C THR F 68 -21.84 51.45 37.22
N GLU F 69 -21.21 52.28 38.06
CA GLU F 69 -21.59 52.47 39.45
C GLU F 69 -22.86 53.32 39.41
N PHE F 70 -23.86 52.97 40.21
CA PHE F 70 -25.13 53.70 40.20
C PHE F 70 -25.87 53.51 41.51
N THR F 71 -26.81 54.42 41.78
CA THR F 71 -27.64 54.35 42.98
C THR F 71 -29.06 54.22 42.47
N PRO F 72 -29.68 53.02 42.54
CA PRO F 72 -31.06 52.90 42.03
C PRO F 72 -32.07 53.70 42.86
N THR F 73 -33.06 54.28 42.17
CA THR F 73 -34.18 55.03 42.75
C THR F 73 -35.46 54.41 42.17
N GLU F 74 -36.62 54.71 42.74
CA GLU F 74 -37.89 54.17 42.21
C GLU F 74 -38.23 54.81 40.87
N LYS F 75 -37.94 56.10 40.73
CA LYS F 75 -38.21 56.90 39.54
C LYS F 75 -37.34 56.51 38.33
N ASP F 76 -36.01 56.36 38.54
CA ASP F 76 -35.03 56.08 37.49
C ASP F 76 -35.18 54.70 36.83
N GLU F 77 -35.32 54.74 35.51
CA GLU F 77 -35.43 53.59 34.62
C GLU F 77 -34.10 53.38 33.88
N TYR F 78 -33.59 52.14 33.87
CA TYR F 78 -32.31 51.82 33.23
C TYR F 78 -32.45 50.77 32.11
N ALA F 79 -31.59 50.90 31.08
CA ALA F 79 -31.60 49.99 29.94
C ALA F 79 -30.20 49.77 29.34
N CYS F 80 -30.06 48.74 28.50
CA CYS F 80 -28.83 48.48 27.77
C CYS F 80 -29.17 48.44 26.29
N ARG F 81 -28.44 49.23 25.49
CA ARG F 81 -28.69 49.32 24.06
C ARG F 81 -27.50 48.72 23.28
N VAL F 82 -27.81 47.78 22.38
CA VAL F 82 -26.82 47.06 21.59
C VAL F 82 -27.13 47.09 20.06
N ASN F 83 -26.07 47.34 19.26
CA ASN F 83 -26.10 47.24 17.81
C ASN F 83 -25.01 46.26 17.34
N HIS F 84 -25.40 45.41 16.38
CA HIS F 84 -24.63 44.33 15.76
C HIS F 84 -25.15 44.17 14.32
N VAL F 85 -24.35 43.55 13.43
CA VAL F 85 -24.69 43.29 12.02
C VAL F 85 -26.01 42.45 11.91
N THR F 86 -26.29 41.55 12.88
CA THR F 86 -27.50 40.72 12.93
C THR F 86 -28.78 41.53 13.25
N LEU F 87 -28.62 42.72 13.86
CA LEU F 87 -29.72 43.62 14.27
C LEU F 87 -29.92 44.75 13.26
N SER F 88 -31.16 44.84 12.73
CA SER F 88 -31.63 45.83 11.73
C SER F 88 -31.65 47.24 12.32
N GLN F 89 -31.97 47.33 13.62
CA GLN F 89 -32.06 48.54 14.44
C GLN F 89 -31.53 48.25 15.86
N PRO F 90 -30.93 49.23 16.58
CA PRO F 90 -30.41 48.93 17.93
C PRO F 90 -31.45 48.27 18.85
N LYS F 91 -31.05 47.16 19.51
CA LYS F 91 -31.92 46.43 20.43
C LYS F 91 -31.76 47.01 21.84
N ILE F 92 -32.89 47.29 22.51
CA ILE F 92 -32.90 47.86 23.86
C ILE F 92 -33.48 46.84 24.84
N VAL F 93 -32.74 46.59 25.93
CA VAL F 93 -33.16 45.67 26.99
C VAL F 93 -33.17 46.49 28.29
N LYS F 94 -34.35 46.59 28.90
CA LYS F 94 -34.58 47.38 30.10
C LYS F 94 -34.24 46.59 31.36
N TRP F 95 -33.59 47.25 32.33
CA TRP F 95 -33.26 46.62 33.59
C TRP F 95 -34.56 46.37 34.40
N ASP F 96 -34.92 45.08 34.56
CA ASP F 96 -36.11 44.63 35.30
C ASP F 96 -35.71 44.38 36.75
N ARG F 97 -36.22 45.22 37.66
CA ARG F 97 -35.93 45.12 39.08
C ARG F 97 -37.20 44.72 39.84
N GLY G 1 -19.03 -23.06 -26.69
CA GLY G 1 -18.34 -23.51 -27.88
C GLY G 1 -19.32 -24.28 -28.75
N GLN G 2 -18.87 -24.81 -29.92
CA GLN G 2 -19.78 -25.55 -30.79
C GLN G 2 -19.19 -26.85 -31.33
N ASN G 3 -17.92 -26.88 -31.82
CA ASN G 3 -17.47 -28.13 -32.43
C ASN G 3 -15.99 -28.47 -32.25
N ILE G 4 -15.75 -29.76 -32.01
CA ILE G 4 -14.44 -30.35 -31.84
C ILE G 4 -14.35 -31.56 -32.77
N ASP G 5 -13.33 -31.57 -33.63
CA ASP G 5 -13.15 -32.68 -34.57
C ASP G 5 -11.81 -33.35 -34.39
N GLN G 6 -11.89 -34.65 -34.26
CA GLN G 6 -10.75 -35.52 -34.13
C GLN G 6 -11.08 -36.81 -34.91
N PRO G 7 -10.10 -37.49 -35.56
CA PRO G 7 -10.42 -38.74 -36.29
C PRO G 7 -11.10 -39.80 -35.42
N THR G 8 -11.98 -40.62 -36.03
CA THR G 8 -12.67 -41.69 -35.31
C THR G 8 -11.68 -42.74 -34.87
N GLU G 9 -10.75 -43.10 -35.77
CA GLU G 9 -9.80 -44.16 -35.49
C GLU G 9 -8.47 -43.93 -36.21
N MET G 10 -7.40 -44.44 -35.61
CA MET G 10 -6.07 -44.40 -36.18
C MET G 10 -5.35 -45.71 -35.89
N THR G 11 -4.60 -46.20 -36.87
CA THR G 11 -3.79 -47.40 -36.76
C THR G 11 -2.37 -47.03 -37.17
N ALA G 12 -1.40 -47.52 -36.41
CA ALA G 12 0.01 -47.29 -36.66
C ALA G 12 0.79 -48.49 -36.15
N THR G 13 2.05 -48.62 -36.55
CA THR G 13 2.86 -49.77 -36.18
C THR G 13 3.60 -49.54 -34.86
N GLU G 14 3.80 -50.64 -34.10
CA GLU G 14 4.59 -50.69 -32.87
C GLU G 14 6.00 -50.19 -33.19
N GLY G 15 6.55 -49.39 -32.29
CA GLY G 15 7.87 -48.76 -32.43
C GLY G 15 7.86 -47.47 -33.23
N ALA G 16 6.78 -47.21 -33.98
CA ALA G 16 6.66 -46.03 -34.83
C ALA G 16 6.06 -44.81 -34.06
N ILE G 17 5.57 -43.84 -34.80
CA ILE G 17 5.02 -42.60 -34.28
C ILE G 17 3.60 -42.42 -34.81
N VAL G 18 2.74 -41.76 -34.02
CA VAL G 18 1.38 -41.39 -34.46
C VAL G 18 1.10 -39.99 -33.91
N GLN G 19 0.47 -39.17 -34.76
CA GLN G 19 0.04 -37.81 -34.45
C GLN G 19 -1.51 -37.78 -34.50
N ILE G 20 -2.15 -37.47 -33.36
CA ILE G 20 -3.61 -37.41 -33.28
C ILE G 20 -4.03 -35.95 -33.31
N ASN G 21 -4.70 -35.55 -34.37
CA ASN G 21 -5.10 -34.15 -34.53
C ASN G 21 -6.45 -33.84 -33.89
N CYS G 22 -6.59 -32.61 -33.43
CA CYS G 22 -7.85 -32.15 -32.89
C CYS G 22 -8.07 -30.71 -33.32
N THR G 23 -9.14 -30.45 -34.05
CA THR G 23 -9.46 -29.08 -34.47
C THR G 23 -10.70 -28.61 -33.71
N TYR G 24 -10.77 -27.33 -33.38
CA TYR G 24 -11.89 -26.82 -32.60
C TYR G 24 -12.37 -25.50 -33.13
N GLN G 25 -13.69 -25.28 -33.02
CA GLN G 25 -14.41 -24.04 -33.36
C GLN G 25 -15.26 -23.75 -32.15
N THR G 26 -14.81 -22.84 -31.28
CA THR G 26 -15.51 -22.58 -30.03
C THR G 26 -15.80 -21.11 -29.84
N SER G 27 -16.70 -20.83 -28.90
CA SER G 27 -17.09 -19.51 -28.44
C SER G 27 -16.10 -19.14 -27.33
N GLY G 28 -14.91 -18.71 -27.76
CA GLY G 28 -13.83 -18.41 -26.83
C GLY G 28 -12.99 -19.64 -26.52
N PHE G 29 -11.89 -19.46 -25.79
CA PHE G 29 -10.92 -20.51 -25.55
C PHE G 29 -10.19 -20.27 -24.26
N ASN G 30 -10.23 -21.24 -23.36
CA ASN G 30 -9.55 -21.20 -22.07
C ASN G 30 -8.62 -22.42 -21.87
N GLY G 31 -8.32 -23.10 -22.98
CA GLY G 31 -7.42 -24.25 -22.99
C GLY G 31 -7.97 -25.51 -23.64
N LEU G 32 -7.06 -26.39 -24.06
CA LEU G 32 -7.34 -27.66 -24.70
C LEU G 32 -6.71 -28.81 -23.89
N PHE G 33 -7.49 -29.86 -23.66
CA PHE G 33 -7.05 -31.01 -22.88
C PHE G 33 -7.03 -32.27 -23.71
N TRP G 34 -6.08 -33.15 -23.38
CA TRP G 34 -5.99 -34.50 -23.91
C TRP G 34 -6.18 -35.47 -22.74
N TYR G 35 -7.03 -36.48 -22.93
CA TYR G 35 -7.30 -37.56 -21.97
C TYR G 35 -7.07 -38.89 -22.65
N GLN G 36 -6.54 -39.87 -21.91
CA GLN G 36 -6.37 -41.24 -22.39
C GLN G 36 -7.48 -42.08 -21.79
N GLN G 37 -8.12 -42.92 -22.60
CA GLN G 37 -9.16 -43.78 -22.04
C GLN G 37 -9.00 -45.20 -22.58
N HIS G 38 -8.42 -46.09 -21.73
CA HIS G 38 -8.30 -47.52 -22.06
C HIS G 38 -9.69 -48.15 -22.12
N ALA G 39 -9.90 -49.13 -23.04
CA ALA G 39 -11.22 -49.79 -23.22
C ALA G 39 -11.73 -50.32 -21.88
N GLY G 40 -12.95 -49.90 -21.50
CA GLY G 40 -13.57 -50.31 -20.24
C GLY G 40 -13.11 -49.57 -18.99
N GLU G 41 -12.16 -48.62 -19.13
CA GLU G 41 -11.59 -47.87 -18.01
C GLU G 41 -12.05 -46.39 -18.01
N ALA G 42 -11.66 -45.68 -16.97
CA ALA G 42 -11.93 -44.27 -16.79
C ALA G 42 -10.95 -43.39 -17.60
N PRO G 43 -11.37 -42.21 -18.11
CA PRO G 43 -10.39 -41.32 -18.78
C PRO G 43 -9.40 -40.76 -17.75
N THR G 44 -8.11 -40.63 -18.13
CA THR G 44 -7.09 -40.02 -17.27
C THR G 44 -6.47 -38.85 -18.02
N PHE G 45 -6.26 -37.75 -17.35
CA PHE G 45 -5.63 -36.53 -17.89
C PHE G 45 -4.23 -36.81 -18.46
N LEU G 46 -3.99 -36.34 -19.70
CA LEU G 46 -2.66 -36.46 -20.29
C LEU G 46 -1.96 -35.09 -20.35
N SER G 47 -2.67 -34.08 -20.90
CA SER G 47 -2.06 -32.78 -21.12
C SER G 47 -3.04 -31.61 -21.18
N TYR G 48 -2.48 -30.41 -21.01
CA TYR G 48 -3.16 -29.12 -21.12
C TYR G 48 -2.29 -28.13 -21.89
N ASN G 49 -2.88 -27.42 -22.85
CA ASN G 49 -2.24 -26.34 -23.60
C ASN G 49 -3.20 -25.17 -23.67
N VAL G 50 -2.70 -23.92 -23.58
CA VAL G 50 -3.57 -22.76 -23.71
C VAL G 50 -2.87 -21.71 -24.59
N LEU G 51 -1.51 -21.66 -24.56
CA LEU G 51 -0.73 -20.77 -25.42
C LEU G 51 -0.05 -21.60 -26.53
N ASP G 52 0.51 -20.92 -27.55
CA ASP G 52 1.20 -21.59 -28.64
C ASP G 52 2.47 -22.30 -28.18
N GLY G 53 2.62 -23.52 -28.63
CA GLY G 53 3.80 -24.33 -28.35
C GLY G 53 3.51 -25.80 -28.22
N LEU G 54 4.57 -26.49 -27.87
CA LEU G 54 4.61 -27.93 -27.71
C LEU G 54 5.24 -28.26 -26.36
N GLU G 55 4.65 -29.20 -25.63
CA GLU G 55 5.17 -29.67 -24.34
C GLU G 55 5.28 -31.18 -24.38
N GLU G 56 6.31 -31.71 -23.73
CA GLU G 56 6.67 -33.12 -23.68
C GLU G 56 6.48 -33.73 -22.31
N LYS G 57 5.77 -34.87 -22.26
CA LYS G 57 5.56 -35.65 -21.05
C LYS G 57 5.85 -37.11 -21.42
N GLY G 58 7.11 -37.48 -21.27
CA GLY G 58 7.60 -38.80 -21.62
C GLY G 58 7.59 -38.97 -23.12
N ARG G 59 6.88 -40.02 -23.62
CA ARG G 59 6.74 -40.27 -25.05
C ARG G 59 5.58 -39.48 -25.67
N PHE G 60 4.81 -38.72 -24.85
CA PHE G 60 3.65 -37.97 -25.29
C PHE G 60 3.95 -36.49 -25.45
N SER G 61 3.71 -35.95 -26.63
CA SER G 61 3.91 -34.53 -26.89
C SER G 61 2.61 -33.90 -27.26
N SER G 62 2.30 -32.73 -26.64
CA SER G 62 1.07 -32.02 -26.94
C SER G 62 1.38 -30.62 -27.45
N PHE G 63 0.91 -30.32 -28.66
CA PHE G 63 1.13 -29.06 -29.37
C PHE G 63 -0.15 -28.29 -29.51
N LEU G 64 -0.05 -26.97 -29.54
CA LEU G 64 -1.21 -26.13 -29.78
C LEU G 64 -0.90 -24.98 -30.72
N SER G 65 -1.79 -24.75 -31.68
CA SER G 65 -1.76 -23.60 -32.58
C SER G 65 -3.04 -22.82 -32.43
N ARG G 66 -2.94 -21.67 -31.79
CA ARG G 66 -4.06 -20.77 -31.57
C ARG G 66 -4.58 -20.18 -32.86
N SER G 67 -3.70 -19.81 -33.77
CA SER G 67 -4.02 -19.17 -35.05
C SER G 67 -4.85 -20.09 -35.97
N LYS G 68 -4.43 -21.35 -36.11
CA LYS G 68 -5.04 -22.41 -36.92
C LYS G 68 -6.14 -23.18 -36.16
N GLY G 69 -6.31 -22.92 -34.85
CA GLY G 69 -7.33 -23.57 -34.03
C GLY G 69 -7.21 -25.10 -33.99
N TYR G 70 -6.00 -25.60 -33.76
CA TYR G 70 -5.82 -27.03 -33.70
C TYR G 70 -4.70 -27.42 -32.77
N SER G 71 -4.77 -28.66 -32.36
CA SER G 71 -3.80 -29.29 -31.50
C SER G 71 -3.50 -30.66 -32.05
N TYR G 72 -2.36 -31.19 -31.68
CA TYR G 72 -2.07 -32.57 -31.95
C TYR G 72 -1.49 -33.18 -30.69
N LEU G 73 -1.75 -34.48 -30.53
CA LEU G 73 -1.17 -35.34 -29.53
C LEU G 73 -0.26 -36.30 -30.30
N LEU G 74 1.03 -36.26 -29.98
CA LEU G 74 2.04 -37.05 -30.68
C LEU G 74 2.63 -38.09 -29.76
N LEU G 75 2.53 -39.36 -30.14
CA LEU G 75 3.16 -40.40 -29.33
C LEU G 75 4.28 -41.04 -30.13
N LYS G 76 5.44 -41.11 -29.52
CA LYS G 76 6.66 -41.68 -30.09
C LYS G 76 6.90 -43.09 -29.53
N GLU G 77 7.75 -43.90 -30.24
CA GLU G 77 8.15 -45.27 -29.85
C GLU G 77 6.92 -46.09 -29.38
N LEU G 78 5.86 -46.10 -30.21
CA LEU G 78 4.55 -46.75 -29.97
C LEU G 78 4.68 -48.15 -29.36
N GLN G 79 3.91 -48.39 -28.31
CA GLN G 79 3.84 -49.64 -27.58
C GLN G 79 2.44 -50.21 -27.66
N MET G 80 2.27 -51.54 -27.44
CA MET G 80 0.94 -52.16 -27.47
C MET G 80 -0.02 -51.50 -26.47
N LYS G 81 0.48 -51.16 -25.27
CA LYS G 81 -0.24 -50.53 -24.15
C LYS G 81 -0.82 -49.14 -24.51
N ASP G 82 -0.41 -48.57 -25.65
CA ASP G 82 -0.90 -47.29 -26.13
C ASP G 82 -2.25 -47.47 -26.82
N SER G 83 -2.66 -48.73 -27.10
CA SER G 83 -3.99 -48.99 -27.66
C SER G 83 -5.03 -48.48 -26.67
N ALA G 84 -5.80 -47.48 -27.09
CA ALA G 84 -6.77 -46.79 -26.25
C ALA G 84 -7.48 -45.70 -27.04
N SER G 85 -8.45 -45.08 -26.42
CA SER G 85 -9.12 -43.93 -27.02
C SER G 85 -8.51 -42.67 -26.45
N TYR G 86 -8.36 -41.67 -27.30
CA TYR G 86 -7.77 -40.38 -26.92
C TYR G 86 -8.80 -39.34 -27.13
N LEU G 87 -9.14 -38.64 -26.05
CA LEU G 87 -10.21 -37.63 -26.05
C LEU G 87 -9.64 -36.24 -26.03
N CYS G 88 -10.13 -35.43 -26.94
CA CYS G 88 -9.79 -34.01 -27.03
C CYS G 88 -10.92 -33.20 -26.41
N ALA G 89 -10.59 -32.20 -25.57
CA ALA G 89 -11.61 -31.37 -24.92
C ALA G 89 -11.15 -29.91 -24.78
N VAL G 90 -12.05 -28.98 -25.10
CA VAL G 90 -11.73 -27.55 -25.04
C VAL G 90 -12.65 -26.89 -24.05
N LYS G 91 -12.08 -25.99 -23.22
CA LYS G 91 -12.85 -25.14 -22.32
C LYS G 91 -13.17 -23.87 -23.10
N ASP G 92 -14.46 -23.53 -23.23
CA ASP G 92 -14.84 -22.32 -23.94
C ASP G 92 -14.67 -21.06 -23.01
N SER G 93 -15.17 -19.89 -23.49
CA SER G 93 -15.09 -18.61 -22.76
CA SER G 93 -15.13 -18.60 -22.77
C SER G 93 -15.73 -18.69 -21.38
N ASN G 94 -16.74 -19.56 -21.20
CA ASN G 94 -17.45 -19.72 -19.93
C ASN G 94 -17.02 -20.98 -19.17
N TYR G 95 -15.82 -21.49 -19.49
CA TYR G 95 -15.19 -22.66 -18.87
C TYR G 95 -15.96 -23.97 -19.04
N GLN G 96 -16.85 -24.03 -20.03
CA GLN G 96 -17.58 -25.25 -20.30
C GLN G 96 -16.74 -26.14 -21.22
N LEU G 97 -16.64 -27.43 -20.86
CA LEU G 97 -15.90 -28.41 -21.66
C LEU G 97 -16.74 -28.88 -22.86
N ILE G 98 -16.12 -28.78 -24.06
CA ILE G 98 -16.65 -29.29 -25.34
C ILE G 98 -15.78 -30.51 -25.66
N TRP G 99 -16.38 -31.68 -25.70
CA TRP G 99 -15.67 -32.92 -25.92
C TRP G 99 -15.71 -33.42 -27.36
N GLY G 100 -14.56 -33.86 -27.85
CA GLY G 100 -14.44 -34.56 -29.13
C GLY G 100 -14.98 -35.97 -28.92
N ALA G 101 -15.40 -36.64 -29.99
CA ALA G 101 -15.99 -37.98 -29.90
C ALA G 101 -14.93 -39.07 -29.62
N GLY G 102 -13.66 -38.64 -29.53
CA GLY G 102 -12.54 -39.52 -29.25
C GLY G 102 -11.93 -40.17 -30.48
N THR G 103 -10.66 -40.55 -30.35
CA THR G 103 -9.91 -41.26 -31.37
C THR G 103 -9.48 -42.58 -30.81
N LYS G 104 -9.95 -43.68 -31.42
CA LYS G 104 -9.50 -45.01 -31.01
C LYS G 104 -8.14 -45.29 -31.69
N LEU G 105 -7.08 -45.54 -30.88
CA LEU G 105 -5.76 -45.84 -31.45
C LEU G 105 -5.49 -47.34 -31.40
N ILE G 106 -5.25 -47.94 -32.59
CA ILE G 106 -4.94 -49.36 -32.78
C ILE G 106 -3.47 -49.48 -33.18
N ILE G 107 -2.73 -50.30 -32.46
CA ILE G 107 -1.32 -50.54 -32.70
C ILE G 107 -1.16 -51.92 -33.33
N LYS G 108 -0.45 -51.95 -34.47
CA LYS G 108 -0.09 -53.18 -35.16
C LYS G 108 1.21 -53.72 -34.54
N PRO G 109 1.22 -54.94 -33.93
CA PRO G 109 2.49 -55.45 -33.39
C PRO G 109 3.46 -55.82 -34.52
N ASP G 110 4.78 -55.73 -34.25
CA ASP G 110 5.79 -56.14 -35.24
C ASP G 110 5.90 -57.67 -35.24
N ILE G 111 5.38 -58.33 -36.30
CA ILE G 111 5.38 -59.80 -36.37
C ILE G 111 6.71 -60.25 -36.99
N GLN G 112 7.65 -60.64 -36.11
CA GLN G 112 9.02 -61.07 -36.43
C GLN G 112 9.02 -62.23 -37.43
N ASN G 113 8.33 -63.34 -37.12
CA ASN G 113 8.27 -64.50 -38.01
C ASN G 113 6.83 -64.95 -38.29
N PRO G 114 6.17 -64.43 -39.35
CA PRO G 114 4.78 -64.85 -39.65
C PRO G 114 4.66 -66.35 -39.95
N ASP G 115 3.55 -66.96 -39.53
CA ASP G 115 3.24 -68.38 -39.72
C ASP G 115 1.72 -68.53 -39.86
N PRO G 116 1.09 -67.89 -40.90
CA PRO G 116 -0.38 -67.95 -41.01
C PRO G 116 -0.94 -69.36 -41.05
N ALA G 117 -1.94 -69.63 -40.19
CA ALA G 117 -2.60 -70.94 -40.06
C ALA G 117 -4.04 -70.82 -39.50
N VAL G 118 -4.92 -71.79 -39.83
CA VAL G 118 -6.31 -71.90 -39.33
C VAL G 118 -6.43 -73.28 -38.69
N TYR G 119 -6.51 -73.32 -37.35
CA TYR G 119 -6.60 -74.57 -36.59
C TYR G 119 -7.98 -74.83 -36.03
N GLN G 120 -8.32 -76.12 -35.89
CA GLN G 120 -9.56 -76.54 -35.26
C GLN G 120 -9.29 -76.94 -33.81
N LEU G 121 -10.07 -76.37 -32.90
CA LEU G 121 -10.01 -76.68 -31.47
C LEU G 121 -11.29 -77.41 -31.10
N ARG G 122 -11.20 -78.39 -30.21
CA ARG G 122 -12.40 -79.10 -29.77
C ARG G 122 -12.67 -78.84 -28.30
N ASP G 123 -13.97 -78.80 -27.93
CA ASP G 123 -14.44 -78.57 -26.55
C ASP G 123 -13.82 -79.58 -25.59
N SER G 124 -13.35 -79.10 -24.42
CA SER G 124 -12.76 -79.95 -23.37
C SER G 124 -13.80 -80.99 -22.88
N LYS G 125 -15.10 -80.63 -22.96
CA LYS G 125 -16.29 -81.42 -22.59
C LYS G 125 -17.23 -81.53 -23.80
N SER G 130 -17.59 -76.83 -32.31
CA SER G 130 -16.17 -76.58 -32.11
C SER G 130 -15.76 -75.19 -32.66
N VAL G 131 -14.52 -74.73 -32.33
CA VAL G 131 -13.97 -73.43 -32.69
C VAL G 131 -12.84 -73.54 -33.75
N CYS G 132 -12.73 -72.51 -34.61
CA CYS G 132 -11.70 -72.35 -35.63
C CYS G 132 -10.84 -71.15 -35.25
N LEU G 133 -9.51 -71.34 -35.17
CA LEU G 133 -8.59 -70.28 -34.80
C LEU G 133 -7.65 -69.89 -35.93
N PHE G 134 -7.75 -68.62 -36.39
CA PHE G 134 -6.84 -68.02 -37.38
C PHE G 134 -5.80 -67.27 -36.58
N THR G 135 -4.54 -67.75 -36.60
CA THR G 135 -3.48 -67.17 -35.79
C THR G 135 -2.18 -67.04 -36.57
N ASP G 136 -1.22 -66.31 -35.95
CA ASP G 136 0.16 -66.08 -36.34
C ASP G 136 0.36 -65.35 -37.69
N PHE G 137 -0.71 -64.76 -38.24
CA PHE G 137 -0.62 -63.97 -39.47
C PHE G 137 0.04 -62.60 -39.20
N ASP G 138 0.66 -62.01 -40.24
CA ASP G 138 1.30 -60.69 -40.20
C ASP G 138 0.20 -59.61 -39.98
N SER G 139 0.55 -58.52 -39.29
CA SER G 139 -0.36 -57.44 -38.86
C SER G 139 -1.05 -56.65 -40.00
N GLN G 140 -0.68 -56.90 -41.27
CA GLN G 140 -1.31 -56.26 -42.43
C GLN G 140 -2.65 -56.91 -42.74
N THR G 141 -2.81 -58.19 -42.37
CA THR G 141 -4.02 -58.97 -42.58
C THR G 141 -5.17 -58.39 -41.78
N ASN G 142 -6.33 -58.18 -42.43
CA ASN G 142 -7.58 -57.70 -41.81
C ASN G 142 -8.56 -58.84 -41.79
N VAL G 143 -9.25 -59.03 -40.65
CA VAL G 143 -10.23 -60.10 -40.49
C VAL G 143 -11.61 -59.48 -40.64
N SER G 144 -12.33 -59.89 -41.69
CA SER G 144 -13.67 -59.44 -42.04
C SER G 144 -14.74 -60.21 -41.26
N GLN G 145 -15.96 -59.65 -41.22
CA GLN G 145 -17.11 -60.22 -40.52
C GLN G 145 -17.82 -61.26 -41.38
N SER G 146 -18.58 -62.18 -40.73
CA SER G 146 -19.32 -63.27 -41.38
C SER G 146 -20.61 -62.78 -42.03
N LYS G 147 -20.85 -63.23 -43.28
CA LYS G 147 -22.06 -62.92 -44.06
C LYS G 147 -23.22 -63.83 -43.63
N ASP G 148 -22.91 -65.04 -43.14
CA ASP G 148 -23.90 -66.01 -42.67
C ASP G 148 -24.19 -65.81 -41.19
N SER G 149 -25.49 -65.71 -40.85
CA SER G 149 -25.98 -65.62 -39.47
C SER G 149 -25.91 -67.02 -38.89
N ASP G 150 -25.61 -67.14 -37.57
CA ASP G 150 -25.37 -68.37 -36.80
C ASP G 150 -23.87 -68.74 -36.92
N VAL G 151 -23.06 -67.87 -37.59
CA VAL G 151 -21.60 -67.98 -37.75
C VAL G 151 -21.00 -66.72 -37.12
N TYR G 152 -20.19 -66.89 -36.07
CA TYR G 152 -19.64 -65.74 -35.33
C TYR G 152 -18.12 -65.66 -35.42
N ILE G 153 -17.61 -64.47 -35.83
CA ILE G 153 -16.18 -64.19 -35.96
C ILE G 153 -15.79 -62.96 -35.11
N THR G 154 -14.78 -63.14 -34.24
CA THR G 154 -14.22 -62.07 -33.40
C THR G 154 -13.33 -61.19 -34.23
N ASP G 155 -13.01 -59.99 -33.75
CA ASP G 155 -12.02 -59.19 -34.46
C ASP G 155 -10.62 -59.65 -34.00
N LYS G 156 -9.56 -59.09 -34.61
CA LYS G 156 -8.15 -59.38 -34.34
C LYS G 156 -7.78 -59.10 -32.90
N CYS G 157 -7.11 -60.05 -32.24
CA CYS G 157 -6.62 -59.91 -30.86
C CYS G 157 -5.13 -60.16 -30.84
N VAL G 158 -4.37 -59.34 -30.08
CA VAL G 158 -2.92 -59.53 -29.96
C VAL G 158 -2.61 -60.06 -28.55
N LEU G 159 -1.98 -61.24 -28.49
CA LEU G 159 -1.54 -61.77 -27.22
C LEU G 159 -0.03 -61.61 -27.16
N ASP G 160 0.50 -61.46 -25.94
CA ASP G 160 1.93 -61.26 -25.73
C ASP G 160 2.47 -62.27 -24.70
N MET G 161 3.27 -63.22 -25.20
CA MET G 161 3.98 -64.21 -24.39
C MET G 161 5.27 -63.54 -23.95
N ARG G 162 5.16 -62.73 -22.88
CA ARG G 162 6.19 -61.84 -22.31
C ARG G 162 7.56 -62.54 -22.07
N SER G 163 7.59 -63.70 -21.39
CA SER G 163 8.82 -64.45 -21.09
C SER G 163 9.56 -64.85 -22.38
N MET G 164 8.81 -65.17 -23.44
CA MET G 164 9.33 -65.59 -24.73
C MET G 164 9.60 -64.40 -25.67
N ASP G 165 9.17 -63.16 -25.27
CA ASP G 165 9.24 -61.91 -26.06
C ASP G 165 8.62 -62.15 -27.45
N PHE G 166 7.42 -62.72 -27.43
CA PHE G 166 6.68 -63.12 -28.60
C PHE G 166 5.25 -62.57 -28.57
N LYS G 167 4.82 -62.00 -29.71
CA LYS G 167 3.46 -61.45 -29.89
C LYS G 167 2.81 -62.14 -31.10
N SER G 168 1.52 -62.44 -31.02
CA SER G 168 0.81 -63.07 -32.14
C SER G 168 -0.62 -62.56 -32.26
N ASN G 169 -1.05 -62.47 -33.52
CA ASN G 169 -2.41 -62.10 -33.95
C ASN G 169 -3.29 -63.33 -34.02
N SER G 170 -4.57 -63.19 -33.71
CA SER G 170 -5.57 -64.25 -33.84
C SER G 170 -6.98 -63.68 -33.87
N ALA G 171 -7.85 -64.44 -34.54
CA ALA G 171 -9.28 -64.23 -34.65
C ALA G 171 -9.94 -65.60 -34.46
N VAL G 172 -11.02 -65.65 -33.69
CA VAL G 172 -11.75 -66.88 -33.41
C VAL G 172 -13.06 -66.88 -34.24
N ALA G 173 -13.41 -68.05 -34.80
CA ALA G 173 -14.63 -68.27 -35.56
C ALA G 173 -15.34 -69.54 -35.09
N TRP G 174 -16.66 -69.49 -34.85
CA TRP G 174 -17.45 -70.67 -34.46
C TRP G 174 -18.88 -70.62 -35.01
N SER G 175 -19.55 -71.79 -35.03
CA SER G 175 -20.92 -71.97 -35.53
C SER G 175 -21.51 -73.33 -35.15
N ASN G 176 -22.83 -73.49 -35.41
CA ASN G 176 -23.67 -74.68 -35.25
C ASN G 176 -24.00 -75.27 -36.63
N ASP G 179 -22.31 -78.47 -41.25
CA ASP G 179 -22.29 -77.50 -42.34
C ASP G 179 -21.05 -76.58 -42.28
N PHE G 180 -20.70 -76.09 -41.07
CA PHE G 180 -19.55 -75.20 -40.84
C PHE G 180 -18.25 -75.99 -40.76
N ALA G 181 -17.20 -75.51 -41.45
CA ALA G 181 -15.86 -76.11 -41.47
C ALA G 181 -14.79 -75.02 -41.39
N CYS G 182 -13.63 -75.33 -40.76
CA CYS G 182 -12.52 -74.38 -40.58
C CYS G 182 -11.95 -73.89 -41.92
N ALA G 183 -12.06 -74.73 -42.97
CA ALA G 183 -11.55 -74.41 -44.30
C ALA G 183 -12.26 -73.18 -44.89
N ASN G 184 -13.59 -73.05 -44.68
CA ASN G 184 -14.42 -71.96 -45.21
C ASN G 184 -14.66 -70.81 -44.22
N ALA G 185 -14.36 -71.02 -42.91
CA ALA G 185 -14.58 -70.10 -41.79
C ALA G 185 -14.24 -68.64 -42.11
N PHE G 186 -13.04 -68.38 -42.66
CA PHE G 186 -12.54 -67.03 -42.94
C PHE G 186 -12.52 -66.72 -44.46
N ASN G 187 -13.52 -67.20 -45.20
CA ASN G 187 -13.62 -66.97 -46.66
C ASN G 187 -14.05 -65.53 -46.98
N ASN G 188 -14.79 -64.88 -46.07
CA ASN G 188 -15.26 -63.49 -46.26
C ASN G 188 -14.10 -62.47 -46.09
N SER G 189 -12.92 -62.92 -45.60
CA SER G 189 -11.73 -62.11 -45.35
C SER G 189 -10.62 -62.39 -46.36
N ILE G 190 -9.79 -61.37 -46.70
CA ILE G 190 -8.64 -61.56 -47.59
C ILE G 190 -7.54 -62.16 -46.72
N ILE G 191 -7.41 -63.49 -46.83
CA ILE G 191 -6.50 -64.36 -46.08
C ILE G 191 -5.15 -64.54 -46.86
N PRO G 192 -3.97 -64.61 -46.18
CA PRO G 192 -2.71 -64.85 -46.92
C PRO G 192 -2.73 -66.16 -47.72
N GLU G 193 -2.09 -66.16 -48.91
CA GLU G 193 -2.01 -67.31 -49.82
C GLU G 193 -1.34 -68.53 -49.17
N ASP G 194 -0.33 -68.29 -48.31
CA ASP G 194 0.45 -69.32 -47.62
C ASP G 194 -0.13 -69.70 -46.22
N THR G 195 -1.46 -69.59 -46.02
CA THR G 195 -2.10 -69.96 -44.74
C THR G 195 -2.18 -71.49 -44.64
N PHE G 196 -1.53 -72.06 -43.61
CA PHE G 196 -1.50 -73.50 -43.32
C PHE G 196 -2.86 -74.00 -42.84
N PHE G 197 -3.44 -74.93 -43.61
CA PHE G 197 -4.71 -75.56 -43.30
C PHE G 197 -4.45 -77.04 -43.02
N PRO G 198 -4.21 -77.44 -41.74
CA PRO G 198 -3.92 -78.86 -41.44
C PRO G 198 -5.11 -79.76 -41.72
N SER G 199 -4.84 -81.03 -42.13
CA SER G 199 -5.86 -82.03 -42.45
C SER G 199 -6.03 -83.01 -41.30
N GLY H 3 -8.79 -40.63 -6.73
CA GLY H 3 -9.54 -40.61 -5.48
C GLY H 3 -11.03 -40.32 -5.61
N VAL H 4 -11.66 -40.77 -6.71
CA VAL H 4 -13.11 -40.63 -6.96
C VAL H 4 -13.74 -42.04 -6.88
N THR H 5 -14.69 -42.22 -5.94
CA THR H 5 -15.35 -43.51 -5.68
C THR H 5 -16.81 -43.44 -6.10
N GLN H 6 -17.13 -44.24 -7.10
CA GLN H 6 -18.40 -44.32 -7.76
C GLN H 6 -19.04 -45.72 -7.62
N THR H 7 -20.33 -45.78 -7.27
CA THR H 7 -21.05 -47.06 -7.14
C THR H 7 -22.48 -46.93 -7.71
N PRO H 8 -23.07 -48.03 -8.28
CA PRO H 8 -22.50 -49.37 -8.50
C PRO H 8 -21.69 -49.45 -9.80
N LYS H 9 -20.84 -50.47 -9.96
CA LYS H 9 -20.08 -50.70 -11.21
C LYS H 9 -21.04 -51.16 -12.34
N PHE H 10 -22.08 -51.92 -11.96
CA PHE H 10 -23.05 -52.50 -12.90
C PHE H 10 -24.43 -52.52 -12.25
N GLN H 11 -25.47 -52.35 -13.07
CA GLN H 11 -26.84 -52.36 -12.59
C GLN H 11 -27.80 -52.61 -13.73
N VAL H 12 -28.75 -53.54 -13.52
CA VAL H 12 -29.83 -53.82 -14.46
C VAL H 12 -31.08 -53.17 -13.88
N LEU H 13 -31.79 -52.40 -14.69
CA LEU H 13 -33.03 -51.77 -14.25
C LEU H 13 -34.17 -52.10 -15.18
N LYS H 14 -35.38 -52.07 -14.63
CA LYS H 14 -36.62 -52.20 -15.36
C LYS H 14 -37.12 -50.80 -15.63
N THR H 15 -37.77 -50.55 -16.79
CA THR H 15 -38.36 -49.25 -17.10
C THR H 15 -39.29 -48.82 -15.96
N GLY H 16 -39.18 -47.55 -15.54
CA GLY H 16 -39.99 -46.96 -14.48
C GLY H 16 -39.39 -47.04 -13.10
N GLN H 17 -38.35 -47.87 -12.94
CA GLN H 17 -37.66 -48.01 -11.66
C GLN H 17 -36.78 -46.80 -11.40
N SER H 18 -36.55 -46.51 -10.14
CA SER H 18 -35.72 -45.38 -9.71
C SER H 18 -34.38 -45.92 -9.19
N MET H 19 -33.32 -45.13 -9.34
CA MET H 19 -31.98 -45.56 -8.95
C MET H 19 -31.14 -44.35 -8.52
N THR H 20 -30.24 -44.56 -7.55
CA THR H 20 -29.29 -43.52 -7.14
C THR H 20 -27.89 -44.05 -7.35
N LEU H 21 -27.07 -43.25 -8.03
CA LEU H 21 -25.64 -43.51 -8.22
C LEU H 21 -24.91 -42.66 -7.21
N GLN H 22 -24.04 -43.26 -6.43
CA GLN H 22 -23.25 -42.54 -5.43
C GLN H 22 -21.90 -42.17 -5.98
N CYS H 23 -21.40 -41.03 -5.53
CA CYS H 23 -20.07 -40.59 -5.86
C CYS H 23 -19.45 -39.87 -4.69
N ALA H 24 -18.21 -40.24 -4.35
CA ALA H 24 -17.49 -39.55 -3.30
C ALA H 24 -16.03 -39.30 -3.70
N GLN H 25 -15.53 -38.10 -3.39
CA GLN H 25 -14.13 -37.79 -3.61
C GLN H 25 -13.50 -37.34 -2.30
N ASP H 26 -12.27 -37.80 -2.06
CA ASP H 26 -11.55 -37.47 -0.83
C ASP H 26 -10.29 -36.66 -1.16
N MET H 27 -10.38 -35.78 -2.19
CA MET H 27 -9.26 -34.95 -2.64
C MET H 27 -9.42 -33.49 -2.26
N ASN H 28 -10.47 -33.16 -1.48
CA ASN H 28 -10.83 -31.80 -1.06
C ASN H 28 -11.18 -30.92 -2.31
N HIS H 29 -11.78 -31.54 -3.33
CA HIS H 29 -12.18 -30.85 -4.55
C HIS H 29 -13.49 -30.11 -4.28
N ASN H 30 -13.68 -28.97 -4.94
CA ASN H 30 -14.89 -28.21 -4.79
C ASN H 30 -15.96 -28.54 -5.84
N SER H 31 -15.55 -28.88 -7.07
CA SER H 31 -16.48 -29.10 -8.17
C SER H 31 -16.64 -30.55 -8.49
N MET H 32 -17.88 -30.97 -8.72
CA MET H 32 -18.23 -32.35 -9.05
C MET H 32 -19.17 -32.37 -10.24
N TYR H 33 -19.05 -33.43 -11.06
CA TYR H 33 -19.76 -33.59 -12.34
C TYR H 33 -20.30 -34.98 -12.51
N TRP H 34 -21.39 -35.11 -13.29
CA TRP H 34 -21.95 -36.39 -13.73
C TRP H 34 -22.06 -36.35 -15.22
N TYR H 35 -21.35 -37.28 -15.90
CA TYR H 35 -21.32 -37.47 -17.35
C TYR H 35 -21.93 -38.78 -17.75
N ARG H 36 -22.37 -38.87 -19.00
CA ARG H 36 -22.76 -40.12 -19.61
C ARG H 36 -21.94 -40.22 -20.89
N GLN H 37 -21.43 -41.41 -21.14
CA GLN H 37 -20.65 -41.76 -22.33
C GLN H 37 -21.46 -42.75 -23.19
N ASP H 38 -21.62 -42.42 -24.47
CA ASP H 38 -22.39 -43.18 -25.44
C ASP H 38 -21.59 -43.33 -26.70
N PRO H 39 -21.71 -44.48 -27.40
CA PRO H 39 -20.92 -44.69 -28.64
C PRO H 39 -21.11 -43.62 -29.72
N GLY H 40 -19.99 -43.20 -30.31
CA GLY H 40 -19.94 -42.24 -31.41
C GLY H 40 -20.17 -40.78 -31.08
N MET H 41 -20.00 -40.42 -29.82
CA MET H 41 -20.17 -39.02 -29.41
C MET H 41 -19.27 -38.70 -28.22
N GLY H 42 -19.04 -37.43 -28.01
CA GLY H 42 -18.23 -36.99 -26.88
C GLY H 42 -18.99 -37.07 -25.58
N LEU H 43 -18.28 -37.04 -24.46
CA LEU H 43 -18.90 -37.06 -23.14
C LEU H 43 -19.98 -35.99 -23.05
N ARG H 44 -21.08 -36.31 -22.39
CA ARG H 44 -22.15 -35.35 -22.22
C ARG H 44 -22.47 -35.18 -20.74
N LEU H 45 -22.31 -33.92 -20.25
CA LEU H 45 -22.60 -33.49 -18.89
C LEU H 45 -24.11 -33.54 -18.63
N ILE H 46 -24.50 -34.18 -17.54
CA ILE H 46 -25.91 -34.35 -17.14
C ILE H 46 -26.24 -33.20 -16.20
N TYR H 47 -25.47 -33.15 -15.10
CA TYR H 47 -25.51 -32.15 -14.06
C TYR H 47 -24.11 -31.95 -13.51
N TYR H 48 -23.88 -30.80 -12.90
CA TYR H 48 -22.61 -30.48 -12.26
C TYR H 48 -22.89 -29.63 -11.02
N SER H 49 -21.88 -29.48 -10.18
CA SER H 49 -21.92 -28.76 -8.92
C SER H 49 -20.58 -28.00 -8.79
N ALA H 50 -20.60 -26.70 -9.09
CA ALA H 50 -19.37 -25.85 -9.13
C ALA H 50 -18.67 -25.76 -7.77
N SER H 51 -19.46 -25.80 -6.67
CA SER H 51 -18.98 -25.80 -5.28
C SER H 51 -20.05 -26.39 -4.39
N GLU H 52 -19.73 -26.62 -3.13
CA GLU H 52 -20.71 -27.06 -2.13
C GLU H 52 -21.83 -25.99 -2.02
N GLY H 53 -23.08 -26.42 -2.06
CA GLY H 53 -24.21 -25.50 -1.94
C GLY H 53 -24.87 -25.09 -3.24
N THR H 54 -24.34 -25.56 -4.38
CA THR H 54 -24.93 -25.22 -5.67
C THR H 54 -24.77 -26.38 -6.65
N THR H 55 -25.76 -26.52 -7.51
CA THR H 55 -25.80 -27.48 -8.59
C THR H 55 -26.48 -26.84 -9.76
N ASP H 56 -26.22 -27.34 -10.95
CA ASP H 56 -26.93 -26.85 -12.13
C ASP H 56 -26.97 -27.93 -13.19
N LYS H 57 -27.94 -27.79 -14.12
CA LYS H 57 -28.13 -28.67 -15.29
C LYS H 57 -26.93 -28.58 -16.22
N GLY H 58 -26.60 -29.70 -16.84
CA GLY H 58 -25.59 -29.81 -17.86
C GLY H 58 -26.31 -29.78 -19.20
N GLU H 59 -25.79 -30.55 -20.15
CA GLU H 59 -26.34 -30.61 -21.49
C GLU H 59 -27.54 -31.57 -21.60
N VAL H 60 -27.58 -32.66 -20.82
CA VAL H 60 -28.64 -33.68 -20.94
C VAL H 60 -29.29 -33.96 -19.54
N PRO H 61 -29.90 -32.95 -18.88
CA PRO H 61 -30.45 -33.18 -17.53
C PRO H 61 -31.81 -33.93 -17.45
N ASN H 62 -32.61 -33.97 -18.54
CA ASN H 62 -33.99 -34.51 -18.51
C ASN H 62 -33.99 -36.01 -18.19
N GLY H 63 -34.68 -36.36 -17.11
CA GLY H 63 -34.78 -37.73 -16.64
C GLY H 63 -33.90 -37.99 -15.44
N TYR H 64 -33.15 -36.96 -15.00
CA TYR H 64 -32.24 -37.05 -13.87
C TYR H 64 -32.38 -35.89 -12.92
N ASN H 65 -31.82 -36.06 -11.75
CA ASN H 65 -31.65 -35.01 -10.76
C ASN H 65 -30.43 -35.38 -9.96
N VAL H 66 -29.88 -34.40 -9.21
CA VAL H 66 -28.69 -34.59 -8.39
C VAL H 66 -28.83 -33.97 -7.02
N SER H 67 -27.95 -34.37 -6.11
CA SER H 67 -27.81 -33.73 -4.81
C SER H 67 -26.37 -33.71 -4.46
N ARG H 68 -25.87 -32.50 -4.18
CA ARG H 68 -24.55 -32.27 -3.62
C ARG H 68 -24.78 -32.34 -2.12
N LEU H 69 -24.63 -33.52 -1.52
CA LEU H 69 -24.94 -33.80 -0.10
C LEU H 69 -24.02 -33.05 0.86
N ASN H 70 -22.77 -32.90 0.46
CA ASN H 70 -21.69 -32.25 1.21
C ASN H 70 -20.57 -31.96 0.20
N LYS H 71 -19.39 -31.48 0.65
CA LYS H 71 -18.26 -31.21 -0.25
C LYS H 71 -17.74 -32.50 -0.93
N ARG H 72 -17.78 -33.62 -0.21
CA ARG H 72 -17.28 -34.89 -0.70
C ARG H 72 -18.20 -35.62 -1.70
N GLU H 73 -19.53 -35.51 -1.52
CA GLU H 73 -20.50 -36.34 -2.22
C GLU H 73 -21.49 -35.62 -3.12
N PHE H 74 -21.72 -36.26 -4.29
CA PHE H 74 -22.61 -35.82 -5.36
C PHE H 74 -23.34 -37.04 -5.95
N SER H 75 -24.63 -37.18 -5.62
CA SER H 75 -25.36 -38.35 -6.11
C SER H 75 -26.22 -37.99 -7.30
N LEU H 76 -26.40 -38.98 -8.17
CA LEU H 76 -27.18 -38.87 -9.40
C LEU H 76 -28.39 -39.78 -9.27
N ARG H 77 -29.57 -39.23 -9.54
CA ARG H 77 -30.79 -39.98 -9.43
C ARG H 77 -31.50 -40.09 -10.76
N LEU H 78 -31.97 -41.31 -11.09
CA LEU H 78 -32.81 -41.63 -12.24
C LEU H 78 -34.22 -41.74 -11.65
N GLU H 79 -35.11 -40.79 -11.95
CA GLU H 79 -36.46 -40.76 -11.34
C GLU H 79 -37.33 -41.94 -11.78
N SER H 80 -37.38 -42.16 -13.09
CA SER H 80 -38.14 -43.23 -13.72
C SER H 80 -37.33 -43.68 -14.92
N ALA H 81 -36.47 -44.70 -14.71
CA ALA H 81 -35.53 -45.23 -15.70
C ALA H 81 -36.18 -45.51 -17.04
N ALA H 82 -35.49 -45.10 -18.12
CA ALA H 82 -35.94 -45.33 -19.49
C ALA H 82 -34.87 -46.09 -20.24
N PRO H 83 -35.24 -46.95 -21.22
CA PRO H 83 -34.19 -47.69 -21.98
C PRO H 83 -33.11 -46.76 -22.58
N SER H 84 -33.46 -45.49 -22.91
CA SER H 84 -32.51 -44.50 -23.48
C SER H 84 -31.42 -44.12 -22.47
N GLN H 85 -31.67 -44.40 -21.19
CA GLN H 85 -30.76 -44.11 -20.08
C GLN H 85 -29.71 -45.23 -19.89
N THR H 86 -29.77 -46.30 -20.72
CA THR H 86 -28.76 -47.37 -20.80
C THR H 86 -27.51 -46.66 -21.28
N SER H 87 -26.47 -46.63 -20.44
CA SER H 87 -25.24 -45.90 -20.75
C SER H 87 -24.13 -46.24 -19.76
N VAL H 88 -22.97 -45.59 -19.93
CA VAL H 88 -21.84 -45.66 -19.03
C VAL H 88 -21.79 -44.30 -18.37
N TYR H 89 -22.00 -44.30 -17.06
CA TYR H 89 -22.04 -43.07 -16.28
C TYR H 89 -20.74 -42.81 -15.60
N PHE H 90 -20.22 -41.57 -15.73
CA PHE H 90 -18.97 -41.20 -15.07
C PHE H 90 -19.15 -40.02 -14.15
N CYS H 91 -18.69 -40.19 -12.93
CA CYS H 91 -18.61 -39.13 -11.99
C CYS H 91 -17.21 -38.54 -12.10
N ALA H 92 -17.10 -37.22 -11.99
CA ALA H 92 -15.80 -36.55 -12.01
C ALA H 92 -15.72 -35.41 -10.99
N SER H 93 -14.49 -34.97 -10.71
CA SER H 93 -14.25 -33.84 -9.82
C SER H 93 -13.05 -33.04 -10.31
N SER H 94 -13.01 -31.76 -9.94
CA SER H 94 -11.90 -30.84 -10.19
C SER H 94 -11.78 -29.93 -8.95
N VAL H 95 -10.54 -29.42 -8.70
CA VAL H 95 -10.27 -28.54 -7.53
C VAL H 95 -11.27 -27.38 -7.50
N TRP H 96 -11.46 -26.72 -8.64
CA TRP H 96 -12.39 -25.61 -8.82
C TRP H 96 -12.98 -25.67 -10.21
N THR H 97 -13.94 -24.80 -10.51
CA THR H 97 -14.52 -24.51 -11.83
C THR H 97 -14.15 -23.03 -12.12
N GLY H 98 -14.05 -22.67 -13.38
CA GLY H 98 -13.72 -21.29 -13.74
C GLY H 98 -12.24 -20.99 -13.63
N GLU H 99 -11.42 -22.00 -13.82
CA GLU H 99 -9.98 -21.88 -13.88
C GLU H 99 -9.55 -22.77 -15.06
N GLY H 100 -8.91 -22.16 -16.03
CA GLY H 100 -8.52 -22.81 -17.27
C GLY H 100 -7.82 -24.13 -17.23
N SER H 101 -6.71 -24.21 -16.49
CA SER H 101 -5.83 -25.39 -16.51
C SER H 101 -6.33 -26.60 -15.70
N GLY H 102 -7.28 -26.41 -14.80
CA GLY H 102 -7.76 -27.49 -13.94
C GLY H 102 -8.38 -28.69 -14.66
N GLU H 103 -7.73 -29.86 -14.55
CA GLU H 103 -8.21 -31.09 -15.18
C GLU H 103 -9.30 -31.80 -14.34
N LEU H 104 -9.94 -32.79 -14.96
CA LEU H 104 -10.93 -33.63 -14.28
C LEU H 104 -10.29 -34.89 -13.74
N PHE H 105 -10.86 -35.41 -12.64
CA PHE H 105 -10.50 -36.68 -12.03
C PHE H 105 -11.76 -37.51 -12.10
N PHE H 106 -11.71 -38.64 -12.83
CA PHE H 106 -12.86 -39.52 -13.07
C PHE H 106 -12.95 -40.72 -12.11
N GLY H 107 -14.19 -41.09 -11.81
CA GLY H 107 -14.49 -42.34 -11.11
C GLY H 107 -14.36 -43.50 -12.09
N GLU H 108 -14.55 -44.73 -11.60
CA GLU H 108 -14.40 -45.96 -12.39
C GLU H 108 -15.51 -46.21 -13.43
N GLY H 109 -16.63 -45.51 -13.33
CA GLY H 109 -17.73 -45.68 -14.28
C GLY H 109 -18.79 -46.64 -13.75
N SER H 110 -20.05 -46.39 -14.12
CA SER H 110 -21.20 -47.23 -13.78
C SER H 110 -21.93 -47.65 -15.04
N ARG H 111 -22.04 -48.97 -15.28
CA ARG H 111 -22.76 -49.51 -16.43
C ARG H 111 -24.20 -49.81 -16.06
N LEU H 112 -25.11 -48.99 -16.58
CA LEU H 112 -26.54 -49.12 -16.31
C LEU H 112 -27.28 -49.62 -17.54
N THR H 113 -28.02 -50.73 -17.41
CA THR H 113 -28.82 -51.27 -18.51
C THR H 113 -30.29 -51.21 -18.08
N VAL H 114 -31.09 -50.48 -18.86
CA VAL H 114 -32.52 -50.31 -18.58
C VAL H 114 -33.29 -51.11 -19.61
N LEU H 115 -34.14 -52.03 -19.10
CA LEU H 115 -34.93 -52.95 -19.92
C LEU H 115 -36.40 -52.89 -19.57
N GLU H 116 -37.28 -53.11 -20.57
CA GLU H 116 -38.74 -53.11 -20.39
C GLU H 116 -39.18 -54.20 -19.39
N ASP H 117 -38.50 -55.37 -19.42
CA ASP H 117 -38.70 -56.51 -18.53
C ASP H 117 -37.36 -57.21 -18.32
N LEU H 118 -37.24 -58.06 -17.29
CA LEU H 118 -35.98 -58.76 -16.99
C LEU H 118 -35.90 -60.18 -17.60
N LYS H 119 -36.92 -60.56 -18.40
CA LYS H 119 -37.10 -61.89 -19.02
C LYS H 119 -36.00 -62.25 -20.06
N ASN H 120 -35.27 -61.26 -20.61
CA ASN H 120 -34.21 -61.62 -21.56
C ASN H 120 -32.81 -61.66 -20.88
N VAL H 121 -32.74 -61.44 -19.56
CA VAL H 121 -31.46 -61.46 -18.85
C VAL H 121 -31.00 -62.93 -18.74
N PHE H 122 -29.82 -63.25 -19.27
CA PHE H 122 -29.27 -64.61 -19.24
C PHE H 122 -27.79 -64.61 -18.85
N PRO H 123 -27.36 -65.52 -17.95
CA PRO H 123 -25.92 -65.61 -17.64
C PRO H 123 -25.19 -66.27 -18.81
N PRO H 124 -23.84 -66.21 -18.92
CA PRO H 124 -23.20 -66.88 -20.05
C PRO H 124 -23.03 -68.39 -19.84
N GLU H 125 -22.98 -69.13 -20.93
CA GLU H 125 -22.55 -70.52 -20.94
C GLU H 125 -21.07 -70.41 -21.23
N VAL H 126 -20.22 -71.14 -20.50
CA VAL H 126 -18.78 -71.05 -20.71
C VAL H 126 -18.21 -72.40 -21.19
N ALA H 127 -17.35 -72.36 -22.22
CA ALA H 127 -16.72 -73.56 -22.75
C ALA H 127 -15.24 -73.29 -23.10
N VAL H 128 -14.37 -74.24 -22.71
CA VAL H 128 -12.94 -74.19 -22.98
C VAL H 128 -12.67 -75.16 -24.14
N PHE H 129 -11.90 -74.68 -25.11
CA PHE H 129 -11.52 -75.44 -26.29
C PHE H 129 -10.02 -75.67 -26.19
N GLU H 130 -9.66 -76.95 -26.13
CA GLU H 130 -8.31 -77.46 -25.98
C GLU H 130 -7.44 -77.21 -27.23
N PRO H 131 -6.13 -76.97 -27.04
CA PRO H 131 -5.25 -76.71 -28.20
C PRO H 131 -5.22 -77.83 -29.24
N SER H 132 -5.13 -77.47 -30.53
CA SER H 132 -5.01 -78.46 -31.59
C SER H 132 -3.58 -79.00 -31.59
N GLU H 133 -3.42 -80.32 -31.84
CA GLU H 133 -2.12 -80.98 -31.88
C GLU H 133 -1.34 -80.48 -33.09
N ALA H 134 -2.08 -80.07 -34.16
CA ALA H 134 -1.55 -79.46 -35.38
C ALA H 134 -0.79 -78.15 -35.04
N GLU H 135 -1.30 -77.34 -34.07
CA GLU H 135 -0.63 -76.11 -33.61
C GLU H 135 0.65 -76.49 -32.82
N ILE H 136 0.51 -77.45 -31.89
CA ILE H 136 1.60 -77.98 -31.03
C ILE H 136 2.77 -78.50 -31.91
N SER H 137 2.47 -79.35 -32.91
CA SER H 137 3.48 -79.91 -33.81
C SER H 137 4.04 -78.87 -34.80
N HIS H 138 3.23 -77.85 -35.18
CA HIS H 138 3.69 -76.82 -36.13
C HIS H 138 4.46 -75.67 -35.46
N THR H 139 4.09 -75.24 -34.21
CA THR H 139 4.72 -74.06 -33.56
C THR H 139 5.42 -74.31 -32.22
N GLN H 140 5.15 -75.46 -31.55
CA GLN H 140 5.66 -75.79 -30.21
C GLN H 140 4.95 -74.88 -29.16
N LYS H 141 3.79 -74.33 -29.57
CA LYS H 141 2.92 -73.47 -28.76
C LYS H 141 1.52 -74.05 -28.78
N ALA H 142 0.76 -73.80 -27.72
CA ALA H 142 -0.61 -74.29 -27.60
C ALA H 142 -1.55 -73.19 -27.14
N THR H 143 -2.63 -72.96 -27.92
CA THR H 143 -3.62 -71.93 -27.62
C THR H 143 -4.92 -72.54 -27.09
N LEU H 144 -5.32 -72.11 -25.89
CA LEU H 144 -6.61 -72.46 -25.29
C LEU H 144 -7.61 -71.38 -25.69
N VAL H 145 -8.79 -71.76 -26.16
CA VAL H 145 -9.78 -70.74 -26.50
C VAL H 145 -10.96 -70.89 -25.52
N CYS H 146 -11.43 -69.77 -24.97
CA CYS H 146 -12.58 -69.78 -24.10
C CYS H 146 -13.70 -69.02 -24.76
N LEU H 147 -14.92 -69.54 -24.62
CA LEU H 147 -16.11 -68.95 -25.22
C LEU H 147 -17.19 -68.73 -24.17
N ALA H 148 -17.69 -67.50 -24.06
CA ALA H 148 -18.79 -67.08 -23.16
C ALA H 148 -19.89 -66.70 -24.09
N THR H 149 -20.99 -67.45 -24.09
CA THR H 149 -22.03 -67.25 -25.08
C THR H 149 -23.39 -67.11 -24.46
N GLY H 150 -24.33 -66.60 -25.26
CA GLY H 150 -25.73 -66.41 -24.88
C GLY H 150 -26.01 -65.50 -23.70
N PHE H 151 -25.06 -64.63 -23.31
CA PHE H 151 -25.33 -63.78 -22.16
C PHE H 151 -26.01 -62.48 -22.56
N TYR H 152 -26.77 -61.94 -21.63
CA TYR H 152 -27.50 -60.68 -21.75
C TYR H 152 -27.78 -60.12 -20.33
N PRO H 153 -27.50 -58.82 -20.06
CA PRO H 153 -26.88 -57.83 -20.95
C PRO H 153 -25.38 -58.07 -21.06
N ASP H 154 -24.69 -57.14 -21.72
CA ASP H 154 -23.24 -57.19 -21.93
C ASP H 154 -22.56 -56.65 -20.64
N HIS H 155 -22.55 -57.48 -19.60
CA HIS H 155 -22.02 -57.21 -18.26
C HIS H 155 -21.11 -58.38 -17.81
N VAL H 156 -19.94 -58.59 -18.48
CA VAL H 156 -19.03 -59.71 -18.14
C VAL H 156 -17.55 -59.29 -17.99
N GLU H 157 -16.81 -60.09 -17.22
CA GLU H 157 -15.38 -59.98 -16.95
C GLU H 157 -14.79 -61.38 -17.02
N LEU H 158 -14.02 -61.66 -18.07
CA LEU H 158 -13.42 -62.96 -18.29
C LEU H 158 -11.97 -62.94 -17.78
N SER H 159 -11.56 -64.00 -17.08
CA SER H 159 -10.20 -64.14 -16.58
C SER H 159 -9.71 -65.60 -16.68
N TRP H 160 -8.39 -65.77 -16.86
CA TRP H 160 -7.74 -67.09 -16.96
C TRP H 160 -7.04 -67.41 -15.65
N TRP H 161 -7.19 -68.66 -15.18
CA TRP H 161 -6.64 -69.13 -13.91
C TRP H 161 -5.86 -70.41 -14.15
N VAL H 162 -4.55 -70.36 -13.87
CA VAL H 162 -3.66 -71.49 -14.06
C VAL H 162 -3.15 -71.92 -12.70
N ASN H 163 -3.49 -73.17 -12.29
CA ASN H 163 -3.15 -73.77 -10.99
C ASN H 163 -3.66 -72.85 -9.85
N GLY H 164 -4.93 -72.46 -9.99
CA GLY H 164 -5.65 -71.58 -9.07
C GLY H 164 -5.15 -70.15 -8.96
N LYS H 165 -4.21 -69.75 -9.85
CA LYS H 165 -3.64 -68.38 -9.86
C LYS H 165 -3.91 -67.70 -11.22
N GLU H 166 -4.36 -66.41 -11.17
CA GLU H 166 -4.69 -65.64 -12.37
C GLU H 166 -3.44 -65.29 -13.19
N VAL H 167 -3.48 -65.57 -14.51
CA VAL H 167 -2.40 -65.25 -15.46
C VAL H 167 -2.85 -64.09 -16.40
N HIS H 168 -1.88 -63.35 -16.95
CA HIS H 168 -2.13 -62.23 -17.85
C HIS H 168 -1.27 -62.35 -19.10
N SER H 169 -0.10 -62.99 -18.98
CA SER H 169 0.81 -63.23 -20.10
C SER H 169 0.23 -64.35 -20.98
N GLY H 170 0.34 -64.17 -22.31
CA GLY H 170 -0.20 -65.09 -23.30
C GLY H 170 -1.73 -65.04 -23.44
N VAL H 171 -2.35 -63.98 -22.89
CA VAL H 171 -3.80 -63.81 -22.91
C VAL H 171 -4.23 -62.68 -23.85
N CYS H 172 -5.34 -62.89 -24.55
CA CYS H 172 -6.02 -61.85 -25.30
C CYS H 172 -7.50 -62.16 -25.34
N THR H 173 -8.27 -61.27 -24.72
CA THR H 173 -9.73 -61.34 -24.64
C THR H 173 -10.29 -60.23 -25.53
N ASP H 174 -11.37 -60.51 -26.29
CA ASP H 174 -12.03 -59.49 -27.12
C ASP H 174 -12.41 -58.31 -26.24
N PRO H 175 -12.03 -57.06 -26.63
CA PRO H 175 -12.38 -55.90 -25.81
C PRO H 175 -13.89 -55.68 -25.75
N GLN H 176 -14.61 -56.10 -26.82
CA GLN H 176 -16.05 -55.97 -26.94
C GLN H 176 -16.73 -57.30 -27.36
N PRO H 177 -17.84 -57.70 -26.68
CA PRO H 177 -18.58 -58.90 -27.09
C PRO H 177 -19.27 -58.71 -28.43
N LEU H 178 -19.57 -59.81 -29.12
CA LEU H 178 -20.27 -59.66 -30.38
C LEU H 178 -21.75 -60.00 -30.18
N LYS H 179 -22.61 -59.61 -31.13
CA LYS H 179 -24.03 -59.84 -31.08
C LYS H 179 -24.38 -61.18 -31.73
N GLU H 180 -25.04 -62.06 -30.98
CA GLU H 180 -25.42 -63.37 -31.52
C GLU H 180 -26.57 -63.22 -32.53
N GLN H 181 -27.47 -62.23 -32.34
CA GLN H 181 -28.59 -61.92 -33.27
C GLN H 181 -28.44 -60.45 -33.68
N PRO H 182 -27.53 -60.11 -34.63
CA PRO H 182 -27.25 -58.69 -34.93
C PRO H 182 -28.45 -57.82 -35.32
N ALA H 183 -29.46 -58.39 -35.99
CA ALA H 183 -30.66 -57.68 -36.42
C ALA H 183 -31.62 -57.35 -35.25
N LEU H 184 -31.59 -58.15 -34.14
CA LEU H 184 -32.46 -57.96 -32.99
C LEU H 184 -31.97 -56.86 -32.05
N ASN H 185 -32.92 -56.07 -31.52
CA ASN H 185 -32.61 -54.97 -30.58
C ASN H 185 -32.16 -55.55 -29.23
N ASP H 186 -32.68 -56.72 -28.83
CA ASP H 186 -32.32 -57.34 -27.56
C ASP H 186 -31.42 -58.59 -27.78
N SER H 187 -30.57 -58.55 -28.82
CA SER H 187 -29.59 -59.61 -29.11
C SER H 187 -28.79 -60.02 -27.89
N ARG H 188 -28.56 -61.32 -27.71
CA ARG H 188 -27.69 -61.80 -26.63
C ARG H 188 -26.26 -61.67 -27.14
N TYR H 189 -25.27 -61.90 -26.26
CA TYR H 189 -23.87 -61.69 -26.60
C TYR H 189 -22.99 -62.90 -26.46
N ALA H 190 -21.81 -62.81 -27.10
CA ALA H 190 -20.76 -63.84 -27.04
C ALA H 190 -19.40 -63.17 -26.84
N LEU H 191 -18.49 -63.82 -26.12
CA LEU H 191 -17.16 -63.27 -25.86
C LEU H 191 -16.13 -64.37 -25.94
N SER H 192 -15.02 -64.11 -26.67
CA SER H 192 -13.96 -65.12 -26.75
C SER H 192 -12.68 -64.63 -26.12
N SER H 193 -11.84 -65.58 -25.67
CA SER H 193 -10.54 -65.26 -25.13
C SER H 193 -9.56 -66.36 -25.48
N ARG H 194 -8.27 -65.97 -25.60
CA ARG H 194 -7.20 -66.92 -25.93
C ARG H 194 -6.17 -66.92 -24.83
N LEU H 195 -5.67 -68.11 -24.49
CA LEU H 195 -4.58 -68.31 -23.54
C LEU H 195 -3.53 -69.16 -24.26
N ARG H 196 -2.37 -68.56 -24.56
CA ARG H 196 -1.30 -69.30 -25.26
C ARG H 196 -0.17 -69.64 -24.31
N VAL H 197 0.20 -70.92 -24.31
CA VAL H 197 1.27 -71.47 -23.48
C VAL H 197 2.24 -72.26 -24.35
N SER H 198 3.40 -72.64 -23.78
CA SER H 198 4.34 -73.50 -24.49
C SER H 198 3.72 -74.89 -24.54
N ALA H 199 4.01 -75.68 -25.59
CA ALA H 199 3.49 -77.05 -25.73
C ALA H 199 3.82 -77.90 -24.47
N THR H 200 5.02 -77.72 -23.89
CA THR H 200 5.48 -78.46 -22.71
C THR H 200 4.61 -78.14 -21.50
N PHE H 201 4.18 -76.86 -21.36
CA PHE H 201 3.30 -76.43 -20.26
C PHE H 201 1.93 -77.11 -20.40
N TRP H 202 1.38 -77.16 -21.64
CA TRP H 202 0.11 -77.84 -21.93
C TRP H 202 0.24 -79.36 -21.78
N GLN H 203 1.42 -79.92 -22.09
CA GLN H 203 1.68 -81.35 -22.05
C GLN H 203 1.72 -81.91 -20.62
N ASN H 204 2.06 -81.07 -19.63
CA ASN H 204 2.17 -81.42 -18.21
C ASN H 204 0.74 -81.63 -17.60
N PRO H 205 0.39 -82.90 -17.23
CA PRO H 205 -0.98 -83.17 -16.72
C PRO H 205 -1.27 -82.66 -15.30
N ARG H 206 -0.27 -82.07 -14.63
CA ARG H 206 -0.48 -81.52 -13.29
C ARG H 206 -0.83 -80.00 -13.39
N ASN H 207 -0.91 -79.45 -14.64
CA ASN H 207 -1.28 -78.04 -14.89
C ASN H 207 -2.79 -77.90 -15.15
N HIS H 208 -3.47 -77.11 -14.30
CA HIS H 208 -4.92 -76.86 -14.37
C HIS H 208 -5.23 -75.53 -15.06
N PHE H 209 -6.14 -75.57 -16.03
CA PHE H 209 -6.57 -74.37 -16.80
C PHE H 209 -8.05 -74.11 -16.60
N ARG H 210 -8.37 -72.91 -16.13
CA ARG H 210 -9.77 -72.52 -15.91
C ARG H 210 -10.08 -71.15 -16.50
N CYS H 211 -11.14 -71.11 -17.31
CA CYS H 211 -11.66 -69.85 -17.83
C CYS H 211 -12.79 -69.44 -16.93
N GLN H 212 -12.68 -68.27 -16.30
CA GLN H 212 -13.69 -67.76 -15.35
C GLN H 212 -14.40 -66.54 -15.90
N VAL H 213 -15.74 -66.60 -15.94
CA VAL H 213 -16.55 -65.49 -16.43
C VAL H 213 -17.46 -65.00 -15.32
N GLN H 214 -17.19 -63.77 -14.85
CA GLN H 214 -18.02 -63.05 -13.92
C GLN H 214 -19.14 -62.37 -14.71
N PHE H 215 -20.42 -62.62 -14.36
CA PHE H 215 -21.59 -62.01 -14.99
C PHE H 215 -22.27 -61.09 -14.00
N TYR H 216 -22.66 -59.91 -14.46
CA TYR H 216 -23.41 -58.95 -13.64
C TYR H 216 -24.81 -58.94 -14.16
N GLY H 217 -25.74 -59.45 -13.37
CA GLY H 217 -27.13 -59.56 -13.79
C GLY H 217 -28.09 -59.01 -12.77
N LEU H 218 -29.08 -59.83 -12.39
CA LEU H 218 -30.08 -59.44 -11.40
C LEU H 218 -29.54 -59.49 -9.96
N SER H 219 -30.21 -58.73 -9.07
CA SER H 219 -29.94 -58.66 -7.62
C SER H 219 -30.99 -59.48 -6.87
N GLU H 220 -30.91 -59.53 -5.51
CA GLU H 220 -31.83 -60.29 -4.66
C GLU H 220 -33.26 -59.71 -4.69
N ASN H 221 -33.39 -58.38 -4.78
CA ASN H 221 -34.67 -57.66 -4.78
C ASN H 221 -35.50 -57.85 -6.07
N ASP H 222 -34.87 -58.20 -7.21
CA ASP H 222 -35.57 -58.36 -8.49
C ASP H 222 -36.59 -59.52 -8.45
N GLU H 223 -37.74 -59.32 -9.11
CA GLU H 223 -38.83 -60.29 -9.20
C GLU H 223 -38.55 -61.35 -10.29
N TRP H 224 -38.61 -62.63 -9.90
CA TRP H 224 -38.40 -63.74 -10.84
C TRP H 224 -39.48 -64.79 -10.68
N THR H 225 -40.21 -65.08 -11.79
CA THR H 225 -41.32 -66.05 -11.80
C THR H 225 -41.08 -67.21 -12.79
N GLN H 226 -40.10 -67.07 -13.71
CA GLN H 226 -39.79 -68.07 -14.73
C GLN H 226 -39.25 -69.38 -14.15
N ASP H 227 -39.41 -70.49 -14.92
CA ASP H 227 -38.95 -71.84 -14.55
C ASP H 227 -37.43 -71.93 -14.51
N ARG H 228 -36.74 -71.20 -15.41
CA ARG H 228 -35.28 -71.16 -15.42
C ARG H 228 -34.79 -70.40 -14.19
N ALA H 229 -33.60 -70.76 -13.68
CA ALA H 229 -33.02 -70.15 -12.48
C ALA H 229 -32.86 -68.64 -12.66
N LYS H 230 -33.07 -67.87 -11.57
CA LYS H 230 -32.96 -66.41 -11.56
C LYS H 230 -31.56 -66.00 -12.09
N PRO H 231 -31.48 -65.25 -13.23
CA PRO H 231 -30.16 -64.90 -13.81
C PRO H 231 -29.44 -63.83 -13.00
N VAL H 232 -29.09 -64.18 -11.76
CA VAL H 232 -28.40 -63.33 -10.78
C VAL H 232 -26.93 -63.13 -11.17
N THR H 233 -26.25 -62.14 -10.54
CA THR H 233 -24.82 -61.89 -10.66
C THR H 233 -24.16 -63.20 -10.24
N GLN H 234 -23.31 -63.77 -11.10
CA GLN H 234 -22.74 -65.09 -10.81
C GLN H 234 -21.48 -65.34 -11.57
N ILE H 235 -20.76 -66.41 -11.19
CA ILE H 235 -19.55 -66.82 -11.90
C ILE H 235 -19.86 -68.15 -12.60
N VAL H 236 -19.47 -68.22 -13.89
CA VAL H 236 -19.59 -69.41 -14.71
C VAL H 236 -18.17 -69.70 -15.23
N SER H 237 -17.71 -70.92 -15.01
CA SER H 237 -16.38 -71.37 -15.44
C SER H 237 -16.44 -72.60 -16.29
N ALA H 238 -15.34 -72.85 -17.01
CA ALA H 238 -15.07 -74.05 -17.78
C ALA H 238 -13.59 -74.36 -17.58
N GLU H 239 -13.26 -75.64 -17.50
CA GLU H 239 -11.88 -76.02 -17.22
C GLU H 239 -11.36 -77.11 -18.14
N ALA H 240 -10.03 -77.24 -18.17
CA ALA H 240 -9.28 -78.24 -18.91
C ALA H 240 -7.95 -78.52 -18.20
N TRP H 241 -7.55 -79.80 -18.16
CA TRP H 241 -6.28 -80.22 -17.57
C TRP H 241 -5.27 -80.46 -18.68
N GLY H 242 -3.99 -80.31 -18.33
CA GLY H 242 -2.86 -80.56 -19.22
C GLY H 242 -2.85 -82.00 -19.70
N ARG H 243 -2.40 -82.22 -20.95
CA ARG H 243 -2.44 -83.54 -21.59
C ARG H 243 -1.18 -83.80 -22.40
N ALA H 244 -0.59 -85.01 -22.22
CA ALA H 244 0.61 -85.46 -22.94
C ALA H 244 0.30 -85.78 -24.41
#